data_3SY9
#
_entry.id   3SY9
#
_cell.length_a   93.353
_cell.length_b   102.828
_cell.length_c   101.696
_cell.angle_alpha   77.67
_cell.angle_beta   62.57
_cell.angle_gamma   62.95
#
_symmetry.space_group_name_H-M   'P 1'
#
loop_
_entity.id
_entity.type
_entity.pdbx_description
1 polymer 'Histidine porin OpdC'
2 non-polymer (HYDROXYETHYLOXY)TRI(ETHYLOXY)OCTANE
3 non-polymer 'octyl beta-D-glucopyranoside'
4 water water
#
_entity_poly.entity_id   1
_entity_poly.type   'polypeptide(L)'
_entity_poly.pdbx_seq_one_letter_code
;DEGEAKEGFIEGSSLQLLTRNYYFNHDRRHASGHDSKEWAQGFIATFQSGYTPGVVGFGVDAYGMLGLKLDGGGGTGGTS
ILPITSPSKEGYESGKAPDEFSSGGAALKIRAFDTELKLGDQFLSNPVVAGGESRMLPQTFRGVSLTNNSFEDLTLTAGQ
VSFTKYYNQSGHRRLGSYYGELPGDRDSHHLSWLGGTWGGIEGFTSSLYAAELQNVWKQYYADVDYTYEIDDNWSLNPGA
HYYKTVDSGDSLLGRIDNNTYSLHFAVGYRQHTVTAVLQKVNGNTPFDYINQGDSIFLDNSQQYSDFNGPNEKSWKLQYD
YDFVALGVPGLSASASYSRGKLDLTRVDPDSPGYGGWYSADGKNAKHWERDLDLQYVVQGGPAKDLSLRLRWATHRGTGG
YSAVDNDIDEYRVIVDYPIDVFGGHHHHHH
;
_entity_poly.pdbx_strand_id   A,B,C,D
#
# COMPACT_ATOMS: atom_id res chain seq x y z
N GLU A 7 -39.95 23.76 -15.27
CA GLU A 7 -41.24 23.67 -15.95
C GLU A 7 -42.20 24.81 -15.61
N GLY A 8 -42.26 25.17 -14.34
CA GLY A 8 -43.10 26.28 -13.94
C GLY A 8 -44.31 25.92 -13.13
N PHE A 9 -44.82 26.93 -12.43
CA PHE A 9 -45.90 26.78 -11.47
C PHE A 9 -47.01 25.86 -11.99
N ILE A 10 -47.70 26.28 -13.04
CA ILE A 10 -48.77 25.46 -13.59
C ILE A 10 -48.25 24.13 -14.13
N GLU A 11 -47.34 24.20 -15.10
CA GLU A 11 -46.87 23.01 -15.84
C GLU A 11 -46.34 21.90 -14.94
N GLY A 12 -45.66 22.28 -13.87
CA GLY A 12 -45.10 21.31 -12.93
C GLY A 12 -46.02 20.91 -11.78
N SER A 13 -47.30 21.23 -11.91
CA SER A 13 -48.25 20.96 -10.84
C SER A 13 -48.78 19.53 -10.87
N SER A 14 -48.97 18.95 -9.69
CA SER A 14 -49.56 17.62 -9.57
C SER A 14 -50.55 17.54 -8.39
N LEU A 15 -51.63 16.81 -8.60
CA LEU A 15 -52.60 16.54 -7.53
C LEU A 15 -52.84 15.03 -7.35
N GLN A 16 -52.63 14.52 -6.15
CA GLN A 16 -52.88 13.12 -5.88
C GLN A 16 -53.96 12.96 -4.82
N LEU A 17 -54.83 11.97 -5.01
CA LEU A 17 -55.81 11.59 -4.00
C LEU A 17 -55.60 10.17 -3.53
N LEU A 18 -55.33 9.98 -2.23
CA LEU A 18 -55.15 8.65 -1.67
C LEU A 18 -56.34 8.24 -0.81
N THR A 19 -57.07 7.24 -1.28
CA THR A 19 -58.19 6.64 -0.55
C THR A 19 -57.69 5.50 0.31
N ARG A 20 -58.13 5.50 1.57
CA ARG A 20 -57.61 4.57 2.56
C ARG A 20 -58.71 3.80 3.32
N ASN A 21 -58.77 2.49 3.13
CA ASN A 21 -59.63 1.64 3.94
C ASN A 21 -58.83 0.98 5.06
N TYR A 22 -59.31 1.11 6.29
CA TYR A 22 -58.53 0.70 7.44
C TYR A 22 -59.35 -0.13 8.43
N TYR A 23 -58.93 -1.38 8.67
CA TYR A 23 -59.65 -2.29 9.58
C TYR A 23 -58.77 -2.83 10.69
N PHE A 24 -59.26 -2.74 11.92
CA PHE A 24 -58.43 -3.01 13.07
C PHE A 24 -59.16 -3.89 14.09
N ASN A 25 -58.67 -5.11 14.31
CA ASN A 25 -59.32 -6.02 15.26
C ASN A 25 -58.44 -6.39 16.47
N HIS A 26 -59.04 -6.35 17.65
CA HIS A 26 -58.29 -6.52 18.90
C HIS A 26 -58.90 -7.53 19.87
N ASP A 27 -58.14 -8.57 20.18
CA ASP A 27 -58.50 -9.50 21.26
C ASP A 27 -57.68 -9.18 22.51
N ARG A 28 -58.33 -9.19 23.66
CA ARG A 28 -57.61 -8.96 24.92
C ARG A 28 -57.74 -10.13 25.90
N ARG A 29 -56.60 -10.65 26.34
CA ARG A 29 -56.60 -11.78 27.24
C ARG A 29 -56.46 -11.35 28.71
N SER A 36 -62.62 -5.19 20.76
CA SER A 36 -63.00 -3.96 20.07
C SER A 36 -62.49 -3.93 18.63
N LYS A 37 -63.40 -4.01 17.65
CA LYS A 37 -62.99 -3.79 16.27
C LYS A 37 -63.23 -2.35 15.83
N GLU A 38 -62.65 -1.97 14.69
CA GLU A 38 -62.80 -0.62 14.17
C GLU A 38 -62.64 -0.58 12.66
N TRP A 39 -63.43 0.25 12.01
CA TRP A 39 -63.48 0.31 10.56
C TRP A 39 -63.47 1.78 10.19
N ALA A 40 -62.59 2.18 9.27
CA ALA A 40 -62.54 3.59 8.89
C ALA A 40 -62.11 3.90 7.46
N GLN A 41 -62.76 4.91 6.88
CA GLN A 41 -62.43 5.46 5.57
C GLN A 41 -61.51 6.65 5.77
N GLY A 42 -60.58 6.84 4.83
CA GLY A 42 -59.77 8.04 4.86
C GLY A 42 -59.35 8.48 3.49
N PHE A 43 -59.18 9.79 3.35
CA PHE A 43 -58.89 10.39 2.06
C PHE A 43 -57.84 11.43 2.31
N ILE A 44 -56.81 11.40 1.48
CA ILE A 44 -55.76 12.39 1.61
C ILE A 44 -55.43 12.98 0.22
N ALA A 45 -55.78 14.25 0.05
CA ALA A 45 -55.55 14.95 -1.21
C ALA A 45 -54.30 15.80 -1.09
N THR A 46 -53.44 15.73 -2.10
CA THR A 46 -52.15 16.39 -2.05
C THR A 46 -51.88 17.13 -3.34
N PHE A 47 -51.69 18.44 -3.24
CA PHE A 47 -51.29 19.26 -4.39
C PHE A 47 -49.87 19.82 -4.28
N GLN A 48 -49.14 19.78 -5.38
CA GLN A 48 -47.86 20.47 -5.45
C GLN A 48 -47.75 21.32 -6.70
N SER A 49 -47.43 22.59 -6.49
CA SER A 49 -47.23 23.51 -7.59
C SER A 49 -45.94 23.20 -8.32
N GLY A 50 -45.82 23.68 -9.54
CA GLY A 50 -44.49 23.80 -10.13
C GLY A 50 -43.78 24.99 -9.45
N TYR A 51 -42.69 25.42 -10.05
CA TYR A 51 -41.97 26.57 -9.55
C TYR A 51 -41.94 27.70 -10.58
N THR A 52 -42.15 28.94 -10.12
CA THR A 52 -41.90 30.10 -10.98
C THR A 52 -40.45 30.03 -11.45
N PRO A 53 -40.21 30.38 -12.71
CA PRO A 53 -38.88 30.30 -13.33
C PRO A 53 -37.89 31.33 -12.76
N GLY A 54 -36.61 31.10 -13.03
CA GLY A 54 -35.57 31.91 -12.43
C GLY A 54 -34.71 31.25 -11.36
N VAL A 55 -33.65 31.98 -11.02
CA VAL A 55 -32.72 31.59 -9.98
C VAL A 55 -33.44 31.27 -8.66
N VAL A 56 -34.42 32.10 -8.30
CA VAL A 56 -35.21 31.88 -7.09
C VAL A 56 -36.67 31.62 -7.45
N GLY A 57 -37.12 30.39 -7.31
CA GLY A 57 -38.47 30.03 -7.72
C GLY A 57 -39.46 30.02 -6.59
N PHE A 58 -40.74 30.02 -6.93
CA PHE A 58 -41.78 30.12 -5.93
C PHE A 58 -42.85 29.12 -6.23
N GLY A 59 -43.38 28.49 -5.19
CA GLY A 59 -44.45 27.55 -5.38
C GLY A 59 -45.39 27.39 -4.20
N VAL A 60 -46.35 26.48 -4.37
CA VAL A 60 -47.22 26.15 -3.26
C VAL A 60 -47.52 24.64 -3.11
N ASP A 61 -47.52 24.19 -1.87
CA ASP A 61 -47.98 22.83 -1.54
C ASP A 61 -49.17 22.92 -0.63
N ALA A 62 -50.14 22.04 -0.85
CA ALA A 62 -51.35 22.05 -0.03
C ALA A 62 -51.98 20.67 0.07
N TYR A 63 -52.61 20.40 1.20
CA TYR A 63 -53.25 19.11 1.43
C TYR A 63 -54.57 19.27 2.16
N GLY A 64 -55.42 18.27 2.03
CA GLY A 64 -56.55 18.16 2.92
C GLY A 64 -56.83 16.70 3.21
N MET A 65 -57.34 16.46 4.41
CA MET A 65 -57.36 15.15 4.99
C MET A 65 -58.71 14.93 5.65
N LEU A 66 -59.38 13.85 5.30
CA LEU A 66 -60.65 13.50 5.91
C LEU A 66 -60.67 12.03 6.32
N GLY A 67 -61.30 11.72 7.46
CA GLY A 67 -61.60 10.33 7.79
C GLY A 67 -62.84 10.16 8.64
N LEU A 68 -63.49 9.02 8.45
CA LEU A 68 -64.80 8.74 9.05
C LEU A 68 -64.89 7.31 9.56
N LYS A 69 -65.21 7.13 10.84
CA LYS A 69 -65.38 5.79 11.43
C LYS A 69 -66.67 5.15 10.94
N LEU A 70 -66.59 3.88 10.56
CA LEU A 70 -67.76 3.18 10.04
C LEU A 70 -68.29 2.13 11.03
N TYR A 92 -57.23 16.38 20.27
CA TYR A 92 -57.45 16.40 18.83
C TYR A 92 -57.87 15.02 18.34
N GLU A 93 -57.10 14.00 18.73
CA GLU A 93 -57.41 12.58 18.47
C GLU A 93 -57.87 12.17 17.03
N SER A 94 -56.92 12.11 16.06
CA SER A 94 -57.27 11.64 14.70
C SER A 94 -57.67 10.16 14.84
N GLY A 95 -58.03 9.48 13.75
CA GLY A 95 -58.87 8.32 13.98
C GLY A 95 -58.32 6.87 13.85
N LYS A 96 -58.04 6.30 15.02
CA LYS A 96 -58.66 5.09 15.49
C LYS A 96 -58.52 5.21 17.03
N ALA A 97 -59.61 5.07 17.79
CA ALA A 97 -59.60 5.35 19.24
C ALA A 97 -58.48 4.62 19.95
N PRO A 98 -65.49 11.57 18.14
CA PRO A 98 -64.55 10.79 17.35
C PRO A 98 -65.17 10.17 16.10
N ASP A 99 -66.30 10.72 15.61
CA ASP A 99 -66.97 10.14 14.45
C ASP A 99 -66.39 10.57 13.09
N GLU A 100 -65.93 11.80 13.01
CA GLU A 100 -65.27 12.29 11.80
C GLU A 100 -64.02 13.07 12.18
N PHE A 101 -63.08 13.20 11.25
CA PHE A 101 -61.93 14.05 11.48
C PHE A 101 -61.55 14.75 10.19
N SER A 102 -61.01 15.94 10.29
CA SER A 102 -60.53 16.62 9.10
C SER A 102 -59.46 17.65 9.40
N SER A 103 -58.76 18.04 8.34
CA SER A 103 -57.73 19.03 8.45
C SER A 103 -57.18 19.34 7.07
N GLY A 104 -56.55 20.49 6.94
CA GLY A 104 -55.98 20.92 5.68
C GLY A 104 -54.96 21.98 5.98
N GLY A 105 -54.06 22.21 5.03
CA GLY A 105 -53.08 23.25 5.22
C GLY A 105 -52.34 23.49 3.93
N ALA A 106 -51.40 24.42 3.96
CA ALA A 106 -50.59 24.73 2.80
C ALA A 106 -49.26 25.34 3.23
N ALA A 107 -48.28 25.29 2.33
CA ALA A 107 -47.00 25.89 2.63
C ALA A 107 -46.44 26.55 1.39
N LEU A 108 -45.79 27.69 1.64
CA LEU A 108 -45.10 28.44 0.61
C LEU A 108 -43.73 27.79 0.43
N LYS A 109 -43.38 27.46 -0.80
CA LYS A 109 -42.05 26.93 -1.05
C LYS A 109 -41.22 27.85 -1.95
N ILE A 110 -39.95 28.00 -1.56
CA ILE A 110 -39.00 28.84 -2.26
C ILE A 110 -37.79 28.00 -2.59
N ARG A 111 -37.47 27.91 -3.88
CA ARG A 111 -36.38 27.04 -4.30
C ARG A 111 -35.27 27.78 -5.03
N ALA A 112 -34.08 27.75 -4.42
CA ALA A 112 -32.89 28.26 -5.04
C ALA A 112 -31.71 27.32 -4.78
N PHE A 113 -30.87 27.16 -5.81
CA PHE A 113 -29.66 26.34 -5.77
C PHE A 113 -29.84 25.03 -5.02
N ASP A 114 -30.72 24.17 -5.52
CA ASP A 114 -30.90 22.83 -4.94
C ASP A 114 -31.25 22.87 -3.46
N THR A 115 -31.81 24.00 -3.03
CA THR A 115 -32.27 24.15 -1.68
C THR A 115 -33.73 24.53 -1.75
N GLU A 116 -34.51 23.92 -0.88
CA GLU A 116 -35.94 24.11 -0.90
C GLU A 116 -36.41 24.41 0.50
N LEU A 117 -37.24 25.43 0.59
CA LEU A 117 -37.67 25.96 1.87
C LEU A 117 -39.20 25.89 1.89
N LYS A 118 -39.74 25.19 2.88
CA LYS A 118 -41.19 25.07 2.99
C LYS A 118 -41.62 25.81 4.23
N LEU A 119 -42.58 26.74 4.08
CA LEU A 119 -43.08 27.53 5.20
C LEU A 119 -44.58 27.38 5.29
N GLY A 120 -45.04 26.72 6.35
CA GLY A 120 -46.45 26.35 6.41
C GLY A 120 -46.66 24.98 7.04
N ASP A 121 -47.85 24.43 6.79
CA ASP A 121 -48.17 23.06 7.11
C ASP A 121 -47.56 22.10 6.10
N GLN A 122 -46.91 21.06 6.63
CA GLN A 122 -46.18 20.09 5.83
C GLN A 122 -46.04 18.74 6.54
N PHE A 123 -45.81 17.71 5.74
CA PHE A 123 -45.48 16.39 6.26
C PHE A 123 -43.99 16.26 6.58
N LEU A 124 -43.65 15.38 7.51
CA LEU A 124 -42.26 15.19 7.87
C LEU A 124 -41.93 13.72 8.14
N SER A 125 -40.84 13.23 7.56
CA SER A 125 -40.27 12.00 8.05
C SER A 125 -38.75 12.09 8.14
N ASN A 126 -38.25 12.08 9.36
CA ASN A 126 -36.84 11.87 9.57
C ASN A 126 -36.60 11.20 10.93
N PRO A 127 -35.35 10.83 11.21
CA PRO A 127 -35.07 10.02 12.40
C PRO A 127 -35.54 10.67 13.69
N VAL A 128 -35.50 12.00 13.79
CA VAL A 128 -35.97 12.63 15.02
C VAL A 128 -37.39 13.22 14.95
N VAL A 129 -38.01 13.23 13.76
CA VAL A 129 -39.43 13.67 13.64
C VAL A 129 -40.20 12.99 12.52
N ALA A 130 -41.40 12.49 12.82
CA ALA A 130 -42.30 12.03 11.77
C ALA A 130 -43.76 12.05 12.19
N GLY A 131 -44.63 12.21 11.19
CA GLY A 131 -46.06 12.03 11.35
C GLY A 131 -46.43 10.60 11.69
N GLY A 132 -45.53 9.65 11.37
CA GLY A 132 -45.65 8.24 11.71
C GLY A 132 -46.44 7.39 10.72
N GLU A 133 -46.00 6.17 10.49
CA GLU A 133 -46.58 5.35 9.43
C GLU A 133 -47.58 4.32 9.91
N SER A 134 -47.75 4.25 11.22
CA SER A 134 -48.52 3.19 11.88
C SER A 134 -50.05 3.38 11.84
N ARG A 135 -50.51 4.62 11.70
CA ARG A 135 -51.96 4.85 11.74
C ARG A 135 -52.49 5.42 10.43
N MET A 136 -53.82 5.50 10.33
CA MET A 136 -54.49 5.89 9.09
C MET A 136 -53.98 7.23 8.54
N LEU A 137 -54.19 8.31 9.29
CA LEU A 137 -53.68 9.61 8.88
C LEU A 137 -52.42 10.01 9.65
N PRO A 138 -51.39 10.46 8.93
CA PRO A 138 -50.18 11.01 9.57
C PRO A 138 -50.47 12.34 10.24
N GLN A 139 -49.63 12.72 11.19
CA GLN A 139 -49.66 14.04 11.79
C GLN A 139 -48.91 15.02 10.87
N THR A 140 -49.28 16.30 10.93
CA THR A 140 -48.60 17.29 10.11
C THR A 140 -47.87 18.28 11.00
N PHE A 141 -47.11 19.17 10.39
CA PHE A 141 -46.32 20.10 11.18
C PHE A 141 -46.35 21.51 10.62
N ARG A 142 -46.30 22.50 11.52
CA ARG A 142 -46.42 23.91 11.15
C ARG A 142 -45.10 24.59 11.43
N GLY A 143 -44.48 25.17 10.40
CA GLY A 143 -43.16 25.74 10.56
C GLY A 143 -42.31 25.80 9.31
N VAL A 144 -41.00 25.81 9.53
CA VAL A 144 -40.01 25.91 8.47
C VAL A 144 -39.24 24.62 8.29
N SER A 145 -39.13 24.15 7.06
CA SER A 145 -38.16 23.10 6.75
C SER A 145 -37.20 23.52 5.63
N LEU A 146 -35.93 23.19 5.78
CA LEU A 146 -34.90 23.46 4.78
C LEU A 146 -34.27 22.14 4.33
N THR A 147 -34.26 21.90 3.01
CA THR A 147 -33.63 20.70 2.45
C THR A 147 -32.67 21.03 1.31
N ASN A 148 -31.39 20.71 1.50
CA ASN A 148 -30.40 20.91 0.45
C ASN A 148 -29.92 19.65 -0.28
N ASN A 149 -30.12 19.66 -1.58
CA ASN A 149 -29.57 18.65 -2.49
C ASN A 149 -28.38 19.01 -3.38
N SER A 150 -27.65 20.05 -3.03
CA SER A 150 -26.54 20.53 -3.85
C SER A 150 -25.62 19.42 -4.36
N PHE A 151 -25.26 18.48 -3.50
CA PHE A 151 -24.42 17.35 -3.94
C PHE A 151 -25.19 16.05 -4.04
N GLU A 152 -25.16 15.41 -5.20
CA GLU A 152 -25.74 14.07 -5.33
C GLU A 152 -24.95 13.24 -4.35
N ASP A 153 -25.63 12.51 -3.49
CA ASP A 153 -25.02 11.81 -2.34
C ASP A 153 -25.07 12.50 -0.98
N LEU A 154 -25.54 13.73 -0.94
CA LEU A 154 -25.66 14.42 0.33
C LEU A 154 -26.99 15.14 0.43
N THR A 155 -27.76 14.82 1.47
CA THR A 155 -28.94 15.61 1.78
C THR A 155 -28.76 16.30 3.13
N LEU A 156 -28.90 17.61 3.18
CA LEU A 156 -28.95 18.28 4.49
C LEU A 156 -30.35 18.80 4.75
N THR A 157 -30.82 18.65 5.98
CA THR A 157 -32.09 19.28 6.35
C THR A 157 -32.02 20.05 7.67
N ALA A 158 -32.77 21.14 7.78
CA ALA A 158 -32.96 21.76 9.09
C ALA A 158 -34.40 22.19 9.24
N GLY A 159 -34.88 22.38 10.47
CA GLY A 159 -36.24 22.81 10.66
C GLY A 159 -36.66 23.27 12.04
N GLN A 160 -37.70 24.11 12.08
CA GLN A 160 -38.38 24.48 13.33
C GLN A 160 -39.87 24.42 13.10
N VAL A 161 -40.55 23.59 13.86
CA VAL A 161 -41.99 23.43 13.69
C VAL A 161 -42.66 23.31 15.03
N SER A 162 -43.98 23.21 14.97
CA SER A 162 -44.77 22.93 16.12
C SER A 162 -45.84 21.96 15.66
N PHE A 163 -46.43 21.23 16.60
CA PHE A 163 -47.52 20.30 16.31
C PHE A 163 -48.34 20.10 17.57
N THR A 164 -49.50 19.47 17.45
CA THR A 164 -50.33 19.41 18.62
C THR A 164 -50.18 18.12 19.42
N LYS A 165 -51.03 17.15 19.13
CA LYS A 165 -51.04 15.87 19.83
C LYS A 165 -52.23 15.13 19.21
N TYR A 166 -52.09 13.82 19.06
CA TYR A 166 -52.73 13.22 17.90
C TYR A 166 -53.45 11.89 18.03
N TYR A 167 -52.67 10.84 18.27
CA TYR A 167 -53.05 9.49 17.87
C TYR A 167 -53.48 8.56 19.00
N ASN A 168 -52.54 8.18 19.87
CA ASN A 168 -52.81 7.22 20.92
C ASN A 168 -52.06 7.58 22.23
N ASP A 187 -51.66 22.00 25.22
CA ASP A 187 -51.09 22.93 24.25
C ASP A 187 -50.35 22.21 23.09
N SER A 188 -49.31 22.86 22.59
CA SER A 188 -48.61 22.40 21.39
C SER A 188 -47.16 22.07 21.69
N HIS A 189 -46.56 21.25 20.83
CA HIS A 189 -45.16 20.93 20.95
C HIS A 189 -44.36 21.77 19.96
N HIS A 190 -43.13 22.10 20.36
CA HIS A 190 -42.16 22.72 19.48
C HIS A 190 -40.91 21.87 19.35
N LEU A 191 -40.46 21.69 18.12
CA LEU A 191 -39.29 20.88 17.83
C LEU A 191 -38.47 21.49 16.69
N SER A 192 -37.16 21.52 16.87
CA SER A 192 -36.29 21.95 15.78
C SER A 192 -35.22 20.89 15.62
N TRP A 193 -34.82 20.68 14.37
CA TRP A 193 -33.83 19.66 14.07
C TRP A 193 -32.79 20.15 13.07
N LEU A 194 -31.60 19.56 13.15
CA LEU A 194 -30.59 19.67 12.11
C LEU A 194 -30.12 18.24 11.77
N GLY A 195 -29.91 17.96 10.49
CA GLY A 195 -29.55 16.61 10.10
C GLY A 195 -29.06 16.46 8.68
N GLY A 196 -28.51 15.29 8.39
CA GLY A 196 -27.99 15.01 7.07
C GLY A 196 -27.82 13.52 6.81
N THR A 197 -27.76 13.18 5.54
CA THR A 197 -27.64 11.80 5.10
C THR A 197 -26.59 11.73 3.98
N TRP A 198 -25.57 10.90 4.16
CA TRP A 198 -24.45 10.82 3.21
C TRP A 198 -24.38 9.48 2.47
N GLY A 199 -24.23 9.57 1.16
CA GLY A 199 -24.13 8.41 0.28
C GLY A 199 -22.79 8.15 -0.41
N GLY A 200 -21.70 8.66 0.15
CA GLY A 200 -20.43 8.78 -0.57
C GLY A 200 -19.68 7.51 -0.98
N ILE A 201 -20.26 6.35 -0.65
CA ILE A 201 -19.69 5.04 -0.99
C ILE A 201 -20.76 4.13 -1.63
N GLU A 202 -20.33 3.21 -2.49
CA GLU A 202 -21.25 2.49 -3.38
C GLU A 202 -22.37 1.69 -2.70
N GLY A 203 -22.05 0.93 -1.66
CA GLY A 203 -23.07 0.13 -1.01
C GLY A 203 -23.51 0.66 0.33
N PHE A 204 -23.05 1.87 0.67
CA PHE A 204 -23.13 2.33 2.05
C PHE A 204 -23.78 3.73 2.22
N THR A 205 -24.58 3.87 3.29
CA THR A 205 -25.29 5.10 3.61
C THR A 205 -25.20 5.49 5.10
N SER A 206 -25.14 6.79 5.34
CA SER A 206 -24.88 7.29 6.68
C SER A 206 -25.86 8.40 7.04
N SER A 207 -26.22 8.48 8.32
CA SER A 207 -27.12 9.52 8.80
C SER A 207 -26.65 10.06 10.14
N LEU A 208 -26.82 11.37 10.33
CA LEU A 208 -26.58 12.03 11.60
C LEU A 208 -27.64 13.16 11.78
N TYR A 209 -28.35 13.12 12.91
CA TYR A 209 -29.47 14.02 13.14
C TYR A 209 -29.52 14.42 14.61
N ALA A 210 -30.07 15.61 14.87
CA ALA A 210 -30.35 16.03 16.25
C ALA A 210 -31.70 16.74 16.31
N ALA A 211 -32.35 16.66 17.46
CA ALA A 211 -33.56 17.44 17.63
C ALA A 211 -33.70 17.92 19.07
N GLU A 212 -34.41 19.04 19.24
CA GLU A 212 -34.81 19.45 20.56
C GLU A 212 -36.32 19.56 20.55
N LEU A 213 -36.92 18.91 21.54
CA LEU A 213 -38.35 18.98 21.76
C LEU A 213 -38.50 19.78 23.04
N GLN A 214 -38.93 21.02 22.89
CA GLN A 214 -38.74 22.03 23.89
C GLN A 214 -39.21 21.62 25.27
N ASN A 215 -38.33 21.73 26.26
CA ASN A 215 -38.65 21.41 27.64
C ASN A 215 -38.86 19.91 27.92
N VAL A 216 -38.72 19.14 26.86
CA VAL A 216 -38.80 17.70 26.98
C VAL A 216 -37.42 17.07 26.81
N TRP A 217 -36.89 17.04 25.59
CA TRP A 217 -35.62 16.37 25.38
C TRP A 217 -34.75 16.97 24.26
N LYS A 218 -33.44 16.74 24.33
CA LYS A 218 -32.61 16.75 23.13
C LYS A 218 -32.41 15.30 22.71
N GLN A 219 -32.49 15.04 21.42
CA GLN A 219 -32.30 13.67 20.92
C GLN A 219 -31.28 13.59 19.77
N TYR A 220 -30.32 12.69 19.90
CA TYR A 220 -29.32 12.49 18.84
C TYR A 220 -29.42 11.13 18.17
N TYR A 221 -29.20 11.09 16.87
CA TYR A 221 -29.34 9.85 16.12
C TYR A 221 -28.28 9.68 15.02
N ALA A 222 -27.69 8.49 14.99
CA ALA A 222 -26.79 8.11 13.90
C ALA A 222 -27.23 6.79 13.33
N ASP A 223 -26.83 6.53 12.09
CA ASP A 223 -27.01 5.22 11.55
C ASP A 223 -26.00 4.97 10.43
N VAL A 224 -25.85 3.70 10.08
CA VAL A 224 -25.08 3.26 8.92
C VAL A 224 -25.85 2.12 8.27
N ASP A 225 -25.71 1.99 6.96
CA ASP A 225 -26.20 0.80 6.29
C ASP A 225 -25.28 0.40 5.16
N TYR A 226 -24.84 -0.85 5.17
CA TYR A 226 -23.95 -1.35 4.14
C TYR A 226 -24.62 -2.50 3.39
N THR A 227 -24.45 -2.55 2.08
CA THR A 227 -24.89 -3.71 1.31
C THR A 227 -23.79 -4.25 0.40
N TYR A 228 -23.55 -5.55 0.51
CA TYR A 228 -22.57 -6.26 -0.30
C TYR A 228 -23.28 -7.29 -1.16
N GLU A 229 -23.03 -7.24 -2.47
CA GLU A 229 -23.57 -8.23 -3.38
C GLU A 229 -22.46 -9.24 -3.71
N ILE A 230 -22.57 -10.47 -3.18
CA ILE A 230 -21.54 -11.49 -3.41
C ILE A 230 -21.71 -12.16 -4.76
N ASP A 231 -22.70 -13.04 -4.85
CA ASP A 231 -23.03 -13.69 -6.12
C ASP A 231 -24.07 -12.80 -6.76
N ASP A 232 -24.63 -13.25 -7.87
CA ASP A 232 -25.75 -12.52 -8.46
C ASP A 232 -27.01 -12.83 -7.66
N ASN A 233 -27.00 -13.95 -6.94
CA ASN A 233 -28.12 -14.24 -6.05
C ASN A 233 -27.91 -14.04 -4.55
N TRP A 234 -26.69 -13.75 -4.10
CA TRP A 234 -26.43 -13.69 -2.66
C TRP A 234 -25.96 -12.31 -2.21
N SER A 235 -26.57 -11.78 -1.14
CA SER A 235 -26.19 -10.47 -0.62
C SER A 235 -26.20 -10.41 0.92
N LEU A 236 -25.36 -9.54 1.47
CA LEU A 236 -25.38 -9.27 2.92
C LEU A 236 -25.73 -7.80 3.18
N ASN A 237 -26.56 -7.57 4.19
CA ASN A 237 -26.90 -6.22 4.62
C ASN A 237 -26.78 -6.01 6.12
N PRO A 238 -25.56 -5.70 6.57
CA PRO A 238 -25.25 -5.28 7.93
C PRO A 238 -25.67 -3.81 8.16
N GLY A 239 -26.22 -3.52 9.34
CA GLY A 239 -26.65 -2.17 9.65
C GLY A 239 -26.92 -1.88 11.11
N ALA A 240 -26.77 -0.62 11.50
CA ALA A 240 -26.99 -0.16 12.88
C ALA A 240 -27.72 1.21 12.99
N HIS A 241 -28.56 1.31 14.03
CA HIS A 241 -29.24 2.54 14.43
C HIS A 241 -28.83 2.91 15.85
N TYR A 242 -28.55 4.20 16.05
CA TYR A 242 -28.22 4.69 17.39
C TYR A 242 -28.98 5.98 17.79
N TYR A 243 -29.56 5.97 19.00
CA TYR A 243 -30.30 7.11 19.57
C TYR A 243 -29.80 7.54 20.93
N LYS A 244 -29.33 8.77 21.07
CA LYS A 244 -29.07 9.28 22.40
C LYS A 244 -30.16 10.26 22.80
N THR A 245 -30.67 10.10 24.02
CA THR A 245 -31.75 10.95 24.48
C THR A 245 -31.49 11.54 25.85
N VAL A 246 -31.58 12.86 25.96
CA VAL A 246 -31.37 13.55 27.23
C VAL A 246 -32.55 14.47 27.53
N ASP A 247 -32.83 14.74 28.80
CA ASP A 247 -33.87 15.70 29.12
C ASP A 247 -33.43 17.16 28.84
N SER A 248 -34.41 18.04 28.63
CA SER A 248 -34.10 19.40 28.19
C SER A 248 -35.02 20.43 28.86
N GLY A 249 -34.48 21.62 29.09
CA GLY A 249 -35.25 22.70 29.66
C GLY A 249 -35.96 22.33 30.94
N ASP A 250 -37.28 22.53 30.95
CA ASP A 250 -38.07 22.27 32.14
C ASP A 250 -38.17 20.79 32.49
N SER A 251 -37.79 19.93 31.55
CA SER A 251 -37.75 18.48 31.79
C SER A 251 -39.12 17.96 32.22
N LEU A 252 -40.11 18.20 31.36
CA LEU A 252 -41.48 17.83 31.65
C LEU A 252 -41.70 16.35 31.87
N LEU A 253 -40.90 15.52 31.20
CA LEU A 253 -41.04 14.08 31.38
C LEU A 253 -40.19 13.52 32.53
N GLY A 254 -39.44 14.41 33.20
CA GLY A 254 -38.46 14.00 34.18
C GLY A 254 -37.07 13.77 33.60
N ARG A 255 -36.13 13.37 34.46
CA ARG A 255 -34.76 13.10 34.02
C ARG A 255 -34.78 12.01 32.95
N ILE A 256 -33.98 12.21 31.89
CA ILE A 256 -33.83 11.20 30.86
C ILE A 256 -32.38 11.08 30.42
N ASP A 257 -31.80 9.91 30.65
CA ASP A 257 -30.49 9.58 30.12
C ASP A 257 -30.65 8.23 29.46
N ASN A 258 -30.70 8.22 28.14
CA ASN A 258 -31.11 7.01 27.40
C ASN A 258 -30.26 6.85 26.16
N ASN A 259 -29.69 5.67 26.01
CA ASN A 259 -28.99 5.29 24.81
C ASN A 259 -29.63 4.03 24.25
N THR A 260 -30.00 4.09 22.97
CA THR A 260 -30.64 2.95 22.32
C THR A 260 -29.94 2.52 21.03
N TYR A 261 -29.76 1.20 20.90
CA TYR A 261 -29.01 0.60 19.80
C TYR A 261 -29.91 -0.36 19.04
N SER A 262 -29.82 -0.32 17.71
CA SER A 262 -30.52 -1.31 16.89
C SER A 262 -29.54 -1.96 15.90
N LEU A 263 -29.43 -3.28 15.94
CA LEU A 263 -28.55 -4.00 15.02
C LEU A 263 -29.34 -4.88 14.06
N HIS A 264 -29.02 -4.79 12.78
CA HIS A 264 -29.65 -5.70 11.82
C HIS A 264 -28.64 -6.34 10.88
N PHE A 265 -28.77 -7.66 10.71
CA PHE A 265 -28.00 -8.38 9.72
C PHE A 265 -28.92 -9.20 8.83
N ALA A 266 -28.75 -9.01 7.53
CA ALA A 266 -29.70 -9.53 6.57
C ALA A 266 -29.03 -10.26 5.41
N VAL A 267 -29.31 -11.55 5.31
CA VAL A 267 -28.87 -12.34 4.16
C VAL A 267 -29.98 -12.42 3.12
N GLY A 268 -29.73 -11.84 1.94
CA GLY A 268 -30.59 -12.09 0.80
C GLY A 268 -30.05 -13.22 -0.06
N TYR A 269 -30.94 -14.08 -0.53
CA TYR A 269 -30.62 -15.02 -1.59
C TYR A 269 -31.78 -15.03 -2.58
N ARG A 270 -31.51 -14.57 -3.79
CA ARG A 270 -32.57 -14.38 -4.76
C ARG A 270 -33.77 -13.67 -4.15
N GLN A 271 -34.91 -14.35 -4.13
CA GLN A 271 -36.14 -13.76 -3.62
C GLN A 271 -36.25 -13.87 -2.11
N HIS A 272 -35.46 -14.76 -1.51
CA HIS A 272 -35.47 -15.00 -0.07
C HIS A 272 -34.62 -13.99 0.70
N THR A 273 -35.14 -13.49 1.80
CA THR A 273 -34.28 -12.72 2.70
C THR A 273 -34.57 -13.01 4.17
N VAL A 274 -33.52 -13.43 4.87
CA VAL A 274 -33.62 -13.74 6.29
C VAL A 274 -32.79 -12.70 7.02
N THR A 275 -33.29 -12.24 8.16
CA THR A 275 -32.70 -11.07 8.81
C THR A 275 -32.61 -11.23 10.31
N ALA A 276 -31.45 -10.91 10.88
CA ALA A 276 -31.25 -11.03 12.33
C ALA A 276 -31.15 -9.67 13.02
N VAL A 277 -31.96 -9.46 14.06
CA VAL A 277 -31.92 -8.18 14.78
C VAL A 277 -31.59 -8.28 16.27
N LEU A 278 -30.63 -7.46 16.70
CA LEU A 278 -30.41 -7.18 18.12
C LEU A 278 -30.81 -5.73 18.46
N GLN A 279 -31.57 -5.55 19.53
CA GLN A 279 -31.90 -4.21 19.99
C GLN A 279 -31.66 -4.07 21.50
N LYS A 280 -31.02 -2.97 21.89
CA LYS A 280 -30.74 -2.73 23.32
C LYS A 280 -31.02 -1.29 23.74
N VAL A 281 -31.79 -1.16 24.82
CA VAL A 281 -32.15 0.13 25.39
C VAL A 281 -31.38 0.30 26.69
N ASN A 282 -30.54 1.32 26.77
CA ASN A 282 -29.77 1.49 27.99
C ASN A 282 -30.22 2.74 28.73
N GLY A 283 -30.96 2.52 29.82
CA GLY A 283 -31.41 3.59 30.69
C GLY A 283 -32.70 3.23 31.40
N ASN A 284 -33.10 4.03 32.38
CA ASN A 284 -34.24 3.67 33.24
C ASN A 284 -35.61 4.15 32.75
N THR A 285 -35.63 4.74 31.56
CA THR A 285 -36.85 5.04 30.83
C THR A 285 -36.78 4.32 29.50
N PRO A 286 -37.94 4.05 28.89
CA PRO A 286 -38.02 3.39 27.58
C PRO A 286 -37.57 4.33 26.46
N PHE A 287 -37.08 3.79 25.35
CA PHE A 287 -36.78 4.67 24.24
C PHE A 287 -38.05 5.46 23.86
N ASP A 288 -37.88 6.73 23.52
CA ASP A 288 -39.05 7.53 23.21
C ASP A 288 -38.89 8.34 21.94
N TYR A 289 -39.98 8.44 21.20
CA TYR A 289 -40.01 9.22 19.97
C TYR A 289 -41.44 9.66 19.63
N ILE A 290 -41.54 10.63 18.74
CA ILE A 290 -42.83 11.18 18.38
C ILE A 290 -43.51 10.23 17.41
N ASN A 291 -44.80 9.99 17.66
CA ASN A 291 -45.66 9.21 16.78
C ASN A 291 -45.21 7.80 16.53
N GLN A 292 -45.28 7.00 17.60
CA GLN A 292 -44.70 5.67 17.64
C GLN A 292 -45.49 4.64 16.85
N GLY A 293 -44.80 3.54 16.55
CA GLY A 293 -45.29 2.43 15.77
C GLY A 293 -44.69 2.38 14.38
N ASP A 294 -44.38 1.14 13.98
CA ASP A 294 -43.77 0.83 12.69
C ASP A 294 -42.58 1.70 12.29
N SER A 295 -41.81 2.16 13.27
CA SER A 295 -40.67 3.03 12.99
C SER A 295 -39.63 2.39 12.05
N ILE A 296 -39.13 3.17 11.10
CA ILE A 296 -38.13 2.66 10.17
C ILE A 296 -36.72 2.97 10.66
N PHE A 297 -36.62 3.56 11.84
CA PHE A 297 -35.32 3.84 12.46
C PHE A 297 -34.98 2.87 13.58
N LEU A 298 -35.83 1.85 13.73
CA LEU A 298 -35.67 0.80 14.73
C LEU A 298 -35.89 -0.55 14.10
N ASP A 299 -34.97 -1.48 14.37
CA ASP A 299 -34.99 -2.80 13.73
C ASP A 299 -35.98 -3.76 14.41
N ASN A 300 -36.28 -3.49 15.67
CA ASN A 300 -37.27 -4.23 16.45
C ASN A 300 -38.64 -3.58 16.60
N SER A 301 -38.95 -2.56 15.80
CA SER A 301 -40.28 -1.94 15.88
C SER A 301 -41.31 -2.84 15.17
N GLN A 302 -42.27 -3.37 15.92
CA GLN A 302 -43.17 -4.38 15.35
C GLN A 302 -44.63 -3.99 15.35
N GLN A 303 -45.47 -4.85 14.79
CA GLN A 303 -46.86 -4.49 14.63
C GLN A 303 -47.40 -3.91 15.93
N TYR A 304 -47.09 -4.53 17.05
CA TYR A 304 -47.67 -4.15 18.32
C TYR A 304 -46.66 -3.49 19.22
N SER A 305 -45.57 -4.19 19.47
CA SER A 305 -44.61 -3.68 20.43
C SER A 305 -43.37 -3.14 19.77
N ASP A 306 -42.78 -2.14 20.41
CA ASP A 306 -41.52 -1.59 19.93
C ASP A 306 -40.32 -2.18 20.62
N PHE A 307 -40.55 -3.04 21.62
CA PHE A 307 -39.46 -3.73 22.34
C PHE A 307 -38.42 -2.74 22.84
N ASN A 308 -38.94 -1.60 23.28
CA ASN A 308 -38.17 -0.43 23.71
C ASN A 308 -38.14 -0.12 25.20
N GLY A 309 -38.66 -1.01 26.05
CA GLY A 309 -38.82 -0.71 27.46
C GLY A 309 -37.49 -0.33 28.11
N PRO A 310 -37.54 0.19 29.33
CA PRO A 310 -36.27 0.56 29.95
C PRO A 310 -35.36 -0.66 30.15
N ASN A 311 -34.12 -0.52 29.69
CA ASN A 311 -33.10 -1.53 29.94
C ASN A 311 -33.46 -2.87 29.34
N GLU A 312 -34.26 -2.84 28.29
CA GLU A 312 -34.69 -4.05 27.60
C GLU A 312 -33.71 -4.45 26.48
N LYS A 313 -33.23 -5.69 26.56
CA LYS A 313 -32.45 -6.32 25.51
C LYS A 313 -33.41 -7.18 24.69
N SER A 314 -33.28 -7.14 23.37
CA SER A 314 -34.25 -7.84 22.52
C SER A 314 -33.62 -8.36 21.23
N TRP A 315 -34.27 -9.35 20.63
CA TRP A 315 -33.83 -9.84 19.33
C TRP A 315 -35.04 -10.17 18.47
N LYS A 316 -34.80 -10.21 17.17
CA LYS A 316 -35.83 -10.67 16.26
C LYS A 316 -35.18 -11.48 15.16
N LEU A 317 -35.98 -12.40 14.62
CA LEU A 317 -35.57 -13.16 13.47
C LEU A 317 -36.67 -12.96 12.44
N GLN A 318 -36.31 -12.48 11.27
CA GLN A 318 -37.33 -12.18 10.28
C GLN A 318 -37.07 -12.90 8.98
N TYR A 319 -38.15 -13.25 8.30
CA TYR A 319 -38.09 -13.90 7.00
C TYR A 319 -38.99 -13.17 6.04
N ASP A 320 -38.46 -12.87 4.86
CA ASP A 320 -39.24 -12.18 3.84
C ASP A 320 -39.19 -12.93 2.53
N TYR A 321 -40.30 -12.89 1.78
CA TYR A 321 -40.31 -13.48 0.45
C TYR A 321 -41.03 -12.61 -0.60
N ASP A 322 -40.40 -12.53 -1.78
CA ASP A 322 -40.97 -11.83 -2.92
C ASP A 322 -41.42 -12.88 -3.95
N PHE A 323 -42.69 -12.84 -4.31
CA PHE A 323 -43.27 -13.87 -5.18
C PHE A 323 -43.02 -13.61 -6.67
N VAL A 324 -42.22 -12.60 -6.96
CA VAL A 324 -41.92 -12.17 -8.33
C VAL A 324 -41.63 -13.32 -9.30
N ALA A 325 -40.56 -14.07 -9.06
CA ALA A 325 -40.14 -15.12 -9.98
C ALA A 325 -41.05 -16.35 -9.93
N LEU A 326 -41.87 -16.43 -8.90
CA LEU A 326 -42.83 -17.52 -8.77
C LEU A 326 -44.10 -17.19 -9.55
N GLY A 327 -44.04 -16.07 -10.26
CA GLY A 327 -45.07 -15.73 -11.23
C GLY A 327 -46.04 -14.65 -10.81
N VAL A 328 -46.08 -14.34 -9.51
CA VAL A 328 -47.06 -13.41 -8.97
C VAL A 328 -46.40 -12.19 -8.34
N PRO A 329 -45.89 -11.26 -9.18
CA PRO A 329 -45.21 -10.04 -8.73
C PRO A 329 -46.17 -9.07 -8.04
N GLY A 330 -45.64 -8.23 -7.15
CA GLY A 330 -46.48 -7.35 -6.36
C GLY A 330 -47.03 -8.06 -5.12
N LEU A 331 -46.84 -9.38 -5.07
CA LEU A 331 -47.18 -10.14 -3.87
C LEU A 331 -45.95 -10.35 -3.00
N SER A 332 -46.07 -10.04 -1.72
CA SER A 332 -45.00 -10.29 -0.78
C SER A 332 -45.57 -10.85 0.52
N ALA A 333 -44.70 -11.43 1.33
CA ALA A 333 -45.09 -11.94 2.63
C ALA A 333 -43.89 -11.83 3.54
N SER A 334 -44.15 -11.78 4.84
CA SER A 334 -43.07 -11.87 5.81
C SER A 334 -43.54 -12.42 7.16
N ALA A 335 -42.63 -13.04 7.89
CA ALA A 335 -42.93 -13.42 9.26
C ALA A 335 -41.78 -13.05 10.19
N SER A 336 -42.13 -12.65 11.41
CA SER A 336 -41.12 -12.32 12.40
C SER A 336 -41.37 -13.00 13.77
N TYR A 337 -40.31 -13.14 14.56
CA TYR A 337 -40.44 -13.52 15.95
C TYR A 337 -39.50 -12.66 16.76
N SER A 338 -40.03 -12.06 17.82
CA SER A 338 -39.28 -11.10 18.63
C SER A 338 -39.45 -11.45 20.09
N ARG A 339 -38.37 -11.28 20.85
CA ARG A 339 -38.32 -11.69 22.24
C ARG A 339 -37.53 -10.60 22.94
N GLY A 340 -37.98 -10.18 24.12
CA GLY A 340 -37.20 -9.23 24.87
C GLY A 340 -37.40 -9.43 26.36
N LYS A 341 -36.43 -8.93 27.13
CA LYS A 341 -36.44 -9.01 28.59
C LYS A 341 -35.94 -7.71 29.23
N LEU A 342 -36.54 -7.35 30.37
CA LEU A 342 -36.14 -6.16 31.10
C LEU A 342 -36.57 -6.26 32.55
N ASP A 343 -35.92 -5.48 33.40
CA ASP A 343 -36.14 -5.54 34.84
C ASP A 343 -36.92 -4.31 35.31
N LEU A 344 -38.19 -4.53 35.60
CA LEU A 344 -39.12 -3.43 35.87
C LEU A 344 -38.90 -2.77 37.22
N THR A 345 -38.02 -3.35 38.02
CA THR A 345 -37.78 -2.83 39.36
C THR A 345 -36.87 -1.62 39.29
N ARG A 346 -36.24 -1.45 38.13
CA ARG A 346 -35.24 -0.39 37.98
C ARG A 346 -35.81 0.96 37.55
N VAL A 347 -37.08 0.98 37.19
CA VAL A 347 -37.78 2.22 36.87
C VAL A 347 -38.03 3.03 38.14
N ASP A 348 -37.88 4.35 38.03
CA ASP A 348 -38.21 5.27 39.11
C ASP A 348 -39.71 5.46 39.09
N PRO A 349 -40.42 4.96 40.12
CA PRO A 349 -41.88 5.06 40.11
C PRO A 349 -42.37 6.51 40.21
N ASP A 350 -41.51 7.43 40.62
CA ASP A 350 -41.89 8.84 40.70
C ASP A 350 -41.53 9.63 39.44
N SER A 351 -40.96 8.95 38.46
CA SER A 351 -40.65 9.54 37.17
C SER A 351 -41.90 10.10 36.51
N PRO A 352 -41.89 11.41 36.26
CA PRO A 352 -43.17 11.98 35.79
C PRO A 352 -43.66 11.34 34.50
N GLY A 353 -42.78 11.23 33.51
CA GLY A 353 -43.20 10.69 32.22
C GLY A 353 -43.29 9.18 32.19
N TYR A 354 -42.31 8.55 32.82
CA TYR A 354 -42.18 7.11 32.73
C TYR A 354 -42.50 6.25 33.95
N GLY A 355 -42.92 6.87 35.05
CA GLY A 355 -43.06 6.15 36.30
C GLY A 355 -43.82 4.84 36.27
N GLY A 356 -44.81 4.71 35.40
CA GLY A 356 -45.68 3.55 35.37
C GLY A 356 -45.09 2.31 34.73
N TRP A 357 -43.79 2.35 34.44
CA TRP A 357 -43.10 1.15 33.96
C TRP A 357 -42.60 0.34 35.15
N TYR A 358 -42.62 0.94 36.33
CA TYR A 358 -42.08 0.27 37.51
C TYR A 358 -43.01 -0.82 38.01
N SER A 359 -42.44 -1.98 38.32
CA SER A 359 -43.16 -3.05 39.02
C SER A 359 -42.31 -3.76 40.06
N ALA A 360 -42.74 -3.75 41.32
CA ALA A 360 -42.02 -4.49 42.36
C ALA A 360 -41.87 -5.95 41.93
N ASP A 361 -42.89 -6.41 41.24
CA ASP A 361 -43.01 -7.80 40.84
C ASP A 361 -42.48 -8.06 39.44
N GLY A 362 -41.86 -7.05 38.83
CA GLY A 362 -41.32 -7.14 37.48
C GLY A 362 -40.04 -7.89 37.21
N LYS A 363 -38.91 -7.43 37.74
CA LYS A 363 -37.77 -8.33 37.84
C LYS A 363 -37.42 -9.08 36.55
N ASN A 364 -37.95 -10.29 36.44
CA ASN A 364 -37.72 -11.18 35.30
C ASN A 364 -38.66 -11.04 34.10
N ALA A 365 -39.38 -9.92 34.07
CA ALA A 365 -40.34 -9.63 33.01
C ALA A 365 -39.79 -9.84 31.60
N LYS A 366 -40.62 -10.45 30.76
CA LYS A 366 -40.25 -10.76 29.40
C LYS A 366 -41.54 -10.74 28.60
N HIS A 367 -41.40 -10.54 27.30
CA HIS A 367 -42.54 -10.63 26.38
C HIS A 367 -42.06 -11.10 25.01
N TRP A 368 -43.00 -11.54 24.18
CA TRP A 368 -42.68 -11.87 22.78
C TRP A 368 -43.81 -11.50 21.80
N GLU A 369 -43.44 -11.36 20.52
CA GLU A 369 -44.40 -11.09 19.46
C GLU A 369 -44.02 -11.88 18.21
N ARG A 370 -45.01 -12.45 17.53
CA ARG A 370 -44.78 -13.12 16.26
C ARG A 370 -45.65 -12.44 15.20
N ASP A 371 -45.03 -11.81 14.21
CA ASP A 371 -45.79 -11.09 13.20
C ASP A 371 -45.90 -11.84 11.88
N LEU A 372 -47.11 -11.91 11.33
CA LEU A 372 -47.31 -12.37 9.97
C LEU A 372 -47.85 -11.23 9.10
N ASP A 373 -47.17 -10.97 7.99
CA ASP A 373 -47.50 -9.83 7.14
C ASP A 373 -47.49 -10.19 5.66
N LEU A 374 -48.62 -10.03 5.00
CA LEU A 374 -48.65 -10.12 3.53
C LEU A 374 -49.46 -9.01 2.84
N GLN A 375 -49.00 -8.65 1.65
CA GLN A 375 -49.63 -7.58 0.88
C GLN A 375 -49.57 -7.82 -0.61
N TYR A 376 -50.70 -7.58 -1.28
CA TYR A 376 -50.73 -7.61 -2.73
C TYR A 376 -51.10 -6.25 -3.29
N VAL A 377 -50.23 -5.75 -4.16
CA VAL A 377 -50.52 -4.59 -4.97
C VAL A 377 -50.95 -5.08 -6.34
N VAL A 378 -52.07 -4.56 -6.84
CA VAL A 378 -52.54 -4.92 -8.17
C VAL A 378 -51.76 -4.10 -9.22
N GLN A 379 -51.06 -4.79 -10.12
CA GLN A 379 -50.12 -4.11 -11.03
C GLN A 379 -50.63 -3.80 -12.44
N GLY A 380 -51.87 -4.15 -12.73
CA GLY A 380 -52.39 -3.94 -14.07
C GLY A 380 -53.90 -3.70 -14.09
N GLY A 381 -54.39 -3.25 -15.25
CA GLY A 381 -55.80 -3.01 -15.41
C GLY A 381 -56.25 -1.76 -14.67
N PRO A 382 -57.56 -1.69 -14.38
CA PRO A 382 -58.26 -0.55 -13.76
C PRO A 382 -57.86 -0.31 -12.30
N ALA A 383 -57.61 -1.41 -11.58
CA ALA A 383 -57.25 -1.37 -10.17
C ALA A 383 -55.74 -1.26 -9.99
N LYS A 384 -55.04 -1.02 -11.10
CA LYS A 384 -53.58 -0.96 -11.06
C LYS A 384 -53.13 -0.05 -9.92
N ASP A 385 -52.23 -0.59 -9.09
CA ASP A 385 -51.69 0.13 -7.94
C ASP A 385 -52.54 0.01 -6.65
N LEU A 386 -53.73 -0.59 -6.76
CA LEU A 386 -54.54 -0.86 -5.58
C LEU A 386 -53.80 -1.85 -4.70
N SER A 387 -53.61 -1.51 -3.43
CA SER A 387 -52.83 -2.39 -2.56
C SER A 387 -53.61 -2.90 -1.35
N LEU A 388 -53.57 -4.22 -1.15
CA LEU A 388 -54.19 -4.84 0.01
C LEU A 388 -53.09 -5.35 0.95
N ARG A 389 -53.22 -5.06 2.24
CA ARG A 389 -52.23 -5.54 3.22
C ARG A 389 -52.87 -6.10 4.50
N LEU A 390 -52.50 -7.33 4.82
CA LEU A 390 -53.05 -8.06 5.96
C LEU A 390 -51.99 -8.20 7.05
N ARG A 391 -52.34 -7.85 8.29
CA ARG A 391 -51.38 -7.88 9.39
C ARG A 391 -51.86 -8.64 10.66
N TRP A 392 -51.16 -9.72 11.02
CA TRP A 392 -51.48 -10.49 12.23
C TRP A 392 -50.38 -10.39 13.28
N ALA A 393 -50.70 -9.86 14.45
CA ALA A 393 -49.76 -9.90 15.55
C ALA A 393 -50.27 -10.62 16.81
N THR A 394 -49.40 -11.43 17.40
CA THR A 394 -49.63 -11.98 18.73
C THR A 394 -48.51 -11.53 19.66
N HIS A 395 -48.88 -11.06 20.84
CA HIS A 395 -47.93 -10.61 21.82
C HIS A 395 -48.32 -11.14 23.20
N ARG A 396 -47.38 -11.79 23.87
CA ARG A 396 -47.53 -12.07 25.30
C ARG A 396 -46.30 -11.71 26.12
N GLY A 397 -46.55 -11.25 27.34
CA GLY A 397 -45.50 -11.08 28.31
C GLY A 397 -45.59 -12.09 29.41
N THR A 398 -44.50 -12.19 30.15
CA THR A 398 -44.38 -13.09 31.28
C THR A 398 -43.55 -12.35 32.31
N GLY A 399 -43.49 -12.90 33.51
CA GLY A 399 -42.71 -12.30 34.58
C GLY A 399 -43.29 -10.98 35.04
N GLY A 400 -44.61 -10.87 34.92
CA GLY A 400 -45.31 -9.64 35.25
C GLY A 400 -45.14 -8.51 34.23
N TYR A 401 -44.72 -8.83 33.01
CA TYR A 401 -44.68 -7.85 31.93
C TYR A 401 -46.05 -7.20 31.74
N SER A 402 -47.08 -7.96 32.10
CA SER A 402 -48.46 -7.60 31.90
C SER A 402 -48.91 -6.46 32.81
N ALA A 403 -48.04 -6.07 33.74
CA ALA A 403 -48.31 -4.90 34.56
C ALA A 403 -47.86 -3.65 33.83
N VAL A 404 -47.37 -3.86 32.62
CA VAL A 404 -46.76 -2.82 31.80
C VAL A 404 -47.39 -2.79 30.40
N ASP A 405 -47.47 -3.94 29.76
CA ASP A 405 -48.20 -4.01 28.51
C ASP A 405 -49.11 -5.22 28.51
N ASN A 406 -49.87 -5.39 27.44
CA ASN A 406 -50.96 -6.36 27.44
C ASN A 406 -50.72 -7.55 26.53
N ASP A 407 -51.33 -8.67 26.88
CA ASP A 407 -51.36 -9.82 25.98
C ASP A 407 -52.48 -9.55 24.99
N ILE A 408 -52.15 -9.46 23.70
CA ILE A 408 -53.18 -9.22 22.72
C ILE A 408 -52.99 -10.00 21.41
N ASP A 409 -54.06 -10.07 20.65
CA ASP A 409 -54.01 -10.55 19.28
C ASP A 409 -54.60 -9.49 18.38
N GLU A 410 -53.77 -8.91 17.54
CA GLU A 410 -54.22 -7.82 16.67
C GLU A 410 -54.40 -8.28 15.23
N TYR A 411 -55.51 -7.88 14.63
CA TYR A 411 -55.71 -8.06 13.20
C TYR A 411 -56.00 -6.73 12.51
N ARG A 412 -55.14 -6.34 11.58
CA ARG A 412 -55.35 -5.14 10.78
C ARG A 412 -55.47 -5.48 9.30
N VAL A 413 -56.45 -4.90 8.62
CA VAL A 413 -56.46 -4.91 7.17
C VAL A 413 -56.40 -3.49 6.59
N ILE A 414 -55.56 -3.31 5.59
CA ILE A 414 -55.41 -2.00 4.96
C ILE A 414 -55.57 -2.08 3.44
N VAL A 415 -56.63 -1.45 2.94
CA VAL A 415 -56.82 -1.30 1.50
C VAL A 415 -56.44 0.12 1.05
N ASP A 416 -55.52 0.21 0.10
CA ASP A 416 -55.02 1.51 -0.36
C ASP A 416 -55.17 1.72 -1.86
N TYR A 417 -55.91 2.74 -2.26
CA TYR A 417 -55.96 3.13 -3.68
C TYR A 417 -55.46 4.54 -3.94
N PRO A 418 -54.29 4.65 -4.58
CA PRO A 418 -53.80 5.91 -5.14
C PRO A 418 -54.51 6.29 -6.44
N ILE A 419 -54.80 7.57 -6.60
CA ILE A 419 -55.24 8.11 -7.88
C ILE A 419 -54.28 9.21 -8.31
N ASP A 420 -53.81 9.14 -9.55
CA ASP A 420 -53.04 10.27 -10.07
C ASP A 420 -54.03 11.09 -10.86
N VAL A 421 -54.44 12.22 -10.29
CA VAL A 421 -55.17 13.22 -11.05
C VAL A 421 -54.17 14.32 -11.38
N PHE A 422 -54.05 14.65 -12.66
CA PHE A 422 -52.99 15.54 -13.14
C PHE A 422 -51.78 15.66 -12.19
N GLU B 7 6.58 -37.39 -52.82
CA GLU B 7 7.99 -37.44 -53.18
C GLU B 7 8.71 -38.61 -52.54
N GLY B 8 9.00 -38.49 -51.24
CA GLY B 8 9.55 -39.62 -50.52
C GLY B 8 10.19 -39.26 -49.21
N PHE B 9 10.43 -40.27 -48.38
CA PHE B 9 11.07 -40.07 -47.09
C PHE B 9 12.33 -39.22 -47.27
N ILE B 10 13.21 -39.65 -48.16
CA ILE B 10 14.43 -38.91 -48.41
C ILE B 10 14.13 -37.63 -49.17
N GLU B 11 13.65 -37.77 -50.40
CA GLU B 11 13.47 -36.63 -51.30
C GLU B 11 12.68 -35.50 -50.67
N GLY B 12 11.73 -35.85 -49.82
CA GLY B 12 10.86 -34.86 -49.19
C GLY B 12 11.35 -34.28 -47.87
N SER B 13 12.56 -34.64 -47.47
CA SER B 13 13.11 -34.19 -46.20
C SER B 13 13.68 -32.78 -46.28
N SER B 14 13.67 -32.09 -45.15
CA SER B 14 14.25 -30.75 -45.07
C SER B 14 14.79 -30.47 -43.66
N LEU B 15 15.87 -29.71 -43.60
CA LEU B 15 16.49 -29.32 -42.33
C LEU B 15 16.61 -27.79 -42.19
N GLN B 16 16.27 -27.26 -41.02
CA GLN B 16 16.38 -25.83 -40.76
C GLN B 16 17.16 -25.57 -39.48
N LEU B 17 17.98 -24.53 -39.50
CA LEU B 17 18.66 -24.05 -38.31
C LEU B 17 18.31 -22.59 -38.04
N LEU B 18 17.61 -22.32 -36.94
CA LEU B 18 17.26 -20.96 -36.58
C LEU B 18 18.15 -20.44 -35.44
N THR B 19 18.99 -19.46 -35.77
CA THR B 19 19.84 -18.81 -34.79
C THR B 19 19.13 -17.59 -34.21
N ARG B 20 19.15 -17.49 -32.88
CA ARG B 20 18.39 -16.48 -32.17
C ARG B 20 19.24 -15.64 -31.20
N ASN B 21 19.36 -14.35 -31.49
CA ASN B 21 19.97 -13.40 -30.56
C ASN B 21 18.91 -12.68 -29.75
N TYR B 22 18.93 -12.91 -28.45
CA TYR B 22 17.85 -12.42 -27.61
C TYR B 22 18.40 -11.54 -26.48
N TYR B 23 17.91 -10.32 -26.40
CA TYR B 23 18.39 -9.35 -25.42
C TYR B 23 17.24 -8.57 -24.81
N PHE B 24 17.15 -8.53 -23.49
CA PHE B 24 16.07 -7.73 -22.90
C PHE B 24 16.49 -6.92 -21.66
N ASN B 25 16.12 -5.65 -21.65
CA ASN B 25 16.40 -4.77 -20.52
C ASN B 25 15.14 -4.45 -19.70
N HIS B 26 15.27 -4.52 -18.38
CA HIS B 26 14.14 -4.26 -17.49
C HIS B 26 14.45 -3.20 -16.43
N ASP B 27 13.71 -2.10 -16.47
CA ASP B 27 13.83 -1.05 -15.45
C ASP B 27 12.75 -1.24 -14.39
N ARG B 28 13.13 -1.08 -13.13
CA ARG B 28 12.16 -1.22 -12.04
C ARG B 28 12.07 0.02 -11.16
N ARG B 29 10.99 0.10 -10.38
CA ARG B 29 10.57 1.38 -9.85
C ARG B 29 9.55 1.22 -8.70
N SER B 36 17.84 -5.22 -14.30
CA SER B 36 18.55 -6.40 -14.76
C SER B 36 18.47 -6.58 -16.30
N LYS B 37 19.64 -6.71 -16.93
CA LYS B 37 19.71 -6.99 -18.37
C LYS B 37 20.11 -8.44 -18.63
N GLU B 38 19.60 -9.01 -19.71
CA GLU B 38 19.88 -10.38 -20.08
C GLU B 38 20.16 -10.51 -21.59
N TRP B 39 21.15 -11.32 -21.93
CA TRP B 39 21.63 -11.49 -23.29
C TRP B 39 21.74 -13.00 -23.53
N ALA B 40 21.20 -13.50 -24.64
CA ALA B 40 21.28 -14.94 -24.89
C ALA B 40 21.26 -15.37 -26.36
N GLN B 41 22.00 -16.46 -26.61
CA GLN B 41 22.04 -17.11 -27.92
C GLN B 41 21.10 -18.30 -27.89
N GLY B 42 20.48 -18.59 -29.03
CA GLY B 42 19.71 -19.79 -29.12
C GLY B 42 19.74 -20.38 -30.51
N PHE B 43 19.63 -21.70 -30.53
CA PHE B 43 19.75 -22.44 -31.76
C PHE B 43 18.62 -23.43 -31.76
N ILE B 44 17.94 -23.53 -32.88
CA ILE B 44 16.91 -24.52 -32.99
C ILE B 44 17.02 -25.23 -34.33
N ALA B 45 17.37 -26.51 -34.25
CA ALA B 45 17.54 -27.35 -35.42
C ALA B 45 16.27 -28.15 -35.61
N THR B 46 15.74 -28.13 -36.84
CA THR B 46 14.50 -28.82 -37.13
C THR B 46 14.62 -29.68 -38.37
N PHE B 47 14.35 -30.97 -38.22
CA PHE B 47 14.35 -31.86 -39.37
C PHE B 47 12.97 -32.46 -39.64
N GLN B 48 12.61 -32.56 -40.91
CA GLN B 48 11.37 -33.24 -41.25
C GLN B 48 11.58 -34.18 -42.43
N SER B 49 11.23 -35.45 -42.21
CA SER B 49 11.33 -36.44 -43.25
C SER B 49 10.32 -36.19 -44.36
N GLY B 50 10.55 -36.80 -45.51
CA GLY B 50 9.48 -36.96 -46.46
C GLY B 50 8.57 -38.05 -45.93
N TYR B 51 7.75 -38.62 -46.81
CA TYR B 51 6.88 -39.71 -46.42
C TYR B 51 7.11 -40.94 -47.27
N THR B 52 7.15 -42.10 -46.64
CA THR B 52 7.12 -43.34 -47.41
C THR B 52 5.76 -43.40 -48.09
N PRO B 53 5.73 -43.84 -49.34
CA PRO B 53 4.47 -43.94 -50.09
C PRO B 53 3.74 -45.26 -49.79
N GLY B 54 2.63 -45.53 -50.48
CA GLY B 54 1.74 -44.51 -51.02
C GLY B 54 0.60 -44.11 -50.09
N VAL B 55 -0.22 -45.10 -49.71
CA VAL B 55 -1.51 -44.80 -49.10
C VAL B 55 -1.44 -44.46 -47.63
N VAL B 56 -0.68 -45.23 -46.88
CA VAL B 56 -0.39 -44.91 -45.49
C VAL B 56 1.09 -44.65 -45.41
N GLY B 57 1.48 -43.40 -45.22
CA GLY B 57 2.88 -43.03 -45.26
C GLY B 57 3.52 -42.93 -43.90
N PHE B 58 4.83 -43.03 -43.87
CA PHE B 58 5.54 -42.97 -42.61
C PHE B 58 6.66 -41.99 -42.74
N GLY B 59 6.91 -41.25 -41.66
CA GLY B 59 8.02 -40.33 -41.64
C GLY B 59 8.50 -40.05 -40.24
N VAL B 60 9.46 -39.15 -40.16
CA VAL B 60 9.98 -38.73 -38.87
C VAL B 60 10.25 -37.22 -38.78
N ASP B 61 9.91 -36.64 -37.63
CA ASP B 61 10.25 -35.25 -37.33
C ASP B 61 11.13 -35.20 -36.10
N ALA B 62 12.15 -34.36 -36.14
CA ALA B 62 13.09 -34.27 -35.01
C ALA B 62 13.66 -32.87 -34.84
N TYR B 63 13.86 -32.46 -33.59
CA TYR B 63 14.42 -31.14 -33.31
C TYR B 63 15.47 -31.23 -32.22
N GLY B 64 16.30 -30.20 -32.16
CA GLY B 64 17.14 -30.02 -30.99
C GLY B 64 17.34 -28.54 -30.74
N MET B 65 17.49 -28.22 -29.47
CA MET B 65 17.42 -26.85 -29.00
C MET B 65 18.51 -26.56 -28.01
N LEU B 66 19.32 -25.55 -28.29
CA LEU B 66 20.33 -25.08 -27.36
C LEU B 66 20.11 -23.60 -27.06
N GLY B 67 20.36 -23.20 -25.83
CA GLY B 67 20.48 -21.78 -25.54
C GLY B 67 21.44 -21.53 -24.40
N LEU B 68 22.09 -20.38 -24.46
CA LEU B 68 23.20 -20.06 -23.56
C LEU B 68 23.11 -18.59 -23.17
N LYS B 69 23.13 -18.30 -21.87
CA LYS B 69 23.13 -16.90 -21.43
C LYS B 69 24.52 -16.29 -21.56
N LEU B 70 24.59 -15.03 -21.96
CA LEU B 70 25.87 -14.38 -22.18
C LEU B 70 26.14 -13.26 -21.16
N GLY B 91 12.12 -26.43 -11.65
CA GLY B 91 13.05 -27.55 -11.60
C GLY B 91 13.69 -27.81 -12.95
N TYR B 92 13.01 -27.40 -14.02
CA TYR B 92 13.63 -27.21 -15.33
C TYR B 92 13.05 -25.92 -15.92
N GLU B 93 13.91 -24.93 -16.14
CA GLU B 93 13.45 -23.64 -16.64
C GLU B 93 14.34 -23.09 -17.76
N SER B 94 13.79 -22.91 -18.97
CA SER B 94 14.56 -22.55 -20.17
C SER B 94 15.10 -21.11 -20.13
N GLY B 95 15.87 -20.69 -21.13
CA GLY B 95 16.59 -19.40 -21.09
C GLY B 95 15.66 -18.16 -21.22
N LYS B 96 16.18 -16.96 -21.48
CA LYS B 96 16.10 -15.91 -20.50
C LYS B 96 14.90 -15.90 -19.55
N ALA B 97 15.22 -15.66 -18.27
CA ALA B 97 14.33 -15.92 -17.12
C ALA B 97 13.83 -14.67 -16.36
N PRO B 98 21.42 -20.54 -14.21
CA PRO B 98 21.64 -21.70 -15.10
C PRO B 98 22.12 -21.25 -16.47
N ASP B 99 23.40 -21.46 -16.75
CA ASP B 99 24.06 -20.87 -17.91
C ASP B 99 23.68 -21.43 -19.28
N GLU B 100 23.39 -22.72 -19.34
CA GLU B 100 22.99 -23.34 -20.59
C GLU B 100 21.66 -24.05 -20.46
N PHE B 101 21.01 -24.28 -21.58
CA PHE B 101 19.85 -25.16 -21.62
C PHE B 101 19.93 -25.94 -22.92
N SER B 102 19.40 -27.17 -22.92
CA SER B 102 19.27 -27.90 -24.16
C SER B 102 18.12 -28.89 -24.12
N SER B 103 17.57 -29.17 -25.29
CA SER B 103 16.53 -30.17 -25.43
C SER B 103 16.49 -30.68 -26.87
N GLY B 104 15.91 -31.86 -27.05
CA GLY B 104 15.79 -32.49 -28.34
C GLY B 104 14.75 -33.59 -28.24
N GLY B 105 14.15 -33.93 -29.37
CA GLY B 105 13.17 -35.01 -29.39
C GLY B 105 12.82 -35.37 -30.82
N ALA B 106 11.90 -36.31 -30.96
CA ALA B 106 11.48 -36.77 -32.28
C ALA B 106 10.08 -37.33 -32.24
N ALA B 107 9.41 -37.35 -33.38
CA ALA B 107 8.09 -37.97 -33.46
C ALA B 107 7.89 -38.75 -34.76
N LEU B 108 7.10 -39.81 -34.64
CA LEU B 108 6.67 -40.63 -35.76
C LEU B 108 5.51 -39.93 -36.48
N LYS B 109 5.63 -39.79 -37.81
CA LYS B 109 4.52 -39.28 -38.61
C LYS B 109 3.88 -40.41 -39.38
N ILE B 110 2.55 -40.47 -39.33
CA ILE B 110 1.80 -41.38 -40.16
C ILE B 110 0.72 -40.60 -40.90
N ARG B 111 0.82 -40.57 -42.22
CA ARG B 111 -0.10 -39.77 -43.00
C ARG B 111 -1.00 -40.61 -43.91
N ALA B 112 -2.30 -40.45 -43.73
CA ALA B 112 -3.26 -41.08 -44.61
C ALA B 112 -4.48 -40.17 -44.79
N PHE B 113 -4.96 -40.13 -46.03
CA PHE B 113 -6.09 -39.31 -46.46
C PHE B 113 -6.07 -37.94 -45.82
N ASP B 114 -5.04 -37.15 -46.10
CA ASP B 114 -4.98 -35.77 -45.62
C ASP B 114 -5.12 -35.67 -44.11
N THR B 115 -4.80 -36.75 -43.41
CA THR B 115 -4.76 -36.74 -41.97
C THR B 115 -3.35 -37.09 -41.60
N GLU B 116 -2.83 -36.37 -40.63
CA GLU B 116 -1.46 -36.59 -40.22
C GLU B 116 -1.44 -36.74 -38.72
N LEU B 117 -0.78 -37.79 -38.27
CA LEU B 117 -0.79 -38.19 -36.88
C LEU B 117 0.65 -38.17 -36.39
N LYS B 118 0.89 -37.43 -35.31
CA LYS B 118 2.24 -37.23 -34.79
C LYS B 118 2.35 -37.87 -33.42
N LEU B 119 3.28 -38.82 -33.27
CA LEU B 119 3.49 -39.49 -31.99
C LEU B 119 4.93 -39.30 -31.53
N GLY B 120 5.10 -38.56 -30.45
CA GLY B 120 6.44 -38.15 -30.03
C GLY B 120 6.49 -36.73 -29.43
N ASP B 121 7.70 -36.18 -29.41
CA ASP B 121 7.90 -34.80 -29.03
C ASP B 121 7.62 -33.90 -30.22
N GLN B 122 6.85 -32.84 -29.99
CA GLN B 122 6.42 -31.97 -31.07
C GLN B 122 6.07 -30.57 -30.55
N PHE B 123 6.11 -29.61 -31.47
CA PHE B 123 5.65 -28.24 -31.23
C PHE B 123 4.13 -28.12 -31.39
N LEU B 124 3.54 -27.13 -30.74
CA LEU B 124 2.12 -26.89 -30.92
C LEU B 124 1.73 -25.42 -30.81
N SER B 125 0.86 -24.98 -31.70
CA SER B 125 0.20 -23.71 -31.48
C SER B 125 -1.28 -23.80 -31.80
N ASN B 126 -2.11 -23.69 -30.76
CA ASN B 126 -3.52 -23.47 -30.98
C ASN B 126 -4.13 -22.69 -29.80
N PRO B 127 -5.42 -22.34 -29.93
CA PRO B 127 -6.01 -21.47 -28.92
C PRO B 127 -5.96 -22.04 -27.52
N VAL B 128 -6.04 -23.36 -27.40
CA VAL B 128 -5.97 -23.96 -26.06
C VAL B 128 -4.59 -24.49 -25.62
N VAL B 129 -3.65 -24.66 -26.55
CA VAL B 129 -2.27 -25.02 -26.19
C VAL B 129 -1.20 -24.43 -27.12
N ALA B 130 -0.16 -23.85 -26.53
CA ALA B 130 0.96 -23.40 -27.33
C ALA B 130 2.26 -23.36 -26.54
N GLY B 131 3.35 -23.61 -27.27
CA GLY B 131 4.70 -23.38 -26.79
C GLY B 131 4.95 -21.95 -26.34
N GLY B 132 4.22 -21.01 -26.95
CA GLY B 132 4.24 -19.58 -26.65
C GLY B 132 5.27 -18.82 -27.48
N GLU B 133 4.91 -17.64 -27.97
CA GLU B 133 5.80 -16.93 -28.91
C GLU B 133 6.65 -15.83 -28.28
N SER B 134 6.49 -15.61 -26.98
CA SER B 134 7.11 -14.46 -26.28
C SER B 134 8.55 -14.69 -25.85
N ARG B 135 8.94 -15.96 -25.74
CA ARG B 135 10.23 -16.27 -25.13
C ARG B 135 11.15 -16.93 -26.14
N MET B 136 12.46 -16.82 -25.91
CA MET B 136 13.47 -17.33 -26.85
C MET B 136 13.16 -18.71 -27.40
N LEU B 137 13.12 -19.72 -26.52
CA LEU B 137 12.75 -21.09 -26.93
C LEU B 137 11.32 -21.50 -26.56
N PRO B 138 10.58 -22.04 -27.53
CA PRO B 138 9.23 -22.58 -27.29
C PRO B 138 9.27 -23.82 -26.41
N GLN B 139 8.17 -24.11 -25.72
CA GLN B 139 8.00 -25.40 -25.06
C GLN B 139 7.51 -26.46 -26.04
N THR B 140 7.80 -27.72 -25.73
CA THR B 140 7.45 -28.82 -26.61
C THR B 140 6.51 -29.74 -25.86
N PHE B 141 5.86 -30.64 -26.58
CA PHE B 141 4.87 -31.51 -25.96
C PHE B 141 5.08 -32.95 -26.39
N ARG B 142 4.94 -33.85 -25.42
CA ARG B 142 5.09 -35.28 -25.67
C ARG B 142 3.69 -35.89 -25.68
N GLY B 143 3.35 -36.56 -26.78
CA GLY B 143 2.00 -37.10 -26.91
C GLY B 143 1.58 -37.36 -28.32
N VAL B 144 0.27 -37.33 -28.54
CA VAL B 144 -0.35 -37.53 -29.85
C VAL B 144 -1.07 -36.28 -30.37
N SER B 145 -0.88 -35.97 -31.66
CA SER B 145 -1.67 -34.93 -32.30
C SER B 145 -2.25 -35.46 -33.61
N LEU B 146 -3.51 -35.14 -33.85
CA LEU B 146 -4.20 -35.57 -35.05
C LEU B 146 -4.58 -34.31 -35.85
N THR B 147 -4.23 -34.28 -37.13
CA THR B 147 -4.59 -33.14 -37.96
C THR B 147 -5.14 -33.54 -39.32
N ASN B 148 -6.42 -33.25 -39.53
CA ASN B 148 -7.03 -33.48 -40.83
C ASN B 148 -7.25 -32.21 -41.65
N ASN B 149 -6.78 -32.20 -42.88
CA ASN B 149 -7.33 -31.28 -43.85
C ASN B 149 -7.87 -32.04 -45.04
N SER B 150 -9.12 -32.48 -44.99
CA SER B 150 -9.63 -33.26 -46.11
C SER B 150 -10.40 -32.35 -47.04
N PHE B 151 -10.71 -31.17 -46.52
CA PHE B 151 -11.51 -30.19 -47.21
C PHE B 151 -10.76 -28.90 -47.19
N GLU B 152 -10.48 -28.35 -48.36
CA GLU B 152 -9.94 -27.01 -48.42
C GLU B 152 -10.98 -26.18 -47.70
N ASP B 153 -10.52 -25.35 -46.76
CA ASP B 153 -11.36 -24.56 -45.85
C ASP B 153 -11.69 -25.15 -44.46
N LEU B 154 -11.30 -26.38 -44.20
CA LEU B 154 -11.57 -26.96 -42.90
C LEU B 154 -10.36 -27.68 -42.34
N THR B 155 -9.87 -27.23 -41.19
CA THR B 155 -8.86 -28.00 -40.48
C THR B 155 -9.42 -28.58 -39.18
N LEU B 156 -9.22 -29.88 -38.97
CA LEU B 156 -9.61 -30.47 -37.69
C LEU B 156 -8.39 -30.93 -36.93
N THR B 157 -8.40 -30.73 -35.61
CA THR B 157 -7.32 -31.26 -34.78
C THR B 157 -7.80 -31.91 -33.46
N ALA B 158 -7.06 -32.94 -33.05
CA ALA B 158 -7.26 -33.52 -31.72
C ALA B 158 -5.90 -33.84 -31.13
N GLY B 159 -5.82 -33.94 -29.81
CA GLY B 159 -4.55 -34.28 -29.19
C GLY B 159 -4.61 -34.68 -27.73
N GLN B 160 -3.61 -35.45 -27.32
CA GLN B 160 -3.32 -35.74 -25.92
C GLN B 160 -1.83 -35.68 -25.71
N VAL B 161 -1.40 -34.79 -24.82
CA VAL B 161 0.00 -34.61 -24.59
C VAL B 161 0.31 -34.34 -23.13
N SER B 162 1.59 -34.23 -22.85
CA SER B 162 2.04 -33.87 -21.53
C SER B 162 3.23 -32.96 -21.76
N PHE B 163 3.53 -32.14 -20.76
CA PHE B 163 4.63 -31.19 -20.83
C PHE B 163 5.01 -30.86 -19.40
N THR B 164 6.15 -30.21 -19.21
CA THR B 164 6.62 -30.07 -17.85
C THR B 164 6.22 -28.72 -17.27
N LYS B 165 7.09 -27.73 -17.37
CA LYS B 165 6.85 -26.35 -16.95
C LYS B 165 8.16 -25.63 -17.21
N TYR B 166 8.09 -24.35 -17.53
CA TYR B 166 9.10 -23.83 -18.43
C TYR B 166 9.78 -22.49 -18.18
N TYR B 167 9.03 -21.42 -18.35
CA TYR B 167 9.63 -20.18 -18.83
C TYR B 167 9.72 -19.02 -17.84
N ASN B 168 8.59 -18.49 -17.41
CA ASN B 168 8.58 -17.28 -16.58
C ASN B 168 7.30 -17.21 -15.74
N ASP B 187 5.11 -31.63 -10.95
CA ASP B 187 5.91 -32.37 -11.92
C ASP B 187 5.58 -32.01 -13.37
N SER B 188 4.53 -32.63 -13.92
CA SER B 188 4.16 -32.33 -15.31
C SER B 188 2.65 -32.36 -15.61
N HIS B 189 2.22 -31.46 -16.47
CA HIS B 189 0.82 -31.35 -16.82
C HIS B 189 0.38 -32.35 -17.87
N HIS B 190 -0.92 -32.62 -17.90
CA HIS B 190 -1.55 -33.35 -18.99
C HIS B 190 -2.71 -32.55 -19.60
N LEU B 191 -2.73 -32.50 -20.93
CA LEU B 191 -3.78 -31.78 -21.66
C LEU B 191 -4.20 -32.53 -22.94
N SER B 192 -5.50 -32.54 -23.17
CA SER B 192 -6.06 -33.13 -24.39
C SER B 192 -7.00 -32.08 -24.96
N TRP B 193 -7.04 -31.99 -26.29
CA TRP B 193 -7.87 -30.98 -26.92
C TRP B 193 -8.57 -31.54 -28.16
N LEU B 194 -9.70 -30.94 -28.49
CA LEU B 194 -10.38 -31.16 -29.77
C LEU B 194 -10.74 -29.78 -30.37
N GLY B 195 -10.45 -29.59 -31.66
CA GLY B 195 -10.73 -28.31 -32.27
C GLY B 195 -10.77 -28.25 -33.77
N GLY B 196 -11.31 -27.14 -34.29
CA GLY B 196 -11.41 -26.94 -35.73
C GLY B 196 -11.34 -25.49 -36.15
N THR B 197 -11.02 -25.28 -37.41
CA THR B 197 -10.95 -23.94 -37.97
C THR B 197 -11.63 -23.99 -39.34
N TRP B 198 -12.67 -23.17 -39.52
CA TRP B 198 -13.48 -23.23 -40.75
C TRP B 198 -13.37 -21.95 -41.58
N GLY B 199 -13.09 -22.14 -42.87
CA GLY B 199 -12.94 -21.05 -43.83
C GLY B 199 -14.01 -20.90 -44.90
N GLY B 200 -15.21 -21.45 -44.66
CA GLY B 200 -16.13 -21.76 -45.74
C GLY B 200 -16.72 -20.56 -46.47
N ILE B 201 -16.16 -19.39 -46.17
CA ILE B 201 -16.60 -18.13 -46.74
C ILE B 201 -15.48 -17.46 -47.56
N GLU B 202 -15.72 -16.25 -48.05
CA GLU B 202 -14.67 -15.49 -48.74
C GLU B 202 -13.77 -14.69 -47.79
N GLY B 203 -14.32 -13.73 -47.05
CA GLY B 203 -13.50 -12.94 -46.16
C GLY B 203 -13.56 -13.29 -44.69
N PHE B 204 -13.93 -14.53 -44.37
CA PHE B 204 -14.29 -14.88 -42.99
C PHE B 204 -13.76 -16.26 -42.54
N THR B 205 -13.20 -16.28 -41.32
CA THR B 205 -12.68 -17.51 -40.70
C THR B 205 -13.24 -17.74 -39.30
N SER B 206 -13.53 -18.99 -39.00
CA SER B 206 -14.11 -19.35 -37.71
C SER B 206 -13.25 -20.38 -36.94
N SER B 207 -13.28 -20.32 -35.62
CA SER B 207 -12.61 -21.35 -34.81
C SER B 207 -13.43 -21.81 -33.62
N LEU B 208 -13.37 -23.12 -33.36
CA LEU B 208 -13.95 -23.73 -32.17
C LEU B 208 -12.97 -24.78 -31.61
N TYR B 209 -12.57 -24.60 -30.36
CA TYR B 209 -11.63 -25.51 -29.72
C TYR B 209 -12.06 -25.80 -28.30
N ALA B 210 -11.57 -26.89 -27.73
CA ALA B 210 -11.71 -27.13 -26.29
C ALA B 210 -10.49 -27.88 -25.79
N ALA B 211 -10.22 -27.75 -24.50
CA ALA B 211 -9.15 -28.53 -23.88
C ALA B 211 -9.45 -28.88 -22.43
N GLU B 212 -8.77 -29.91 -21.92
CA GLU B 212 -8.81 -30.20 -20.50
C GLU B 212 -7.37 -30.29 -20.03
N LEU B 213 -7.07 -29.51 -19.02
CA LEU B 213 -5.79 -29.54 -18.37
C LEU B 213 -6.06 -30.17 -17.01
N GLN B 214 -5.61 -31.42 -16.89
CA GLN B 214 -6.11 -32.35 -15.89
C GLN B 214 -6.02 -31.84 -14.48
N ASN B 215 -7.16 -31.89 -13.78
CA ASN B 215 -7.23 -31.43 -12.39
C ASN B 215 -7.10 -29.89 -12.23
N VAL B 216 -6.93 -29.22 -13.35
CA VAL B 216 -6.84 -27.78 -13.36
C VAL B 216 -8.10 -27.16 -13.96
N TRP B 217 -8.29 -27.31 -15.26
CA TRP B 217 -9.42 -26.63 -15.90
C TRP B 217 -9.96 -27.34 -17.16
N LYS B 218 -11.22 -27.08 -17.48
CA LYS B 218 -11.68 -27.27 -18.84
C LYS B 218 -11.75 -25.90 -19.49
N GLN B 219 -11.28 -25.79 -20.73
CA GLN B 219 -11.28 -24.49 -21.40
C GLN B 219 -11.87 -24.53 -22.82
N TYR B 220 -12.83 -23.64 -23.07
CA TYR B 220 -13.46 -23.53 -24.40
C TYR B 220 -13.15 -22.23 -25.13
N TYR B 221 -13.07 -22.30 -26.45
CA TYR B 221 -12.70 -21.14 -27.23
C TYR B 221 -13.39 -21.06 -28.60
N ALA B 222 -13.87 -19.86 -28.89
CA ALA B 222 -14.39 -19.55 -30.22
C ALA B 222 -13.78 -18.26 -30.72
N ASP B 223 -13.72 -18.11 -32.03
CA ASP B 223 -13.35 -16.84 -32.59
C ASP B 223 -14.01 -16.70 -33.98
N VAL B 224 -14.05 -15.45 -34.47
CA VAL B 224 -14.43 -15.14 -35.85
C VAL B 224 -13.52 -14.03 -36.34
N ASP B 225 -13.27 -13.99 -37.64
CA ASP B 225 -12.55 -12.88 -38.25
C ASP B 225 -13.11 -12.58 -39.63
N TYR B 226 -13.47 -11.33 -39.87
CA TYR B 226 -14.02 -10.93 -41.16
C TYR B 226 -13.16 -9.83 -41.76
N THR B 227 -12.80 -9.98 -43.04
CA THR B 227 -12.16 -8.89 -43.76
C THR B 227 -12.95 -8.46 -45.00
N TYR B 228 -13.29 -7.17 -45.05
CA TYR B 228 -14.01 -6.58 -46.17
C TYR B 228 -13.10 -5.57 -46.87
N GLU B 229 -12.86 -5.79 -48.16
CA GLU B 229 -12.10 -4.87 -48.98
C GLU B 229 -13.04 -4.00 -49.81
N ILE B 230 -13.07 -2.69 -49.52
CA ILE B 230 -13.91 -1.78 -50.29
C ILE B 230 -13.21 -1.38 -51.59
N ASP B 231 -12.21 -0.51 -51.47
CA ASP B 231 -11.44 -0.04 -52.61
C ASP B 231 -10.21 -0.92 -52.69
N ASP B 232 -9.31 -0.57 -53.60
CA ASP B 232 -8.01 -1.24 -53.65
C ASP B 232 -7.15 -0.55 -52.59
N ASN B 233 -7.79 0.35 -51.86
CA ASN B 233 -7.13 1.09 -50.79
C ASN B 233 -7.70 0.79 -49.40
N TRP B 234 -8.99 1.08 -49.22
CA TRP B 234 -9.62 0.92 -47.91
C TRP B 234 -10.09 -0.51 -47.60
N SER B 235 -9.90 -0.94 -46.35
CA SER B 235 -10.38 -2.26 -45.89
C SER B 235 -10.84 -2.26 -44.42
N LEU B 236 -11.85 -3.07 -44.11
CA LEU B 236 -12.29 -3.24 -42.72
C LEU B 236 -12.03 -4.66 -42.21
N ASN B 237 -11.64 -4.77 -40.94
CA ASN B 237 -11.40 -6.07 -40.31
C ASN B 237 -11.98 -6.16 -38.89
N PRO B 238 -13.29 -6.44 -38.80
CA PRO B 238 -13.93 -6.76 -37.53
C PRO B 238 -13.61 -8.22 -37.09
N GLY B 239 -13.45 -8.43 -35.79
CA GLY B 239 -13.22 -9.78 -35.29
C GLY B 239 -13.33 -9.92 -33.78
N ALA B 240 -13.68 -11.13 -33.33
CA ALA B 240 -13.80 -11.42 -31.90
C ALA B 240 -13.16 -12.76 -31.44
N HIS B 241 -12.63 -12.74 -30.22
CA HIS B 241 -12.10 -13.89 -29.52
C HIS B 241 -12.91 -14.16 -28.24
N TYR B 242 -13.24 -15.44 -28.01
CA TYR B 242 -13.97 -15.87 -26.81
C TYR B 242 -13.38 -17.10 -26.10
N TYR B 243 -13.18 -16.98 -24.78
CA TYR B 243 -12.64 -18.09 -23.94
C TYR B 243 -13.51 -18.41 -22.72
N LYS B 244 -14.01 -19.64 -22.63
CA LYS B 244 -14.67 -20.04 -21.38
C LYS B 244 -13.76 -20.97 -20.58
N THR B 245 -13.68 -20.73 -19.27
CA THR B 245 -12.79 -21.52 -18.44
C THR B 245 -13.44 -21.99 -17.15
N VAL B 246 -13.38 -23.30 -16.90
CA VAL B 246 -13.95 -23.85 -15.69
C VAL B 246 -12.92 -24.72 -14.98
N ASP B 247 -13.05 -24.85 -13.67
CA ASP B 247 -12.13 -25.74 -12.95
C ASP B 247 -12.47 -27.22 -13.18
N SER B 248 -11.45 -28.08 -13.14
CA SER B 248 -11.64 -29.48 -13.48
C SER B 248 -10.99 -30.44 -12.49
N GLY B 249 -11.56 -31.63 -12.38
CA GLY B 249 -11.00 -32.66 -11.53
C GLY B 249 -10.76 -32.21 -10.10
N ASP B 250 -9.52 -32.33 -9.66
CA ASP B 250 -9.18 -31.96 -8.30
C ASP B 250 -9.14 -30.45 -8.08
N SER B 251 -9.24 -29.67 -9.16
CA SER B 251 -9.36 -28.22 -9.04
C SER B 251 -8.17 -27.63 -8.28
N LEU B 252 -6.97 -27.91 -8.77
CA LEU B 252 -5.75 -27.51 -8.09
C LEU B 252 -5.56 -26.00 -7.97
N LEU B 253 -6.18 -25.25 -8.87
CA LEU B 253 -6.06 -23.80 -8.81
C LEU B 253 -7.18 -23.14 -7.99
N GLY B 254 -8.11 -23.94 -7.49
CA GLY B 254 -9.33 -23.45 -6.89
C GLY B 254 -10.47 -23.29 -7.89
N ARG B 255 -11.64 -22.88 -7.39
CA ARG B 255 -12.78 -22.75 -8.27
C ARG B 255 -12.46 -21.78 -9.42
N ILE B 256 -12.93 -22.09 -10.63
CA ILE B 256 -12.77 -21.16 -11.75
C ILE B 256 -14.00 -21.05 -12.63
N ASP B 257 -14.57 -19.86 -12.67
CA ASP B 257 -15.68 -19.57 -13.56
C ASP B 257 -15.28 -18.29 -14.26
N ASN B 258 -14.89 -18.41 -15.53
CA ASN B 258 -14.25 -17.29 -16.20
C ASN B 258 -14.71 -17.21 -17.64
N ASN B 259 -15.16 -16.01 -18.03
CA ASN B 259 -15.50 -15.73 -19.41
C ASN B 259 -14.71 -14.53 -19.89
N THR B 260 -14.01 -14.70 -21.01
CA THR B 260 -13.16 -13.64 -21.54
C THR B 260 -13.39 -13.34 -23.02
N TYR B 261 -13.51 -12.04 -23.30
CA TYR B 261 -13.89 -11.53 -24.62
C TYR B 261 -12.78 -10.63 -25.16
N SER B 262 -12.45 -10.79 -26.43
CA SER B 262 -11.56 -9.85 -27.08
C SER B 262 -12.17 -9.37 -28.39
N LEU B 263 -12.38 -8.06 -28.52
CA LEU B 263 -12.90 -7.47 -29.76
C LEU B 263 -11.84 -6.66 -30.49
N HIS B 264 -11.76 -6.80 -31.79
CA HIS B 264 -10.89 -5.94 -32.58
C HIS B 264 -11.60 -5.39 -33.82
N PHE B 265 -11.33 -4.12 -34.12
CA PHE B 265 -11.80 -3.50 -35.36
C PHE B 265 -10.68 -2.71 -36.00
N ALA B 266 -10.45 -3.01 -37.28
CA ALA B 266 -9.26 -2.53 -37.96
C ALA B 266 -9.58 -1.88 -39.32
N VAL B 267 -9.18 -0.63 -39.48
CA VAL B 267 -9.30 0.05 -40.75
C VAL B 267 -7.94 0.05 -41.45
N GLY B 268 -7.83 -0.66 -42.56
CA GLY B 268 -6.66 -0.53 -43.40
C GLY B 268 -6.90 0.52 -44.48
N TYR B 269 -5.90 1.36 -44.73
CA TYR B 269 -5.89 2.21 -45.90
C TYR B 269 -4.51 2.17 -46.52
N ARG B 270 -4.42 1.61 -47.71
CA ARG B 270 -3.13 1.37 -48.34
C ARG B 270 -2.18 0.72 -47.33
N GLN B 271 -1.10 1.42 -46.99
CA GLN B 271 -0.10 0.86 -46.09
C GLN B 271 -0.43 1.10 -44.62
N HIS B 272 -1.37 2.01 -44.35
CA HIS B 272 -1.71 2.37 -42.98
C HIS B 272 -2.71 1.42 -42.35
N THR B 273 -2.52 1.11 -41.08
CA THR B 273 -3.51 0.33 -40.36
C THR B 273 -3.76 0.87 -38.98
N VAL B 274 -5.01 1.26 -38.71
CA VAL B 274 -5.38 1.66 -37.36
C VAL B 274 -6.41 0.66 -36.87
N THR B 275 -6.27 0.30 -35.60
CA THR B 275 -7.03 -0.82 -35.09
C THR B 275 -7.55 -0.52 -33.69
N ALA B 276 -8.83 -0.79 -33.47
CA ALA B 276 -9.43 -0.54 -32.15
C ALA B 276 -9.80 -1.83 -31.43
N VAL B 277 -9.40 -1.95 -30.16
CA VAL B 277 -9.62 -3.17 -29.38
C VAL B 277 -10.37 -3.02 -28.05
N LEU B 278 -11.43 -3.81 -27.87
CA LEU B 278 -12.03 -3.97 -26.53
C LEU B 278 -11.77 -5.36 -25.95
N GLN B 279 -11.43 -5.42 -24.66
CA GLN B 279 -11.23 -6.70 -23.99
C GLN B 279 -11.90 -6.75 -22.60
N LYS B 280 -12.73 -7.77 -22.37
CA LYS B 280 -13.35 -7.95 -21.04
C LYS B 280 -13.13 -9.33 -20.41
N VAL B 281 -12.69 -9.32 -19.15
CA VAL B 281 -12.55 -10.54 -18.36
C VAL B 281 -13.68 -10.61 -17.36
N ASN B 282 -14.61 -11.55 -17.54
CA ASN B 282 -15.69 -11.68 -16.58
C ASN B 282 -15.43 -12.87 -15.65
N GLY B 283 -15.05 -12.57 -14.41
CA GLY B 283 -14.86 -13.59 -13.40
C GLY B 283 -13.86 -13.16 -12.33
N ASN B 284 -13.81 -13.90 -11.22
CA ASN B 284 -12.99 -13.48 -10.07
C ASN B 284 -11.57 -13.98 -10.06
N THR B 285 -11.18 -14.63 -11.15
CA THR B 285 -9.80 -14.96 -11.43
C THR B 285 -9.42 -14.31 -12.74
N PRO B 286 -8.12 -14.05 -12.93
CA PRO B 286 -7.63 -13.51 -14.19
C PRO B 286 -7.80 -14.54 -15.28
N PHE B 287 -7.90 -14.12 -16.54
CA PHE B 287 -7.86 -15.10 -17.61
C PHE B 287 -6.53 -15.88 -17.55
N ASP B 288 -6.57 -17.15 -17.89
CA ASP B 288 -5.37 -17.96 -17.76
C ASP B 288 -5.17 -18.84 -18.97
N TYR B 289 -3.91 -19.04 -19.34
CA TYR B 289 -3.58 -19.94 -20.43
C TYR B 289 -2.13 -20.42 -20.33
N ILE B 290 -1.83 -21.52 -21.00
CA ILE B 290 -0.48 -22.07 -20.93
C ILE B 290 0.48 -21.20 -21.72
N ASN B 291 1.63 -20.89 -21.13
CA ASN B 291 2.72 -20.17 -21.79
C ASN B 291 2.36 -18.78 -22.29
N GLN B 292 2.17 -17.88 -21.34
CA GLN B 292 1.64 -16.55 -21.62
C GLN B 292 2.65 -15.62 -22.25
N GLY B 293 2.10 -14.57 -22.85
CA GLY B 293 2.82 -13.52 -23.54
C GLY B 293 2.71 -13.60 -25.04
N ASP B 294 2.58 -12.41 -25.64
CA ASP B 294 2.41 -12.20 -27.07
C ASP B 294 1.40 -13.13 -27.73
N SER B 295 0.34 -13.46 -27.00
CA SER B 295 -0.72 -14.33 -27.52
C SER B 295 -1.45 -13.81 -28.76
N ILE B 296 -1.68 -14.70 -29.72
CA ILE B 296 -2.38 -14.29 -30.93
C ILE B 296 -3.85 -14.60 -30.82
N PHE B 297 -4.27 -15.09 -29.66
CA PHE B 297 -5.69 -15.35 -29.43
C PHE B 297 -6.36 -14.29 -28.60
N LEU B 298 -5.60 -13.24 -28.28
CA LEU B 298 -6.06 -12.10 -27.49
C LEU B 298 -5.63 -10.78 -28.11
N ASP B 299 -6.58 -9.86 -28.28
CA ASP B 299 -6.31 -8.57 -28.96
C ASP B 299 -5.62 -7.55 -28.04
N ASN B 300 -5.73 -7.76 -26.74
CA ASN B 300 -5.02 -6.96 -25.76
C ASN B 300 -3.75 -7.57 -25.17
N SER B 301 -3.21 -8.62 -25.80
CA SER B 301 -1.96 -9.18 -25.29
C SER B 301 -0.77 -8.32 -25.72
N GLN B 302 -0.06 -7.73 -24.75
CA GLN B 302 0.98 -6.76 -25.10
C GLN B 302 2.38 -7.15 -24.69
N GLN B 303 3.34 -6.33 -25.08
CA GLN B 303 4.72 -6.65 -24.78
C GLN B 303 4.89 -7.05 -23.30
N TYR B 304 4.23 -6.33 -22.40
CA TYR B 304 4.36 -6.63 -20.97
C TYR B 304 3.12 -7.22 -20.32
N SER B 305 2.01 -6.51 -20.42
CA SER B 305 0.83 -7.00 -19.74
C SER B 305 -0.15 -7.62 -20.71
N ASP B 306 -0.90 -8.59 -20.20
CA ASP B 306 -1.96 -9.20 -20.99
C ASP B 306 -3.32 -8.56 -20.77
N PHE B 307 -3.39 -7.59 -19.85
CA PHE B 307 -4.64 -6.85 -19.56
C PHE B 307 -5.80 -7.78 -19.26
N ASN B 308 -5.45 -8.85 -18.56
CA ASN B 308 -6.28 -10.00 -18.28
C ASN B 308 -6.78 -10.19 -16.83
N GLY B 309 -6.54 -9.22 -15.95
CA GLY B 309 -6.84 -9.41 -14.54
C GLY B 309 -8.30 -9.76 -14.29
N PRO B 310 -8.61 -10.21 -13.07
CA PRO B 310 -10.02 -10.57 -12.85
C PRO B 310 -10.94 -9.35 -13.03
N ASN B 311 -11.98 -9.54 -13.83
CA ASN B 311 -13.01 -8.54 -14.00
C ASN B 311 -12.47 -7.27 -14.61
N GLU B 312 -11.34 -7.38 -15.31
CA GLU B 312 -10.73 -6.23 -15.96
C GLU B 312 -11.35 -5.97 -17.33
N LYS B 313 -11.78 -4.71 -17.52
CA LYS B 313 -12.23 -4.22 -18.82
C LYS B 313 -11.09 -3.37 -19.36
N SER B 314 -10.83 -3.47 -20.65
CA SER B 314 -9.66 -2.80 -21.21
C SER B 314 -9.85 -2.43 -22.68
N TRP B 315 -9.00 -1.53 -23.15
CA TRP B 315 -9.02 -1.19 -24.56
C TRP B 315 -7.62 -0.90 -25.05
N LYS B 316 -7.48 -0.85 -26.36
CA LYS B 316 -6.23 -0.46 -26.97
C LYS B 316 -6.51 0.22 -28.30
N LEU B 317 -5.57 1.04 -28.72
CA LEU B 317 -5.65 1.70 -30.00
C LEU B 317 -4.28 1.51 -30.62
N GLN B 318 -4.25 0.96 -31.83
CA GLN B 318 -3.00 0.57 -32.41
C GLN B 318 -2.86 1.09 -33.83
N TYR B 319 -1.61 1.32 -34.23
CA TYR B 319 -1.33 1.88 -35.52
C TYR B 319 -0.16 1.17 -36.12
N ASP B 320 -0.34 0.70 -37.35
CA ASP B 320 0.70 -0.05 -38.04
C ASP B 320 1.05 0.63 -39.34
N TYR B 321 2.34 0.56 -39.70
CA TYR B 321 2.78 1.06 -41.00
C TYR B 321 3.77 0.15 -41.71
N ASP B 322 3.51 -0.09 -42.98
CA ASP B 322 4.38 -0.89 -43.85
C ASP B 322 5.11 0.07 -44.78
N PHE B 323 6.44 0.04 -44.73
CA PHE B 323 7.26 1.02 -45.46
C PHE B 323 7.47 0.64 -46.93
N VAL B 324 6.80 -0.42 -47.36
CA VAL B 324 6.94 -0.97 -48.71
C VAL B 324 6.97 0.09 -49.82
N ALA B 325 5.86 0.79 -50.01
CA ALA B 325 5.73 1.72 -51.13
C ALA B 325 6.61 2.95 -50.93
N LEU B 326 7.09 3.12 -49.70
CA LEU B 326 7.99 4.23 -49.39
C LEU B 326 9.43 3.83 -49.74
N GLY B 327 9.57 2.64 -50.32
CA GLY B 327 10.83 2.23 -50.90
C GLY B 327 11.65 1.26 -50.07
N VAL B 328 11.25 1.07 -48.81
CA VAL B 328 12.01 0.22 -47.90
C VAL B 328 11.18 -0.97 -47.42
N PRO B 329 10.96 -1.97 -48.31
CA PRO B 329 10.17 -3.16 -47.96
C PRO B 329 10.86 -3.99 -46.91
N GLY B 330 10.10 -4.77 -46.15
CA GLY B 330 10.66 -5.57 -45.07
C GLY B 330 10.79 -4.77 -43.79
N LEU B 331 10.61 -3.46 -43.88
CA LEU B 331 10.62 -2.60 -42.71
C LEU B 331 9.19 -2.32 -42.28
N SER B 332 8.89 -2.56 -41.01
CA SER B 332 7.58 -2.25 -40.49
C SER B 332 7.71 -1.57 -39.13
N ALA B 333 6.61 -0.99 -38.66
CA ALA B 333 6.59 -0.31 -37.39
C ALA B 333 5.19 -0.34 -36.82
N SER B 334 5.09 -0.41 -35.50
CA SER B 334 3.81 -0.27 -34.84
C SER B 334 3.88 0.47 -33.50
N ALA B 335 2.80 1.15 -33.16
CA ALA B 335 2.68 1.76 -31.85
C ALA B 335 1.31 1.46 -31.26
N SER B 336 1.28 1.14 -29.97
CA SER B 336 0.03 0.84 -29.28
C SER B 336 -0.16 1.64 -27.96
N TYR B 337 -1.41 1.81 -27.58
CA TYR B 337 -1.73 2.31 -26.26
C TYR B 337 -2.85 1.47 -25.70
N SER B 338 -2.64 0.94 -24.50
CA SER B 338 -3.63 0.09 -23.85
C SER B 338 -3.89 0.60 -22.43
N ARG B 339 -5.15 0.54 -22.03
CA ARG B 339 -5.58 1.02 -20.74
C ARG B 339 -6.55 -0.03 -20.21
N GLY B 340 -6.49 -0.29 -18.92
CA GLY B 340 -7.45 -1.21 -18.32
C GLY B 340 -7.73 -0.89 -16.86
N LYS B 341 -8.86 -1.36 -16.38
CA LYS B 341 -9.27 -1.15 -14.98
C LYS B 341 -9.96 -2.39 -14.37
N LEU B 342 -9.88 -2.51 -13.05
CA LEU B 342 -10.44 -3.69 -12.36
C LEU B 342 -10.37 -3.55 -10.85
N ASP B 343 -11.18 -4.34 -10.16
CA ASP B 343 -11.40 -4.15 -8.73
C ASP B 343 -10.79 -5.31 -7.96
N LEU B 344 -9.67 -5.03 -7.30
CA LEU B 344 -8.89 -6.08 -6.66
C LEU B 344 -9.54 -6.59 -5.39
N THR B 345 -10.62 -5.94 -4.97
CA THR B 345 -11.29 -6.35 -3.75
C THR B 345 -12.18 -7.58 -4.00
N ARG B 346 -12.44 -7.85 -5.27
CA ARG B 346 -13.40 -8.88 -5.64
C ARG B 346 -12.77 -10.27 -5.77
N VAL B 347 -11.46 -10.32 -5.65
CA VAL B 347 -10.72 -11.58 -5.72
C VAL B 347 -10.78 -12.30 -4.37
N ASP B 348 -10.97 -13.61 -4.39
CA ASP B 348 -10.91 -14.43 -3.17
C ASP B 348 -9.47 -14.57 -2.74
N PRO B 349 -9.12 -13.96 -1.61
CA PRO B 349 -7.72 -14.02 -1.16
C PRO B 349 -7.30 -15.44 -0.79
N ASP B 350 -8.25 -16.34 -0.59
CA ASP B 350 -7.94 -17.73 -0.24
C ASP B 350 -7.89 -18.65 -1.46
N SER B 351 -8.08 -18.07 -2.64
CA SER B 351 -8.01 -18.80 -3.88
C SER B 351 -6.62 -19.39 -4.07
N PRO B 352 -6.51 -20.71 -4.07
CA PRO B 352 -5.18 -21.30 -4.10
C PRO B 352 -4.38 -20.84 -5.32
N GLY B 353 -4.99 -20.84 -6.49
CA GLY B 353 -4.26 -20.45 -7.69
C GLY B 353 -4.06 -18.95 -7.83
N TYR B 354 -5.15 -18.23 -7.66
CA TYR B 354 -5.16 -16.80 -7.94
C TYR B 354 -5.20 -15.82 -6.78
N GLY B 355 -5.16 -16.32 -5.56
CA GLY B 355 -5.45 -15.49 -4.39
C GLY B 355 -4.61 -14.23 -4.24
N GLY B 356 -3.44 -14.20 -4.88
CA GLY B 356 -2.54 -13.07 -4.76
C GLY B 356 -2.99 -11.81 -5.49
N TRP B 357 -4.14 -11.88 -6.18
CA TRP B 357 -4.68 -10.70 -6.86
C TRP B 357 -5.49 -9.80 -5.93
N TYR B 358 -5.96 -10.35 -4.82
CA TYR B 358 -6.74 -9.57 -3.89
C TYR B 358 -5.93 -8.43 -3.30
N SER B 359 -6.54 -7.24 -3.24
CA SER B 359 -6.01 -6.12 -2.46
C SER B 359 -7.13 -5.32 -1.79
N ALA B 360 -7.06 -5.16 -0.47
CA ALA B 360 -8.02 -4.30 0.21
C ALA B 360 -7.98 -2.90 -0.40
N ASP B 361 -6.78 -2.49 -0.79
CA ASP B 361 -6.48 -1.14 -1.26
C ASP B 361 -6.59 -1.03 -2.79
N GLY B 362 -7.15 -2.08 -3.39
CA GLY B 362 -7.41 -2.31 -4.81
C GLY B 362 -8.62 -1.49 -5.20
N LYS B 363 -9.66 -2.08 -5.79
CA LYS B 363 -10.83 -1.24 -6.06
C LYS B 363 -10.70 -0.38 -7.30
N ASN B 364 -10.19 0.83 -7.15
CA ASN B 364 -10.01 1.72 -8.28
C ASN B 364 -8.72 1.48 -9.09
N ALA B 365 -8.11 0.34 -8.88
CA ALA B 365 -6.91 -0.08 -9.62
C ALA B 365 -7.03 0.04 -11.15
N LYS B 366 -5.96 0.55 -11.75
CA LYS B 366 -5.88 0.76 -13.18
C LYS B 366 -4.42 0.70 -13.61
N HIS B 367 -4.19 0.43 -14.89
CA HIS B 367 -2.84 0.47 -15.44
C HIS B 367 -2.88 0.77 -16.95
N TRP B 368 -1.72 1.15 -17.49
CA TRP B 368 -1.57 1.32 -18.93
C TRP B 368 -0.21 0.83 -19.45
N GLU B 369 -0.16 0.55 -20.76
CA GLU B 369 1.07 0.20 -21.43
C GLU B 369 1.11 0.93 -22.77
N ARG B 370 2.27 1.51 -23.07
CA ARG B 370 2.50 2.07 -24.41
C ARG B 370 3.63 1.30 -25.07
N ASP B 371 3.31 0.61 -26.18
CA ASP B 371 4.29 -0.20 -26.89
C ASP B 371 4.75 0.42 -28.21
N LEU B 372 6.06 0.52 -28.39
CA LEU B 372 6.65 0.87 -29.69
C LEU B 372 7.38 -0.34 -30.28
N ASP B 373 7.05 -0.68 -31.52
CA ASP B 373 7.61 -1.88 -32.15
C ASP B 373 8.03 -1.65 -33.60
N LEU B 374 9.33 -1.84 -33.87
CA LEU B 374 9.77 -1.91 -35.27
C LEU B 374 10.71 -3.08 -35.58
N GLN B 375 10.69 -3.52 -36.83
CA GLN B 375 11.50 -4.65 -37.25
C GLN B 375 11.91 -4.55 -38.71
N TYR B 376 13.15 -4.96 -38.99
CA TYR B 376 13.61 -5.06 -40.37
C TYR B 376 14.03 -6.48 -40.73
N VAL B 377 13.51 -6.94 -41.86
CA VAL B 377 13.94 -8.19 -42.47
C VAL B 377 14.76 -7.83 -43.71
N VAL B 378 15.96 -8.39 -43.80
CA VAL B 378 16.80 -8.11 -44.95
C VAL B 378 16.22 -8.77 -46.22
N GLN B 379 16.01 -7.95 -47.26
CA GLN B 379 15.30 -8.39 -48.47
C GLN B 379 16.11 -9.18 -49.50
N GLY B 380 17.42 -8.93 -49.55
CA GLY B 380 18.28 -9.59 -50.51
C GLY B 380 19.71 -9.71 -50.01
N GLY B 381 20.59 -10.25 -50.84
CA GLY B 381 21.99 -10.39 -50.46
C GLY B 381 22.25 -11.59 -49.56
N PRO B 382 23.44 -11.63 -48.97
CA PRO B 382 23.92 -12.77 -48.17
C PRO B 382 23.14 -12.93 -46.87
N ALA B 383 22.52 -11.84 -46.44
CA ALA B 383 21.74 -11.81 -45.20
C ALA B 383 20.23 -11.99 -45.40
N LYS B 384 19.81 -12.31 -46.64
CA LYS B 384 18.38 -12.37 -46.92
C LYS B 384 17.66 -13.22 -45.87
N ASP B 385 16.60 -12.65 -45.32
CA ASP B 385 15.80 -13.27 -44.26
C ASP B 385 16.34 -13.00 -42.83
N LEU B 386 17.49 -12.34 -42.73
CA LEU B 386 17.96 -11.90 -41.42
C LEU B 386 17.00 -10.88 -40.82
N SER B 387 16.54 -11.13 -39.59
CA SER B 387 15.53 -10.29 -38.96
C SER B 387 16.05 -9.52 -37.75
N LEU B 388 15.73 -8.23 -37.72
CA LEU B 388 16.00 -7.41 -36.55
C LEU B 388 14.67 -6.87 -36.03
N ARG B 389 14.43 -7.03 -34.73
CA ARG B 389 13.20 -6.52 -34.13
C ARG B 389 13.40 -5.81 -32.77
N LEU B 390 13.03 -4.53 -32.71
CA LEU B 390 13.21 -3.71 -31.51
C LEU B 390 11.87 -3.50 -30.79
N ARG B 391 11.84 -3.76 -29.48
CA ARG B 391 10.60 -3.64 -28.71
C ARG B 391 10.72 -2.80 -27.42
N TRP B 392 10.07 -1.65 -27.39
CA TRP B 392 10.05 -0.81 -26.18
C TRP B 392 8.68 -0.85 -25.55
N ALA B 393 8.58 -1.30 -24.30
CA ALA B 393 7.32 -1.16 -23.57
C ALA B 393 7.41 -0.36 -22.25
N THR B 394 6.42 0.51 -22.05
CA THR B 394 6.27 1.25 -20.80
C THR B 394 4.94 0.85 -20.18
N HIS B 395 5.00 0.42 -18.93
CA HIS B 395 3.81 0.02 -18.20
C HIS B 395 3.78 0.63 -16.80
N ARG B 396 2.66 1.26 -16.47
CA ARG B 396 2.37 1.60 -15.08
C ARG B 396 0.91 1.40 -14.70
N GLY B 397 0.68 1.42 -13.40
CA GLY B 397 -0.65 1.23 -12.87
C GLY B 397 -0.88 2.12 -11.66
N THR B 398 -2.15 2.30 -11.36
CA THR B 398 -2.57 3.23 -10.34
C THR B 398 -3.66 2.56 -9.51
N GLY B 399 -4.15 3.25 -8.49
CA GLY B 399 -5.17 2.70 -7.62
C GLY B 399 -4.70 1.43 -6.93
N GLY B 400 -3.39 1.31 -6.76
CA GLY B 400 -2.83 0.14 -6.12
C GLY B 400 -2.64 -1.05 -7.03
N TYR B 401 -2.77 -0.86 -8.35
CA TYR B 401 -2.47 -1.92 -9.31
C TYR B 401 -1.08 -2.48 -9.02
N SER B 402 -0.25 -1.63 -8.43
CA SER B 402 1.15 -1.92 -8.21
C SER B 402 1.38 -2.94 -7.11
N ALA B 403 0.31 -3.37 -6.45
CA ALA B 403 0.38 -4.47 -5.50
C ALA B 403 0.19 -5.80 -6.24
N VAL B 404 -0.20 -5.71 -7.50
CA VAL B 404 -0.50 -6.87 -8.31
C VAL B 404 0.55 -7.05 -9.40
N ASP B 405 0.75 -6.01 -10.20
CA ASP B 405 1.84 -6.05 -11.16
C ASP B 405 2.76 -4.86 -10.92
N ASN B 406 3.79 -4.71 -11.76
CA ASN B 406 4.81 -3.70 -11.51
C ASN B 406 4.86 -2.60 -12.57
N ASP B 407 5.36 -1.44 -12.16
CA ASP B 407 5.70 -0.38 -13.09
C ASP B 407 7.06 -0.74 -13.70
N ILE B 408 7.11 -0.86 -15.02
CA ILE B 408 8.38 -1.17 -15.65
C ILE B 408 8.61 -0.46 -16.98
N ASP B 409 9.86 -0.48 -17.41
CA ASP B 409 10.24 -0.04 -18.74
C ASP B 409 11.12 -1.10 -19.32
N GLU B 410 10.68 -1.71 -20.41
CA GLU B 410 11.35 -2.87 -20.96
C GLU B 410 11.86 -2.65 -22.37
N TYR B 411 13.09 -3.09 -22.62
CA TYR B 411 13.68 -3.03 -23.94
C TYR B 411 14.08 -4.42 -24.38
N ARG B 412 13.60 -4.86 -25.55
CA ARG B 412 13.98 -6.16 -26.10
C ARG B 412 14.46 -6.04 -27.53
N VAL B 413 15.68 -6.49 -27.79
CA VAL B 413 16.15 -6.64 -29.16
C VAL B 413 16.22 -8.13 -29.52
N ILE B 414 15.71 -8.46 -30.71
CA ILE B 414 15.72 -9.83 -31.20
C ILE B 414 16.28 -9.91 -32.60
N VAL B 415 17.45 -10.54 -32.75
CA VAL B 415 18.02 -10.83 -34.07
C VAL B 415 17.77 -12.28 -34.48
N ASP B 416 17.10 -12.49 -35.61
CA ASP B 416 16.81 -13.84 -36.08
C ASP B 416 17.46 -14.16 -37.43
N TYR B 417 18.27 -15.22 -37.47
CA TYR B 417 18.75 -15.72 -38.76
C TYR B 417 18.35 -17.16 -39.03
N PRO B 418 17.42 -17.36 -39.97
CA PRO B 418 17.11 -18.67 -40.54
C PRO B 418 18.14 -19.16 -41.56
N ILE B 419 18.45 -20.46 -41.53
CA ILE B 419 19.20 -21.09 -42.62
C ILE B 419 18.41 -22.26 -43.19
N ASP B 420 18.31 -22.31 -44.52
CA ASP B 420 17.73 -23.50 -45.13
C ASP B 420 18.91 -24.37 -45.56
N VAL B 421 19.11 -25.43 -44.81
CA VAL B 421 20.06 -26.47 -45.17
C VAL B 421 19.22 -27.64 -45.65
N PHE B 422 19.31 -27.94 -46.94
CA PHE B 422 18.38 -28.88 -47.59
C PHE B 422 17.00 -28.91 -46.92
N LYS C 6 -26.81 34.94 19.61
CA LYS C 6 -26.62 35.98 20.61
C LYS C 6 -27.59 37.15 20.44
N GLU C 7 -27.22 38.12 19.60
CA GLU C 7 -28.00 39.33 19.36
C GLU C 7 -29.17 39.09 18.41
N GLY C 8 -28.86 38.85 17.14
CA GLY C 8 -29.87 38.55 16.15
C GLY C 8 -29.34 38.71 14.75
N PHE C 9 -30.10 38.26 13.76
CA PHE C 9 -29.66 38.43 12.38
C PHE C 9 -29.15 39.87 12.07
N ILE C 10 -29.96 40.91 12.38
CA ILE C 10 -29.49 42.29 12.23
C ILE C 10 -28.48 42.61 13.36
N GLU C 11 -28.94 42.55 14.58
CA GLU C 11 -28.13 42.96 15.72
C GLU C 11 -26.75 42.30 15.71
N GLY C 12 -26.71 41.03 15.28
CA GLY C 12 -25.49 40.24 15.25
C GLY C 12 -24.48 40.57 14.16
N SER C 13 -24.93 41.29 13.14
CA SER C 13 -24.13 41.51 11.94
C SER C 13 -22.83 42.30 12.12
N SER C 14 -21.91 42.07 11.20
CA SER C 14 -20.65 42.80 11.17
C SER C 14 -20.14 42.84 9.73
N LEU C 15 -19.35 43.86 9.41
CA LEU C 15 -18.75 43.96 8.09
C LEU C 15 -17.34 44.52 8.22
N GLN C 16 -16.37 43.85 7.60
CA GLN C 16 -15.00 44.34 7.66
C GLN C 16 -14.50 44.57 6.26
N LEU C 17 -13.54 45.48 6.16
CA LEU C 17 -13.00 45.93 4.90
C LEU C 17 -11.51 45.80 5.02
N LEU C 18 -10.91 44.98 4.17
CA LEU C 18 -9.46 44.84 4.17
C LEU C 18 -8.85 45.56 2.96
N THR C 19 -7.98 46.52 3.26
CA THR C 19 -7.33 47.31 2.24
C THR C 19 -5.90 46.81 2.09
N ARG C 20 -5.48 46.54 0.86
CA ARG C 20 -4.19 45.91 0.63
C ARG C 20 -3.37 46.55 -0.50
N ASN C 21 -2.09 46.81 -0.22
CA ASN C 21 -1.16 47.25 -1.26
C ASN C 21 -0.04 46.25 -1.46
N TYR C 22 0.11 45.77 -2.68
CA TYR C 22 1.04 44.69 -2.96
C TYR C 22 2.11 45.10 -3.98
N TYR C 23 3.37 45.08 -3.55
CA TYR C 23 4.46 45.27 -4.48
C TYR C 23 5.40 44.08 -4.49
N PHE C 24 5.62 43.55 -5.69
CA PHE C 24 6.34 42.29 -5.89
C PHE C 24 7.43 42.45 -6.96
N ASN C 25 8.69 42.35 -6.55
CA ASN C 25 9.84 42.49 -7.47
C ASN C 25 10.67 41.22 -7.60
N HIS C 26 10.94 40.81 -8.83
CA HIS C 26 11.64 39.56 -9.16
C HIS C 26 12.94 39.77 -9.94
N ASP C 27 14.06 39.37 -9.36
CA ASP C 27 15.32 39.30 -10.10
C ASP C 27 15.61 37.87 -10.54
N ARG C 28 15.66 37.65 -11.85
CA ARG C 28 15.95 36.33 -12.41
C ARG C 28 17.31 36.32 -13.11
N SER C 36 10.91 41.27 -13.72
CA SER C 36 9.48 41.53 -13.73
C SER C 36 8.96 42.11 -12.41
N LYS C 37 8.63 43.40 -12.42
CA LYS C 37 8.12 44.09 -11.22
C LYS C 37 6.60 44.31 -11.27
N GLU C 38 5.86 43.84 -10.26
CA GLU C 38 4.41 44.05 -10.21
C GLU C 38 3.90 44.83 -8.98
N TRP C 39 2.88 45.67 -9.19
CA TRP C 39 2.31 46.51 -8.14
C TRP C 39 0.78 46.53 -8.23
N ALA C 40 0.08 46.15 -7.16
CA ALA C 40 -1.38 46.07 -7.23
C ALA C 40 -2.17 46.44 -5.97
N GLN C 41 -3.32 47.08 -6.17
CA GLN C 41 -4.24 47.45 -5.11
C GLN C 41 -5.34 46.39 -4.99
N GLY C 42 -5.77 46.12 -3.78
CA GLY C 42 -6.87 45.19 -3.61
C GLY C 42 -7.65 45.52 -2.36
N PHE C 43 -8.91 45.11 -2.35
CA PHE C 43 -9.70 45.23 -1.14
C PHE C 43 -10.68 44.05 -1.03
N ILE C 44 -11.03 43.70 0.19
CA ILE C 44 -11.89 42.54 0.42
C ILE C 44 -12.95 42.83 1.46
N ALA C 45 -14.20 42.64 1.07
CA ALA C 45 -15.33 43.00 1.92
C ALA C 45 -16.04 41.76 2.47
N THR C 46 -16.01 41.62 3.78
CA THR C 46 -16.64 40.47 4.41
C THR C 46 -17.79 40.90 5.30
N PHE C 47 -18.99 40.45 4.94
CA PHE C 47 -20.14 40.62 5.81
C PHE C 47 -20.58 39.29 6.42
N GLN C 48 -20.83 39.32 7.73
CA GLN C 48 -21.39 38.18 8.43
C GLN C 48 -22.61 38.62 9.22
N SER C 49 -23.76 38.01 8.95
CA SER C 49 -24.95 38.31 9.72
C SER C 49 -24.88 37.74 11.12
N GLY C 50 -25.91 37.97 11.90
CA GLY C 50 -26.10 37.29 13.17
C GLY C 50 -27.11 36.19 12.96
N TYR C 51 -27.74 35.73 14.02
CA TYR C 51 -28.53 34.55 13.83
C TYR C 51 -29.94 34.74 14.27
N THR C 52 -30.87 34.33 13.42
CA THR C 52 -32.29 34.25 13.81
C THR C 52 -32.49 33.45 15.13
N PRO C 53 -33.25 34.00 16.08
CA PRO C 53 -33.30 33.33 17.39
C PRO C 53 -33.93 31.96 17.30
N GLY C 54 -33.75 31.18 18.36
CA GLY C 54 -34.28 29.84 18.46
C GLY C 54 -33.23 28.76 18.39
N VAL C 55 -33.66 27.51 18.55
CA VAL C 55 -32.77 26.35 18.63
C VAL C 55 -31.92 26.19 17.39
N VAL C 56 -32.56 26.24 16.22
CA VAL C 56 -31.83 26.32 14.96
C VAL C 56 -31.77 27.76 14.49
N GLY C 57 -30.57 28.32 14.36
CA GLY C 57 -30.39 29.66 13.79
C GLY C 57 -30.11 29.78 12.31
N PHE C 58 -30.63 30.84 11.69
CA PHE C 58 -30.38 31.10 10.27
C PHE C 58 -29.62 32.40 10.09
N GLY C 59 -28.68 32.38 9.15
CA GLY C 59 -27.72 33.45 8.93
C GLY C 59 -27.30 33.53 7.48
N VAL C 60 -26.56 34.57 7.13
CA VAL C 60 -26.02 34.76 5.77
C VAL C 60 -24.66 35.43 5.87
N ASP C 61 -23.70 34.92 5.10
CA ASP C 61 -22.38 35.56 4.99
C ASP C 61 -22.17 35.93 3.55
N ALA C 62 -21.36 36.96 3.33
CA ALA C 62 -21.15 37.43 1.96
C ALA C 62 -19.86 38.20 1.85
N TYR C 63 -19.40 38.35 0.63
CA TYR C 63 -18.14 38.98 0.41
C TYR C 63 -18.11 39.47 -1.03
N GLY C 64 -17.23 40.45 -1.25
CA GLY C 64 -16.85 40.82 -2.60
C GLY C 64 -15.41 41.27 -2.46
N MET C 65 -14.67 41.09 -3.54
CA MET C 65 -13.22 41.13 -3.53
C MET C 65 -12.82 41.78 -4.83
N LEU C 66 -11.88 42.71 -4.76
CA LEU C 66 -11.38 43.35 -5.97
C LEU C 66 -9.89 43.59 -5.91
N GLY C 67 -9.23 43.52 -7.07
CA GLY C 67 -7.83 43.87 -7.14
C GLY C 67 -7.53 44.44 -8.51
N LEU C 68 -6.51 45.30 -8.56
CA LEU C 68 -6.19 46.07 -9.78
C LEU C 68 -4.69 46.20 -9.94
N LYS C 69 -4.21 45.98 -11.16
CA LYS C 69 -2.79 46.13 -11.47
C LYS C 69 -2.44 47.59 -11.72
N LEU C 70 -1.50 48.12 -10.95
CA LEU C 70 -1.02 49.50 -11.16
C LEU C 70 0.33 49.51 -11.87
N ASP C 99 -5.93 43.22 -16.10
CA ASP C 99 -5.88 44.51 -15.40
C ASP C 99 -6.70 44.57 -14.11
N GLU C 100 -7.88 43.95 -14.13
CA GLU C 100 -8.85 44.10 -13.05
C GLU C 100 -9.47 42.77 -12.67
N PHE C 101 -9.40 42.41 -11.39
CA PHE C 101 -10.07 41.19 -10.94
C PHE C 101 -11.07 41.44 -9.83
N SER C 102 -12.25 40.86 -9.98
CA SER C 102 -13.27 40.98 -8.94
C SER C 102 -14.05 39.68 -8.77
N SER C 103 -14.45 39.42 -7.54
CA SER C 103 -15.40 38.35 -7.25
C SER C 103 -16.28 38.71 -6.06
N GLY C 104 -17.38 37.97 -5.94
CA GLY C 104 -18.25 38.14 -4.81
C GLY C 104 -19.03 36.88 -4.59
N GLY C 105 -19.54 36.72 -3.38
CA GLY C 105 -20.40 35.59 -3.11
C GLY C 105 -21.03 35.63 -1.74
N ALA C 106 -21.78 34.58 -1.45
CA ALA C 106 -22.52 34.49 -0.21
C ALA C 106 -22.76 33.05 0.15
N ALA C 107 -23.10 32.82 1.41
CA ALA C 107 -23.48 31.50 1.89
C ALA C 107 -24.57 31.59 2.94
N LEU C 108 -25.49 30.65 2.86
CA LEU C 108 -26.50 30.44 3.89
C LEU C 108 -25.79 29.84 5.08
N LYS C 109 -26.16 30.23 6.28
CA LYS C 109 -25.58 29.56 7.43
C LYS C 109 -26.63 29.09 8.44
N ILE C 110 -26.35 27.94 9.04
CA ILE C 110 -27.25 27.34 10.04
C ILE C 110 -26.48 26.88 11.26
N ARG C 111 -27.04 27.13 12.43
CA ARG C 111 -26.33 26.85 13.64
C ARG C 111 -27.30 26.19 14.60
N ALA C 112 -26.95 24.99 15.04
CA ALA C 112 -27.70 24.30 16.11
C ALA C 112 -26.81 23.25 16.77
N PHE C 113 -27.13 22.91 18.02
CA PHE C 113 -26.44 21.85 18.71
C PHE C 113 -24.93 22.01 18.56
N ASP C 114 -24.44 23.21 18.80
CA ASP C 114 -23.01 23.52 18.68
C ASP C 114 -22.41 23.14 17.36
N THR C 115 -23.24 23.18 16.32
CA THR C 115 -22.77 22.94 14.96
C THR C 115 -23.14 24.08 14.01
N GLU C 116 -22.15 24.59 13.30
CA GLU C 116 -22.36 25.63 12.30
C GLU C 116 -22.17 25.06 10.92
N LEU C 117 -23.19 25.25 10.12
CA LEU C 117 -23.26 24.72 8.77
C LEU C 117 -23.29 25.89 7.76
N LYS C 118 -22.37 25.91 6.81
CA LYS C 118 -22.32 26.99 5.81
C LYS C 118 -22.45 26.47 4.39
N LEU C 119 -23.50 26.91 3.68
CA LEU C 119 -23.73 26.50 2.29
C LEU C 119 -23.60 27.61 1.26
N GLY C 120 -22.57 27.55 0.42
CA GLY C 120 -22.38 28.56 -0.61
C GLY C 120 -20.92 28.85 -0.88
N ASP C 121 -20.66 30.05 -1.40
CA ASP C 121 -19.29 30.54 -1.53
C ASP C 121 -18.71 30.82 -0.15
N GLN C 122 -17.43 30.54 0.05
CA GLN C 122 -16.83 30.71 1.36
C GLN C 122 -15.33 30.45 1.33
N PHE C 123 -14.66 30.84 2.41
CA PHE C 123 -13.22 30.67 2.55
C PHE C 123 -12.89 29.49 3.47
N LEU C 124 -11.75 28.84 3.21
CA LEU C 124 -11.34 27.71 4.04
C LEU C 124 -9.87 27.80 4.34
N SER C 125 -9.49 27.41 5.55
CA SER C 125 -8.12 27.01 5.81
C SER C 125 -8.10 25.81 6.75
N ASN C 126 -7.73 24.64 6.22
CA ASN C 126 -7.42 23.50 7.07
C ASN C 126 -6.23 22.73 6.50
N PRO C 127 -5.76 21.71 7.21
CA PRO C 127 -4.54 21.11 6.69
C PRO C 127 -4.74 20.52 5.29
N VAL C 128 -5.97 20.12 4.94
CA VAL C 128 -6.21 19.64 3.59
C VAL C 128 -6.85 20.57 2.54
N VAL C 129 -7.31 21.76 2.94
CA VAL C 129 -7.81 22.77 1.98
C VAL C 129 -7.53 24.20 2.40
N ALA C 130 -7.04 24.99 1.48
CA ALA C 130 -6.84 26.38 1.80
C ALA C 130 -6.94 27.27 0.57
N GLY C 131 -7.50 28.48 0.77
CA GLY C 131 -7.52 29.50 -0.28
C GLY C 131 -6.11 30.01 -0.52
N GLY C 132 -5.28 29.84 0.52
CA GLY C 132 -3.87 30.18 0.50
C GLY C 132 -3.58 31.57 1.03
N GLU C 133 -2.49 31.69 1.80
CA GLU C 133 -2.03 32.98 2.32
C GLU C 133 -0.87 33.49 1.48
N SER C 134 -0.47 32.68 0.51
CA SER C 134 0.63 32.99 -0.37
C SER C 134 0.49 34.41 -0.89
N ARG C 135 -0.58 34.66 -1.63
CA ARG C 135 -0.69 35.89 -2.39
C ARG C 135 -1.85 36.82 -2.02
N MET C 136 -1.98 37.90 -2.80
CA MET C 136 -2.90 39.00 -2.51
C MET C 136 -4.35 38.64 -2.25
N LEU C 137 -4.94 37.88 -3.16
CA LEU C 137 -6.33 37.45 -3.01
C LEU C 137 -6.51 35.94 -2.79
N PRO C 138 -7.19 35.57 -1.71
CA PRO C 138 -7.57 34.19 -1.38
C PRO C 138 -8.47 33.59 -2.46
N GLN C 139 -8.33 32.29 -2.69
CA GLN C 139 -9.32 31.55 -3.44
C GLN C 139 -10.52 31.16 -2.58
N THR C 140 -11.64 30.96 -3.24
CA THR C 140 -12.86 30.65 -2.53
C THR C 140 -13.38 29.32 -3.00
N PHE C 141 -14.26 28.75 -2.19
CA PHE C 141 -14.74 27.42 -2.41
C PHE C 141 -16.25 27.41 -2.36
N ARG C 142 -16.86 26.52 -3.15
CA ARG C 142 -18.31 26.46 -3.25
C ARG C 142 -18.83 25.13 -2.76
N GLY C 143 -19.72 25.17 -1.77
CA GLY C 143 -20.25 23.95 -1.20
C GLY C 143 -20.66 24.03 0.24
N VAL C 144 -20.59 22.89 0.92
CA VAL C 144 -20.94 22.82 2.33
C VAL C 144 -19.70 22.66 3.18
N SER C 145 -19.65 23.42 4.26
CA SER C 145 -18.62 23.24 5.26
C SER C 145 -19.33 23.12 6.60
N LEU C 146 -18.81 22.27 7.48
CA LEU C 146 -19.39 22.19 8.83
C LEU C 146 -18.35 22.25 9.93
N THR C 147 -18.77 22.80 11.08
CA THR C 147 -17.93 22.88 12.26
C THR C 147 -18.73 22.50 13.48
N ASN C 148 -18.23 21.55 14.26
CA ASN C 148 -18.89 21.18 15.52
C ASN C 148 -18.02 21.38 16.73
N ASN C 149 -18.60 22.01 17.73
CA ASN C 149 -18.05 22.11 19.08
C ASN C 149 -18.70 21.31 20.23
N SER C 150 -19.54 20.34 19.88
CA SER C 150 -20.28 19.56 20.85
C SER C 150 -19.51 19.04 22.09
N PHE C 151 -18.27 18.58 21.92
CA PHE C 151 -17.50 18.09 23.08
C PHE C 151 -16.30 18.96 23.43
N GLU C 152 -15.94 18.92 24.71
CA GLU C 152 -14.91 19.79 25.29
C GLU C 152 -13.52 19.63 24.67
N ASP C 153 -12.92 20.77 24.31
CA ASP C 153 -11.56 20.82 23.74
C ASP C 153 -11.44 20.23 22.34
N LEU C 154 -12.55 19.70 21.82
CA LEU C 154 -12.56 19.10 20.50
C LEU C 154 -13.34 19.92 19.47
N THR C 155 -12.68 20.24 18.36
CA THR C 155 -13.35 20.84 17.22
C THR C 155 -13.38 19.88 16.03
N LEU C 156 -14.57 19.60 15.50
CA LEU C 156 -14.75 18.71 14.37
C LEU C 156 -15.17 19.47 13.12
N THR C 157 -14.59 19.13 11.97
CA THR C 157 -14.95 19.77 10.71
C THR C 157 -15.10 18.78 9.58
N ALA C 158 -16.02 19.05 8.67
CA ALA C 158 -16.17 18.25 7.46
C ALA C 158 -16.74 19.10 6.37
N GLY C 159 -16.55 18.68 5.11
CA GLY C 159 -17.26 19.29 4.00
C GLY C 159 -16.99 18.76 2.61
N GLN C 160 -17.78 19.27 1.66
CA GLN C 160 -17.57 19.07 0.22
C GLN C 160 -17.56 20.43 -0.49
N VAL C 161 -16.44 20.75 -1.13
CA VAL C 161 -16.43 21.94 -1.94
C VAL C 161 -15.93 21.64 -3.35
N SER C 162 -16.19 22.59 -4.24
CA SER C 162 -15.56 22.60 -5.55
C SER C 162 -14.79 23.91 -5.70
N PHE C 163 -13.86 23.95 -6.64
CA PHE C 163 -13.08 25.14 -6.88
C PHE C 163 -12.34 24.96 -8.20
N THR C 164 -11.57 25.97 -8.60
CA THR C 164 -10.95 26.02 -9.93
C THR C 164 -9.41 25.83 -9.90
N LYS C 165 -8.77 25.79 -11.07
CA LYS C 165 -7.31 25.88 -11.20
C LYS C 165 -6.68 27.24 -10.79
N TYR C 166 -7.39 28.34 -11.02
CA TYR C 166 -7.11 29.64 -10.37
C TYR C 166 -5.71 30.21 -10.63
N SER C 188 -13.30 22.20 -13.00
CA SER C 188 -13.62 22.24 -11.57
C SER C 188 -12.94 21.12 -10.80
N HIS C 189 -12.83 21.29 -9.49
CA HIS C 189 -12.28 20.28 -8.60
C HIS C 189 -13.25 19.99 -7.46
N HIS C 190 -13.61 18.73 -7.27
CA HIS C 190 -14.40 18.33 -6.12
C HIS C 190 -13.45 17.87 -5.02
N LEU C 191 -13.67 18.33 -3.78
CA LEU C 191 -12.85 17.90 -2.65
C LEU C 191 -13.68 17.72 -1.40
N SER C 192 -13.49 16.60 -0.71
CA SER C 192 -14.20 16.30 0.54
C SER C 192 -13.23 16.09 1.68
N TRP C 193 -13.70 16.35 2.89
CA TRP C 193 -12.81 16.23 4.03
C TRP C 193 -13.57 15.97 5.31
N LEU C 194 -12.83 15.43 6.27
CA LEU C 194 -13.31 15.15 7.61
C LEU C 194 -12.09 15.38 8.46
N GLY C 195 -12.27 15.98 9.64
CA GLY C 195 -11.12 16.42 10.40
C GLY C 195 -11.43 16.77 11.83
N GLY C 196 -10.38 16.98 12.62
CA GLY C 196 -10.56 17.34 14.01
C GLY C 196 -9.32 17.98 14.59
N THR C 197 -9.53 18.79 15.64
CA THR C 197 -8.43 19.39 16.39
C THR C 197 -8.75 19.32 17.87
N TRP C 198 -7.80 18.81 18.64
CA TRP C 198 -8.02 18.51 20.06
C TRP C 198 -7.00 19.30 20.89
N GLY C 199 -7.45 19.81 22.03
CA GLY C 199 -6.61 20.59 22.92
C GLY C 199 -7.00 20.44 24.37
N ILE C 201 -5.20 18.66 26.85
CA ILE C 201 -4.17 18.94 27.84
C ILE C 201 -4.11 20.47 28.10
N GLU C 202 -2.93 21.07 28.02
CA GLU C 202 -2.81 22.50 28.31
C GLU C 202 -2.22 23.33 27.16
N GLY C 203 -0.90 23.29 27.01
CA GLY C 203 -0.22 24.02 25.95
C GLY C 203 -0.09 23.15 24.73
N PHE C 204 -0.97 22.15 24.65
CA PHE C 204 -0.88 21.07 23.67
C PHE C 204 -2.07 21.08 22.71
N THR C 205 -1.78 20.83 21.44
CA THR C 205 -2.81 20.74 20.44
C THR C 205 -2.45 19.65 19.43
N SER C 206 -3.47 18.95 18.94
CA SER C 206 -3.23 17.88 17.99
C SER C 206 -4.31 17.88 16.91
N SER C 207 -3.89 17.59 15.68
CA SER C 207 -4.85 17.53 14.57
C SER C 207 -4.79 16.26 13.73
N LEU C 208 -5.96 15.82 13.30
CA LEU C 208 -6.11 14.61 12.52
C LEU C 208 -7.12 14.87 11.39
N TYR C 209 -6.67 14.75 10.14
CA TYR C 209 -7.49 15.14 8.99
C TYR C 209 -7.39 14.17 7.80
N ALA C 210 -8.52 14.02 7.10
CA ALA C 210 -8.62 13.17 5.92
C ALA C 210 -9.43 13.86 4.81
N ALA C 211 -8.86 13.95 3.61
CA ALA C 211 -9.60 14.50 2.48
C ALA C 211 -9.58 13.65 1.21
N GLU C 212 -10.55 13.88 0.33
CA GLU C 212 -10.43 13.31 -0.99
C GLU C 212 -10.59 14.39 -2.08
N LEU C 213 -9.56 14.56 -2.89
CA LEU C 213 -9.68 15.37 -4.08
C LEU C 213 -10.03 14.46 -5.26
N GLN C 214 -11.29 14.54 -5.70
CA GLN C 214 -11.89 13.52 -6.56
C GLN C 214 -11.02 13.17 -7.76
N ASN C 215 -10.79 11.88 -7.96
CA ASN C 215 -10.01 11.34 -9.09
C ASN C 215 -8.55 11.85 -9.16
N VAL C 216 -8.05 12.30 -8.01
CA VAL C 216 -6.67 12.78 -7.93
C VAL C 216 -5.96 12.08 -6.80
N TRP C 217 -6.38 12.32 -5.57
CA TRP C 217 -5.75 11.66 -4.44
C TRP C 217 -6.67 11.48 -3.24
N LYS C 218 -6.14 10.83 -2.22
CA LYS C 218 -6.67 10.94 -0.86
C LYS C 218 -5.51 11.36 -0.02
N GLN C 219 -5.76 12.23 0.95
CA GLN C 219 -4.69 12.78 1.76
C GLN C 219 -5.05 12.72 3.24
N TYR C 220 -4.08 12.32 4.06
CA TYR C 220 -4.30 12.15 5.48
C TYR C 220 -3.28 12.99 6.22
N TYR C 221 -3.73 13.61 7.30
CA TYR C 221 -2.86 14.53 8.02
C TYR C 221 -2.96 14.37 9.53
N ALA C 222 -1.82 14.45 10.19
CA ALA C 222 -1.78 14.52 11.63
C ALA C 222 -0.79 15.59 12.05
N ASP C 223 -1.02 16.19 13.21
CA ASP C 223 0.05 16.97 13.81
C ASP C 223 -0.01 16.98 15.33
N VAL C 224 1.00 17.60 15.92
CA VAL C 224 1.09 17.75 17.37
C VAL C 224 1.82 19.04 17.64
N ASP C 225 1.44 19.73 18.71
CA ASP C 225 2.23 20.87 19.18
C ASP C 225 2.23 21.01 20.69
N TYR C 226 3.43 21.06 21.27
CA TYR C 226 3.56 21.20 22.71
C TYR C 226 4.42 22.42 23.03
N THR C 227 3.92 23.26 23.94
CA THR C 227 4.72 24.36 24.44
C THR C 227 4.90 24.21 25.94
N TYR C 228 6.14 24.36 26.42
CA TYR C 228 6.40 24.21 27.84
C TYR C 228 7.13 25.41 28.38
N GLU C 229 6.57 26.02 29.43
CA GLU C 229 7.25 27.09 30.15
C GLU C 229 8.22 26.49 31.17
N ILE C 230 9.38 27.11 31.33
CA ILE C 230 10.31 26.68 32.37
C ILE C 230 10.54 27.80 33.37
N ASP C 231 11.19 28.85 32.92
CA ASP C 231 11.29 30.10 33.68
C ASP C 231 10.17 31.01 33.25
N ASP C 232 10.23 32.26 33.66
CA ASP C 232 9.40 33.30 33.06
C ASP C 232 10.20 33.77 31.85
N ASN C 233 11.32 33.10 31.63
CA ASN C 233 12.23 33.38 30.53
C ASN C 233 12.17 32.33 29.42
N TRP C 234 12.51 31.09 29.77
CA TRP C 234 12.74 30.04 28.78
C TRP C 234 11.54 29.15 28.45
N SER C 235 11.35 28.92 27.15
CA SER C 235 10.29 28.06 26.67
C SER C 235 10.79 27.05 25.63
N LEU C 236 10.25 25.84 25.69
CA LEU C 236 10.54 24.82 24.69
C LEU C 236 9.28 24.50 23.87
N ASN C 237 9.45 24.41 22.55
CA ASN C 237 8.32 24.11 21.68
C ASN C 237 8.64 23.09 20.57
N PRO C 238 8.53 21.79 20.89
CA PRO C 238 8.59 20.70 19.92
C PRO C 238 7.24 20.53 19.21
N GLY C 239 7.27 20.04 17.97
CA GLY C 239 6.04 19.76 17.26
C GLY C 239 6.33 19.14 15.91
N ALA C 240 5.33 18.51 15.31
CA ALA C 240 5.50 17.84 14.03
C ALA C 240 4.26 17.90 13.14
N HIS C 241 4.49 17.87 11.83
CA HIS C 241 3.42 17.78 10.85
C HIS C 241 3.64 16.54 9.98
N TYR C 242 2.57 15.79 9.73
CA TYR C 242 2.69 14.58 8.90
C TYR C 242 1.55 14.40 7.89
N TYR C 243 1.92 14.31 6.61
CA TYR C 243 0.98 14.05 5.52
C TYR C 243 1.27 12.73 4.80
N LYS C 244 0.21 12.03 4.44
CA LYS C 244 0.29 10.87 3.58
C LYS C 244 -0.65 11.07 2.39
N THR C 245 -0.12 10.92 1.17
CA THR C 245 -0.96 11.06 -0.01
C THR C 245 -0.89 9.85 -0.95
N VAL C 246 -2.06 9.35 -1.33
CA VAL C 246 -2.18 8.24 -2.25
C VAL C 246 -3.09 8.68 -3.37
N ASP C 247 -2.83 8.24 -4.60
CA ASP C 247 -3.70 8.63 -5.71
C ASP C 247 -5.09 8.00 -5.54
N SER C 248 -6.09 8.57 -6.21
CA SER C 248 -7.46 8.13 -6.01
C SER C 248 -8.24 8.11 -7.35
N GLY C 249 -9.35 7.37 -7.37
CA GLY C 249 -10.24 7.37 -8.52
C GLY C 249 -9.57 7.03 -9.84
N ASP C 250 -9.67 7.94 -10.78
CA ASP C 250 -9.04 7.82 -12.08
C ASP C 250 -7.60 8.33 -12.05
N SER C 251 -7.14 8.75 -10.87
CA SER C 251 -5.72 9.06 -10.67
C SER C 251 -5.14 9.93 -11.78
N LEU C 252 -5.76 11.09 -12.03
CA LEU C 252 -5.40 11.94 -13.17
C LEU C 252 -3.98 12.50 -13.10
N LEU C 253 -3.38 12.48 -11.91
CA LEU C 253 -2.00 12.89 -11.78
C LEU C 253 -1.08 11.69 -11.88
N GLY C 254 -1.70 10.52 -12.09
CA GLY C 254 -0.97 9.28 -12.09
C GLY C 254 -0.76 8.81 -10.68
N ARG C 255 0.18 7.87 -10.52
CA ARG C 255 0.41 7.20 -9.26
C ARG C 255 1.04 8.11 -8.21
N ILE C 256 0.51 8.03 -7.00
CA ILE C 256 1.06 8.77 -5.88
C ILE C 256 1.12 7.87 -4.66
N ASP C 257 2.32 7.72 -4.11
CA ASP C 257 2.49 7.24 -2.76
C ASP C 257 3.46 8.21 -2.09
N ASN C 258 2.94 9.03 -1.19
CA ASN C 258 3.74 10.11 -0.63
C ASN C 258 3.62 10.17 0.87
N ASN C 259 4.75 10.25 1.54
CA ASN C 259 4.77 10.45 2.97
C ASN C 259 5.68 11.64 3.26
N THR C 260 5.09 12.72 3.73
CA THR C 260 5.86 13.93 3.99
C THR C 260 5.68 14.36 5.44
N TYR C 261 6.77 14.71 6.09
CA TYR C 261 6.68 15.15 7.48
C TYR C 261 7.66 16.26 7.80
N SER C 262 7.26 17.14 8.70
CA SER C 262 8.13 18.21 9.15
C SER C 262 8.23 18.18 10.68
N LEU C 263 9.42 18.39 11.18
CA LEU C 263 9.65 18.44 12.61
C LEU C 263 10.14 19.82 13.00
N HIS C 264 9.63 20.34 14.11
CA HIS C 264 10.13 21.62 14.58
C HIS C 264 10.43 21.64 16.08
N PHE C 265 11.55 22.24 16.43
CA PHE C 265 11.91 22.48 17.82
C PHE C 265 12.39 23.92 17.96
N ALA C 266 11.66 24.71 18.74
CA ALA C 266 12.00 26.11 18.95
C ALA C 266 12.24 26.41 20.42
N VAL C 267 13.37 27.04 20.71
CA VAL C 267 13.67 27.54 22.05
C VAL C 267 13.50 29.06 22.05
N GLY C 268 12.47 29.54 22.75
CA GLY C 268 12.39 30.96 23.06
C GLY C 268 13.05 31.33 24.38
N TYR C 269 13.70 32.49 24.40
CA TYR C 269 14.18 33.09 25.64
C TYR C 269 13.70 34.55 25.67
N ARG C 270 12.76 34.85 26.55
CA ARG C 270 12.12 36.16 26.53
C ARG C 270 11.59 36.45 25.13
N GLN C 271 12.15 37.49 24.51
CA GLN C 271 11.76 37.92 23.17
C GLN C 271 12.40 37.11 22.04
N HIS C 272 13.59 36.58 22.27
CA HIS C 272 14.29 35.81 21.25
C HIS C 272 13.64 34.48 20.99
N THR C 273 13.56 34.09 19.73
CA THR C 273 13.08 32.77 19.40
C THR C 273 13.99 32.17 18.35
N VAL C 274 14.71 31.12 18.70
CA VAL C 274 15.49 30.39 17.71
C VAL C 274 14.84 29.03 17.49
N THR C 275 14.73 28.65 16.22
CA THR C 275 13.93 27.51 15.86
C THR C 275 14.66 26.63 14.85
N ALA C 276 14.64 25.32 15.07
CA ALA C 276 15.27 24.36 14.16
C ALA C 276 14.26 23.40 13.54
N VAL C 277 14.46 23.07 12.27
CA VAL C 277 13.48 22.32 11.49
C VAL C 277 14.09 21.24 10.59
N LEU C 278 13.46 20.06 10.58
CA LEU C 278 13.77 19.02 9.61
C LEU C 278 12.55 18.75 8.75
N GLN C 279 12.76 18.52 7.46
CA GLN C 279 11.64 18.17 6.58
C GLN C 279 12.03 17.08 5.60
N LYS C 280 11.21 16.04 5.54
CA LYS C 280 11.53 14.90 4.68
C LYS C 280 10.33 14.55 3.83
N VAL C 281 10.51 14.62 2.50
CA VAL C 281 9.49 14.13 1.58
C VAL C 281 9.83 12.72 1.18
N ASN C 282 8.90 11.80 1.41
CA ASN C 282 9.11 10.40 1.06
C ASN C 282 8.24 9.96 -0.09
N GLY C 283 8.84 9.94 -1.27
CA GLY C 283 8.16 9.55 -2.49
C GLY C 283 8.84 10.21 -3.67
N ASN C 284 8.47 9.72 -4.86
CA ASN C 284 9.08 10.12 -6.12
C ASN C 284 8.29 11.24 -6.79
N THR C 285 7.30 11.73 -6.05
CA THR C 285 6.58 12.94 -6.38
C THR C 285 6.82 13.98 -5.28
N PRO C 286 6.76 15.27 -5.63
CA PRO C 286 6.87 16.30 -4.60
C PRO C 286 5.66 16.25 -3.68
N PHE C 287 5.77 16.78 -2.47
CA PHE C 287 4.56 16.97 -1.70
C PHE C 287 3.67 17.93 -2.49
N ASP C 288 2.38 17.62 -2.53
CA ASP C 288 1.48 18.50 -3.24
C ASP C 288 0.30 18.89 -2.36
N TYR C 289 -0.10 20.16 -2.45
CA TYR C 289 -1.32 20.65 -1.78
C TYR C 289 -1.99 21.78 -2.55
N ILE C 290 -3.27 21.97 -2.24
CA ILE C 290 -4.17 22.71 -3.11
C ILE C 290 -3.82 24.17 -3.46
N ASN C 291 -3.60 25.04 -2.47
CA ASN C 291 -3.12 26.38 -2.85
C ASN C 291 -1.74 26.65 -2.32
N GLN C 292 -0.75 26.63 -3.20
CA GLN C 292 0.62 26.47 -2.75
C GLN C 292 1.30 27.76 -2.29
N GLY C 293 2.15 27.60 -1.27
CA GLY C 293 2.97 28.65 -0.70
C GLY C 293 2.56 29.19 0.66
N ASP C 294 3.60 29.49 1.45
CA ASP C 294 3.44 29.95 2.82
C ASP C 294 2.49 29.12 3.68
N SER C 295 2.46 27.82 3.45
CA SER C 295 1.62 26.93 4.26
C SER C 295 1.87 27.04 5.78
N ILE C 296 0.78 26.99 6.52
CA ILE C 296 0.82 26.98 7.97
C ILE C 296 1.20 25.59 8.47
N PHE C 297 0.99 24.60 7.60
CA PHE C 297 1.08 23.17 7.95
C PHE C 297 2.40 22.48 7.62
N LEU C 298 3.37 23.24 7.13
CA LEU C 298 4.72 22.73 6.90
C LEU C 298 5.73 23.69 7.49
N ASP C 299 6.72 23.15 8.19
CA ASP C 299 7.69 23.99 8.89
C ASP C 299 8.76 24.50 7.94
N ASN C 300 8.90 23.85 6.79
CA ASN C 300 9.85 24.33 5.79
C ASN C 300 9.26 25.13 4.63
N SER C 301 7.97 25.47 4.72
CA SER C 301 7.38 26.27 3.65
C SER C 301 7.89 27.71 3.74
N GLN C 302 8.55 28.17 2.69
CA GLN C 302 9.33 29.41 2.71
C GLN C 302 8.82 30.40 1.69
N GLN C 303 9.43 31.58 1.67
CA GLN C 303 8.91 32.66 0.85
C GLN C 303 8.90 32.22 -0.60
N TYR C 304 9.94 31.50 -1.01
CA TYR C 304 10.06 31.13 -2.40
C TYR C 304 9.79 29.67 -2.63
N SER C 305 10.60 28.84 -2.00
CA SER C 305 10.50 27.41 -2.18
C SER C 305 9.77 26.76 -1.02
N ASP C 306 9.06 25.66 -1.32
CA ASP C 306 8.45 24.86 -0.27
C ASP C 306 9.34 23.73 0.18
N PHE C 307 10.55 23.62 -0.39
CA PHE C 307 11.50 22.55 -0.05
C PHE C 307 10.80 21.19 0.00
N ASN C 308 9.83 21.03 -0.89
CA ASN C 308 8.91 19.92 -0.97
C ASN C 308 9.17 18.86 -2.05
N GLY C 309 10.31 18.93 -2.72
CA GLY C 309 10.58 18.02 -3.83
C GLY C 309 10.54 16.52 -3.53
N PRO C 310 10.41 15.69 -4.58
CA PRO C 310 10.42 14.24 -4.42
C PRO C 310 11.68 13.80 -3.68
N ASN C 311 11.52 13.00 -2.64
CA ASN C 311 12.63 12.59 -1.79
C ASN C 311 13.46 13.73 -1.25
N GLU C 312 12.88 14.91 -1.10
CA GLU C 312 13.68 16.02 -0.61
C GLU C 312 13.90 15.95 0.90
N LYS C 313 15.16 16.06 1.29
CA LYS C 313 15.51 16.16 2.69
C LYS C 313 15.97 17.60 2.89
N SER C 314 15.46 18.24 3.94
CA SER C 314 15.70 19.67 4.12
C SER C 314 15.71 20.06 5.59
N TRP C 315 16.46 21.11 5.90
CA TRP C 315 16.47 21.65 7.24
C TRP C 315 16.32 23.17 7.19
N LYS C 316 15.97 23.76 8.34
CA LYS C 316 15.88 25.21 8.45
C LYS C 316 16.32 25.70 9.83
N LEU C 317 17.10 26.77 9.85
CA LEU C 317 17.47 27.43 11.11
C LEU C 317 16.87 28.84 11.09
N GLN C 318 16.09 29.15 12.13
CA GLN C 318 15.31 30.38 12.12
C GLN C 318 15.40 31.18 13.42
N TYR C 319 15.49 32.49 13.27
CA TYR C 319 15.57 33.39 14.42
C TYR C 319 14.49 34.47 14.37
N ASP C 320 13.70 34.54 15.44
CA ASP C 320 12.65 35.54 15.54
C ASP C 320 12.96 36.52 16.66
N TYR C 321 12.72 37.79 16.40
CA TYR C 321 12.79 38.77 17.48
C TYR C 321 11.48 39.53 17.61
N ASP C 322 11.13 39.83 18.85
CA ASP C 322 10.01 40.69 19.18
C ASP C 322 10.59 41.95 19.82
N PHE C 323 10.14 43.12 19.34
CA PHE C 323 10.72 44.39 19.81
C PHE C 323 9.97 45.04 20.96
N VAL C 324 8.95 44.36 21.47
CA VAL C 324 8.11 44.93 22.54
C VAL C 324 8.92 45.54 23.69
N ALA C 325 9.91 44.81 24.18
CA ALA C 325 10.68 45.24 25.34
C ALA C 325 11.84 46.17 24.98
N LEU C 326 11.96 46.49 23.69
CA LEU C 326 12.93 47.48 23.22
C LEU C 326 12.28 48.86 23.00
N GLY C 327 10.99 48.95 23.27
CA GLY C 327 10.28 50.23 23.19
C GLY C 327 9.36 50.34 21.98
N VAL C 328 9.49 49.39 21.06
CA VAL C 328 8.71 49.42 19.83
C VAL C 328 7.85 48.17 19.64
N PRO C 329 6.78 48.04 20.44
CA PRO C 329 5.85 46.91 20.30
C PRO C 329 5.12 47.00 18.98
N GLY C 330 4.89 45.87 18.33
CA GLY C 330 4.29 45.88 17.00
C GLY C 330 5.31 45.71 15.89
N LEU C 331 6.58 45.89 16.24
CA LEU C 331 7.66 45.66 15.28
C LEU C 331 8.26 44.29 15.52
N SER C 332 8.27 43.48 14.48
CA SER C 332 8.93 42.18 14.55
C SER C 332 9.83 41.95 13.35
N ALA C 333 10.80 41.06 13.53
CA ALA C 333 11.66 40.66 12.43
C ALA C 333 12.00 39.18 12.57
N SER C 334 12.28 38.53 11.45
CA SER C 334 12.73 37.13 11.46
C SER C 334 13.71 36.85 10.33
N ALA C 335 14.70 36.02 10.62
CA ALA C 335 15.65 35.60 9.59
C ALA C 335 15.72 34.08 9.50
N SER C 336 15.68 33.56 8.28
CA SER C 336 15.72 32.11 8.09
C SER C 336 16.76 31.68 7.06
N TYR C 337 17.45 30.57 7.37
CA TYR C 337 18.27 29.86 6.38
C TYR C 337 17.78 28.43 6.17
N SER C 338 17.48 28.10 4.92
CA SER C 338 16.95 26.79 4.54
C SER C 338 17.88 26.11 3.56
N ARG C 339 17.93 24.78 3.60
CA ARG C 339 18.73 24.01 2.63
C ARG C 339 18.07 22.67 2.34
N GLY C 340 18.13 22.25 1.08
CA GLY C 340 17.60 20.94 0.73
C GLY C 340 18.36 20.24 -0.39
N LYS C 341 18.26 18.91 -0.39
CA LYS C 341 18.93 18.09 -1.40
C LYS C 341 17.95 17.04 -1.90
N LEU C 342 18.03 16.72 -3.19
CA LEU C 342 17.16 15.71 -3.75
C LEU C 342 17.76 15.08 -5.01
N ASP C 343 17.27 13.89 -5.33
CA ASP C 343 17.73 13.14 -6.49
C ASP C 343 16.67 13.19 -7.57
N LEU C 344 16.92 13.98 -8.61
CA LEU C 344 15.92 14.26 -9.63
C LEU C 344 15.81 13.15 -10.67
N THR C 345 16.66 12.14 -10.51
CA THR C 345 16.70 11.01 -11.42
C THR C 345 15.65 9.95 -11.03
N ARG C 346 15.17 10.03 -9.79
CA ARG C 346 14.27 9.02 -9.23
C ARG C 346 12.81 9.23 -9.61
N VAL C 347 12.54 10.34 -10.28
CA VAL C 347 11.18 10.69 -10.67
C VAL C 347 10.76 10.00 -11.95
N ASP C 348 9.56 9.45 -11.98
CA ASP C 348 9.05 8.82 -13.18
C ASP C 348 8.71 9.90 -14.21
N PRO C 349 9.47 9.96 -15.32
CA PRO C 349 9.19 10.97 -16.36
C PRO C 349 7.86 10.69 -17.06
N ASP C 350 7.30 9.50 -16.85
CA ASP C 350 5.98 9.22 -17.41
C ASP C 350 4.82 9.62 -16.49
N SER C 351 5.12 10.07 -15.27
CA SER C 351 4.12 10.69 -14.41
C SER C 351 3.42 11.84 -15.14
N PRO C 352 2.09 11.73 -15.28
CA PRO C 352 1.35 12.79 -15.97
C PRO C 352 1.40 14.07 -15.13
N GLY C 353 1.28 13.92 -13.81
CA GLY C 353 1.39 15.07 -12.93
C GLY C 353 2.79 15.57 -12.67
N TYR C 354 3.70 14.67 -12.31
CA TYR C 354 5.03 15.08 -11.87
C TYR C 354 6.23 14.87 -12.80
N GLY C 355 5.97 14.37 -14.00
CA GLY C 355 7.05 13.99 -14.92
C GLY C 355 8.05 15.11 -15.22
N GLY C 356 7.65 16.36 -14.96
CA GLY C 356 8.53 17.47 -15.26
C GLY C 356 9.69 17.56 -14.28
N TRP C 357 9.56 16.87 -13.17
CA TRP C 357 10.58 16.91 -12.13
C TRP C 357 11.79 16.03 -12.45
N TYR C 358 11.65 15.12 -13.41
CA TYR C 358 12.77 14.22 -13.74
C TYR C 358 13.88 14.95 -14.49
N SER C 359 15.11 14.73 -14.05
CA SER C 359 16.27 15.19 -14.82
C SER C 359 17.38 14.15 -14.75
N ALA C 360 17.85 13.71 -15.90
CA ALA C 360 18.98 12.79 -15.93
C ALA C 360 20.12 13.45 -15.18
N ASP C 361 20.29 14.75 -15.41
CA ASP C 361 21.44 15.48 -14.89
C ASP C 361 21.31 15.83 -13.41
N GLY C 362 20.10 16.15 -12.95
CA GLY C 362 19.90 16.34 -11.52
C GLY C 362 19.93 15.02 -10.79
N LYS C 363 20.93 14.85 -9.95
CA LYS C 363 21.10 13.64 -9.14
C LYS C 363 21.46 14.10 -7.75
N ASN C 364 22.54 14.87 -7.70
CA ASN C 364 23.05 15.49 -6.48
C ASN C 364 22.40 16.83 -6.16
N ALA C 365 21.32 17.15 -6.87
CA ALA C 365 20.71 18.49 -6.81
C ALA C 365 20.46 18.98 -5.39
N LYS C 366 20.82 20.25 -5.16
CA LYS C 366 20.71 20.89 -3.86
C LYS C 366 20.17 22.30 -4.07
N HIS C 367 19.61 22.90 -3.02
CA HIS C 367 19.23 24.31 -3.05
C HIS C 367 19.10 24.89 -1.65
N TRP C 368 19.09 26.23 -1.57
CA TRP C 368 18.94 26.91 -0.29
C TRP C 368 18.27 28.29 -0.41
N GLU C 369 17.46 28.64 0.58
CA GLU C 369 16.79 29.94 0.61
C GLU C 369 17.17 30.71 1.86
N ARG C 370 17.54 31.98 1.68
CA ARG C 370 17.72 32.88 2.81
C ARG C 370 16.50 33.79 2.89
N ASP C 371 15.84 33.81 4.05
CA ASP C 371 14.61 34.61 4.17
C ASP C 371 14.72 35.77 5.17
N LEU C 372 14.47 36.98 4.68
CA LEU C 372 14.38 38.15 5.55
C LEU C 372 12.94 38.62 5.66
N ASP C 373 12.50 38.85 6.89
CA ASP C 373 11.15 39.33 7.13
C ASP C 373 11.06 40.30 8.30
N LEU C 374 10.50 41.47 8.06
CA LEU C 374 10.12 42.35 9.17
C LEU C 374 8.79 43.04 8.91
N GLN C 375 8.01 43.18 9.97
CA GLN C 375 6.71 43.83 9.88
C GLN C 375 6.45 44.73 11.09
N TYR C 376 5.93 45.92 10.80
CA TYR C 376 5.47 46.81 11.85
C TYR C 376 3.97 47.02 11.72
N VAL C 377 3.29 46.92 12.85
CA VAL C 377 1.88 47.28 12.92
C VAL C 377 1.72 48.52 13.80
N VAL C 378 1.20 49.59 13.21
CA VAL C 378 0.99 50.83 13.96
C VAL C 378 0.09 50.58 15.16
N GLN C 379 0.57 50.97 16.33
CA GLN C 379 -0.06 50.56 17.57
C GLN C 379 -1.09 51.54 18.13
N GLY C 380 -1.24 52.69 17.48
CA GLY C 380 -2.13 53.73 17.96
C GLY C 380 -2.08 54.99 17.11
N GLY C 381 -2.88 55.99 17.49
CA GLY C 381 -2.99 57.21 16.71
C GLY C 381 -3.97 57.01 15.57
N PRO C 382 -4.02 57.94 14.61
CA PRO C 382 -4.96 57.56 13.56
C PRO C 382 -4.31 56.75 12.44
N ALA C 383 -3.31 55.94 12.78
CA ALA C 383 -2.81 54.89 11.90
C ALA C 383 -3.10 53.51 12.47
N LYS C 384 -3.74 53.46 13.63
CA LYS C 384 -3.82 52.23 14.42
C LYS C 384 -4.26 51.11 13.50
N ASP C 385 -3.53 49.99 13.54
CA ASP C 385 -3.84 48.81 12.73
C ASP C 385 -3.33 48.85 11.29
N LEU C 386 -2.70 49.95 10.88
CA LEU C 386 -2.03 49.99 9.59
C LEU C 386 -0.74 49.17 9.67
N SER C 387 -0.61 48.15 8.82
CA SER C 387 0.59 47.29 8.88
C SER C 387 1.50 47.41 7.65
N LEU C 388 2.80 47.40 7.91
CA LEU C 388 3.80 47.40 6.86
C LEU C 388 4.61 46.09 6.91
N ARG C 389 4.65 45.35 5.80
CA ARG C 389 5.45 44.11 5.78
C ARG C 389 6.43 44.03 4.60
N LEU C 390 7.71 43.89 4.95
CA LEU C 390 8.78 43.75 3.96
C LEU C 390 9.30 42.30 3.91
N ARG C 391 9.34 41.74 2.71
CA ARG C 391 9.79 40.36 2.51
C ARG C 391 10.85 40.25 1.43
N TRP C 392 12.04 39.83 1.84
CA TRP C 392 13.16 39.67 0.92
C TRP C 392 13.61 38.21 0.93
N ALA C 393 13.57 37.55 -0.23
CA ALA C 393 14.06 36.16 -0.33
C ALA C 393 15.18 35.97 -1.34
N THR C 394 16.18 35.19 -0.95
CA THR C 394 17.24 34.78 -1.85
C THR C 394 17.22 33.27 -1.98
N HIS C 395 17.14 32.78 -3.21
CA HIS C 395 17.14 31.33 -3.45
C HIS C 395 18.07 30.87 -4.61
N ARG C 396 18.93 29.90 -4.32
CA ARG C 396 19.83 29.36 -5.35
C ARG C 396 19.88 27.83 -5.34
N GLY C 397 19.81 27.23 -6.52
CA GLY C 397 20.04 25.80 -6.67
C GLY C 397 21.39 25.46 -7.26
N THR C 398 21.79 24.19 -7.11
CA THR C 398 23.00 23.67 -7.71
C THR C 398 22.75 22.28 -8.23
N GLY C 399 23.79 21.70 -8.85
CA GLY C 399 23.75 20.30 -9.24
C GLY C 399 22.49 19.88 -9.96
N GLY C 400 22.07 20.68 -10.94
CA GLY C 400 20.90 20.35 -11.73
C GLY C 400 19.58 20.84 -11.17
N TYR C 401 19.61 21.59 -10.07
CA TYR C 401 18.36 22.11 -9.51
C TYR C 401 17.72 23.06 -10.49
N SER C 402 18.57 23.83 -11.15
CA SER C 402 18.15 24.86 -12.07
C SER C 402 17.14 24.38 -13.12
N ALA C 403 17.22 23.12 -13.52
CA ALA C 403 16.34 22.63 -14.57
C ALA C 403 14.94 22.35 -14.00
N VAL C 404 14.79 22.59 -12.71
CA VAL C 404 13.51 22.41 -12.02
C VAL C 404 12.98 23.76 -11.46
N ASP C 405 13.76 24.40 -10.60
CA ASP C 405 13.42 25.73 -10.09
C ASP C 405 14.54 26.75 -10.30
N ASN C 406 14.15 28.01 -10.51
CA ASN C 406 15.08 29.08 -10.85
C ASN C 406 15.89 29.67 -9.69
N ASP C 407 17.02 30.29 -10.04
CA ASP C 407 17.82 31.05 -9.07
C ASP C 407 17.34 32.49 -9.06
N ILE C 408 16.78 32.94 -7.93
CA ILE C 408 16.10 34.24 -7.91
C ILE C 408 16.20 35.03 -6.60
N ASP C 409 16.01 36.34 -6.71
CA ASP C 409 15.90 37.24 -5.56
C ASP C 409 14.52 37.90 -5.60
N GLU C 410 13.70 37.62 -4.60
CA GLU C 410 12.33 38.12 -4.60
C GLU C 410 12.05 39.15 -3.49
N TYR C 411 11.52 40.30 -3.88
CA TYR C 411 11.20 41.34 -2.92
C TYR C 411 9.68 41.59 -2.84
N ARG C 412 9.12 41.49 -1.65
CA ARG C 412 7.69 41.72 -1.46
C ARG C 412 7.45 42.79 -0.41
N VAL C 413 6.64 43.78 -0.75
CA VAL C 413 6.21 44.75 0.26
C VAL C 413 4.70 44.78 0.31
N ILE C 414 4.15 44.62 1.51
CA ILE C 414 2.71 44.55 1.69
C ILE C 414 2.19 45.53 2.75
N VAL C 415 1.43 46.52 2.30
CA VAL C 415 0.78 47.44 3.21
C VAL C 415 -0.66 47.07 3.44
N ASP C 416 -1.00 46.79 4.69
CA ASP C 416 -2.33 46.34 5.04
C ASP C 416 -3.09 47.35 5.92
N TYR C 417 -4.35 47.59 5.54
CA TYR C 417 -5.23 48.47 6.33
C TYR C 417 -6.65 47.95 6.56
N PRO C 418 -6.90 47.35 7.73
CA PRO C 418 -8.26 46.90 8.06
C PRO C 418 -9.21 48.05 8.49
N ILE C 419 -10.48 47.91 8.11
CA ILE C 419 -11.51 48.83 8.58
C ILE C 419 -12.67 48.03 9.16
N ASP C 420 -13.06 48.33 10.39
CA ASP C 420 -14.28 47.71 10.91
C ASP C 420 -15.36 48.69 10.51
N VAL C 421 -16.14 48.37 9.49
CA VAL C 421 -17.17 49.30 9.07
C VAL C 421 -18.47 49.12 9.85
N PHE C 422 -18.64 47.96 10.49
CA PHE C 422 -19.62 47.80 11.59
C PHE C 422 -19.67 46.38 12.17
N LYS D 6 62.19 -21.58 36.10
CA LYS D 6 63.60 -21.78 36.42
C LYS D 6 63.99 -23.16 36.92
N GLU D 7 63.80 -24.19 36.09
CA GLU D 7 64.35 -25.52 36.31
C GLU D 7 65.76 -25.55 35.72
N GLY D 8 65.86 -25.40 34.40
CA GLY D 8 67.13 -25.23 33.74
C GLY D 8 67.03 -25.52 32.25
N PHE D 9 68.07 -25.19 31.51
CA PHE D 9 68.03 -25.44 30.07
C PHE D 9 67.60 -26.88 29.72
N ILE D 10 68.31 -27.90 30.24
CA ILE D 10 67.91 -29.30 30.03
C ILE D 10 66.64 -29.61 30.82
N GLU D 11 66.70 -29.39 32.12
CA GLU D 11 65.58 -29.70 33.01
C GLU D 11 64.25 -29.10 32.55
N GLY D 12 64.30 -27.87 32.03
CA GLY D 12 63.11 -27.13 31.64
C GLY D 12 62.53 -27.47 30.29
N SER D 13 63.20 -28.38 29.58
CA SER D 13 62.82 -28.69 28.21
C SER D 13 61.52 -29.47 28.06
N SER D 14 60.89 -29.32 26.89
CA SER D 14 59.68 -30.03 26.54
C SER D 14 59.66 -30.26 25.03
N LEU D 15 58.95 -31.29 24.60
CA LEU D 15 58.80 -31.53 23.18
C LEU D 15 57.39 -32.04 22.91
N GLN D 16 56.64 -31.38 22.03
CA GLN D 16 55.32 -31.90 21.70
C GLN D 16 55.28 -32.26 20.24
N LEU D 17 54.41 -33.23 19.95
CA LEU D 17 54.29 -33.83 18.64
C LEU D 17 52.80 -33.76 18.30
N LEU D 18 52.47 -33.08 17.20
CA LEU D 18 51.08 -32.91 16.80
C LEU D 18 50.77 -33.70 15.54
N THR D 19 49.88 -34.68 15.69
CA THR D 19 49.48 -35.54 14.59
C THR D 19 48.17 -35.06 14.02
N ARG D 20 48.15 -34.82 12.71
CA ARG D 20 47.01 -34.19 12.05
C ARG D 20 46.57 -34.90 10.77
N ASN D 21 45.30 -35.25 10.70
CA ASN D 21 44.71 -35.81 9.48
C ASN D 21 43.75 -34.84 8.82
N TYR D 22 44.00 -34.52 7.56
CA TYR D 22 43.26 -33.44 6.91
C TYR D 22 42.52 -33.87 5.64
N TYR D 23 41.18 -33.83 5.70
CA TYR D 23 40.37 -34.10 4.54
C TYR D 23 39.49 -32.91 4.16
N PHE D 24 39.58 -32.54 2.89
CA PHE D 24 39.00 -31.30 2.37
C PHE D 24 38.27 -31.61 1.06
N ASN D 25 36.93 -31.48 1.08
CA ASN D 25 36.12 -31.77 -0.11
C ASN D 25 35.33 -30.54 -0.62
N HIS D 26 35.60 -30.16 -1.87
CA HIS D 26 35.02 -28.96 -2.49
C HIS D 26 33.96 -29.27 -3.54
N ASP D 27 32.77 -28.71 -3.38
CA ASP D 27 31.73 -28.81 -4.40
C ASP D 27 31.51 -27.44 -5.07
N ARG D 28 31.90 -27.33 -6.34
CA ARG D 28 31.71 -26.09 -7.09
C ARG D 28 30.60 -26.22 -8.15
N LYS D 37 38.67 -32.79 -4.27
CA LYS D 37 38.86 -33.57 -3.04
C LYS D 37 40.35 -33.76 -2.66
N GLU D 38 40.71 -33.32 -1.45
CA GLU D 38 42.09 -33.38 -0.97
C GLU D 38 42.22 -34.17 0.35
N TRP D 39 43.33 -34.91 0.49
CA TRP D 39 43.58 -35.77 1.66
C TRP D 39 45.04 -35.62 2.06
N ALA D 40 45.32 -35.19 3.29
CA ALA D 40 46.74 -35.03 3.67
C ALA D 40 47.13 -35.36 5.11
N GLN D 41 48.36 -35.85 5.24
CA GLN D 41 48.97 -36.20 6.51
C GLN D 41 49.90 -35.09 6.94
N GLY D 42 49.90 -34.77 8.22
CA GLY D 42 50.84 -33.79 8.71
C GLY D 42 51.21 -34.04 10.15
N PHE D 43 52.40 -33.59 10.51
CA PHE D 43 52.82 -33.65 11.90
C PHE D 43 53.76 -32.49 12.17
N ILE D 44 53.63 -31.91 13.35
CA ILE D 44 54.43 -30.73 13.70
C ILE D 44 55.15 -30.94 15.04
N ALA D 45 56.47 -30.84 15.01
CA ALA D 45 57.29 -31.09 16.20
C ALA D 45 57.82 -29.80 16.79
N THR D 46 57.49 -29.56 18.05
CA THR D 46 57.92 -28.35 18.71
C THR D 46 58.72 -28.66 19.96
N PHE D 47 59.96 -28.16 19.97
CA PHE D 47 60.83 -28.27 21.13
C PHE D 47 61.07 -26.90 21.76
N GLN D 48 61.02 -26.85 23.09
CA GLN D 48 61.36 -25.64 23.82
C GLN D 48 62.27 -25.97 24.99
N SER D 49 63.48 -25.45 24.96
CA SER D 49 64.41 -25.64 26.06
C SER D 49 63.93 -24.89 27.30
N GLY D 50 64.44 -25.24 28.47
CA GLY D 50 64.31 -24.37 29.62
C GLY D 50 65.39 -23.29 29.59
N TYR D 51 65.70 -22.73 30.73
CA TYR D 51 66.55 -21.54 30.69
C TYR D 51 67.75 -21.67 31.57
N THR D 52 68.92 -21.36 31.01
CA THR D 52 70.15 -21.23 31.82
C THR D 52 70.00 -20.27 33.02
N PRO D 53 70.47 -20.69 34.20
CA PRO D 53 70.21 -19.90 35.41
C PRO D 53 70.82 -18.51 35.39
N GLY D 54 70.34 -17.67 36.30
CA GLY D 54 70.81 -16.29 36.42
C GLY D 54 69.80 -15.31 35.90
N VAL D 55 70.11 -14.02 36.12
CA VAL D 55 69.27 -12.88 35.77
C VAL D 55 68.86 -12.86 34.30
N VAL D 56 69.83 -12.94 33.41
CA VAL D 56 69.57 -13.21 32.00
C VAL D 56 69.67 -14.70 31.73
N GLY D 57 68.58 -15.32 31.30
CA GLY D 57 68.57 -16.71 30.86
C GLY D 57 68.66 -16.93 29.37
N PHE D 58 69.26 -18.05 28.95
CA PHE D 58 69.42 -18.34 27.53
C PHE D 58 68.75 -19.65 27.19
N GLY D 59 68.16 -19.73 26.01
CA GLY D 59 67.30 -20.84 25.62
C GLY D 59 67.29 -21.09 24.13
N VAL D 60 66.65 -22.18 23.72
CA VAL D 60 66.49 -22.48 22.30
C VAL D 60 65.15 -23.14 22.09
N ASP D 61 64.43 -22.67 21.07
CA ASP D 61 63.21 -23.30 20.62
C ASP D 61 63.46 -23.77 19.21
N ALA D 62 62.78 -24.84 18.83
CA ALA D 62 63.04 -25.44 17.54
C ALA D 62 61.82 -26.19 17.12
N TYR D 63 61.70 -26.40 15.82
CA TYR D 63 60.54 -27.07 15.30
C TYR D 63 60.93 -27.73 13.99
N GLY D 64 60.16 -28.74 13.62
CA GLY D 64 60.21 -29.29 12.29
C GLY D 64 58.79 -29.75 12.02
N MET D 65 58.44 -29.74 10.75
CA MET D 65 57.06 -29.79 10.31
C MET D 65 57.03 -30.53 8.99
N LEU D 66 56.02 -31.37 8.80
CA LEU D 66 55.93 -32.12 7.57
C LEU D 66 54.47 -32.39 7.23
N GLY D 67 54.16 -32.41 5.95
CA GLY D 67 52.83 -32.82 5.52
C GLY D 67 52.94 -33.48 4.17
N LEU D 68 52.03 -34.41 3.90
CA LEU D 68 52.10 -35.29 2.73
C LEU D 68 50.72 -35.51 2.13
N LYS D 69 50.61 -35.36 0.81
CA LYS D 69 49.33 -35.55 0.14
C LYS D 69 49.04 -37.04 -0.10
N LEU D 70 47.88 -37.48 0.36
CA LEU D 70 47.43 -38.85 0.12
C LEU D 70 46.33 -38.86 -0.95
N ASP D 99 53.98 -33.11 -3.70
CA ASP D 99 53.48 -34.19 -2.85
C ASP D 99 53.97 -34.11 -1.40
N GLU D 100 55.17 -33.58 -1.19
CA GLU D 100 55.74 -33.45 0.14
C GLU D 100 55.99 -32.00 0.52
N PHE D 101 55.65 -31.65 1.76
CA PHE D 101 56.13 -30.39 2.31
C PHE D 101 56.72 -30.60 3.69
N SER D 102 57.89 -30.02 3.90
CA SER D 102 58.54 -30.08 5.19
C SER D 102 59.31 -28.80 5.44
N SER D 103 59.51 -28.49 6.71
CA SER D 103 60.41 -27.43 7.10
C SER D 103 60.79 -27.59 8.56
N GLY D 104 61.67 -26.73 9.01
CA GLY D 104 62.05 -26.75 10.40
C GLY D 104 62.87 -25.52 10.67
N GLY D 105 62.99 -25.17 11.94
CA GLY D 105 63.80 -24.03 12.30
C GLY D 105 64.05 -23.96 13.78
N ALA D 106 64.75 -22.90 14.17
CA ALA D 106 65.09 -22.73 15.56
C ALA D 106 65.19 -21.25 15.85
N ALA D 107 65.09 -20.92 17.14
CA ALA D 107 65.29 -19.56 17.59
C ALA D 107 65.99 -19.53 18.93
N LEU D 108 66.95 -18.62 19.04
CA LEU D 108 67.60 -18.30 20.30
C LEU D 108 66.59 -17.58 21.18
N LYS D 109 66.55 -17.87 22.47
CA LYS D 109 65.70 -17.08 23.32
C LYS D 109 66.44 -16.53 24.52
N ILE D 110 66.01 -15.36 24.98
CA ILE D 110 66.62 -14.68 26.12
C ILE D 110 65.56 -14.09 27.02
N ARG D 111 65.74 -14.25 28.32
CA ARG D 111 64.71 -13.88 29.23
C ARG D 111 65.36 -13.10 30.37
N ALA D 112 64.70 -12.00 30.76
CA ALA D 112 65.18 -11.13 31.83
C ALA D 112 64.16 -10.03 32.08
N PHE D 113 64.19 -9.47 33.28
CA PHE D 113 63.33 -8.35 33.60
C PHE D 113 61.91 -8.58 33.07
N ASP D 114 61.42 -9.80 33.21
CA ASP D 114 60.07 -10.17 32.75
C ASP D 114 59.88 -9.91 31.27
N THR D 115 60.99 -9.95 30.54
CA THR D 115 60.94 -9.83 29.09
C THR D 115 61.56 -11.07 28.41
N GLU D 116 60.82 -11.62 27.45
CA GLU D 116 61.27 -12.74 26.65
C GLU D 116 61.55 -12.32 25.23
N LEU D 117 62.76 -12.63 24.77
CA LEU D 117 63.22 -12.21 23.46
C LEU D 117 63.55 -13.44 22.61
N LYS D 118 62.84 -13.64 21.50
CA LYS D 118 63.07 -14.78 20.61
C LYS D 118 63.63 -14.35 19.25
N LEU D 119 64.88 -14.73 18.94
CA LEU D 119 65.51 -14.42 17.64
C LEU D 119 65.68 -15.64 16.73
N GLY D 120 64.91 -15.69 15.65
CA GLY D 120 65.05 -16.80 14.72
C GLY D 120 63.75 -17.13 14.02
N ASP D 121 63.63 -18.40 13.60
CA ASP D 121 62.38 -18.90 13.06
C ASP D 121 61.41 -19.14 14.21
N GLN D 122 60.13 -18.88 13.99
CA GLN D 122 59.18 -18.96 15.10
C GLN D 122 57.76 -18.71 14.63
N PHE D 123 56.81 -18.96 15.53
CA PHE D 123 55.39 -18.82 15.22
C PHE D 123 54.79 -17.54 15.81
N LEU D 124 53.77 -17.00 15.14
CA LEU D 124 53.12 -15.80 15.64
C LEU D 124 51.61 -15.87 15.53
N SER D 125 50.94 -15.42 16.59
CA SER D 125 49.55 -15.01 16.43
C SER D 125 49.26 -13.72 17.21
N ASN D 126 49.11 -12.61 16.50
CA ASN D 126 48.58 -11.39 17.10
C ASN D 126 47.66 -10.72 16.11
N PRO D 127 46.99 -9.63 16.52
CA PRO D 127 45.96 -9.13 15.61
C PRO D 127 46.54 -8.57 14.32
N VAL D 128 47.82 -8.20 14.31
CA VAL D 128 48.44 -7.79 13.06
C VAL D 128 49.37 -8.80 12.35
N VAL D 129 49.69 -9.93 12.97
CA VAL D 129 50.49 -11.00 12.32
C VAL D 129 50.07 -12.38 12.75
N ALA D 130 49.86 -13.26 11.78
CA ALA D 130 49.49 -14.60 12.16
C ALA D 130 49.92 -15.64 11.13
N GLY D 131 50.37 -16.80 11.62
CA GLY D 131 50.69 -17.95 10.77
C GLY D 131 49.41 -18.48 10.13
N GLY D 132 48.30 -18.23 10.80
CA GLY D 132 46.97 -18.60 10.35
C GLY D 132 46.53 -19.94 10.90
N GLU D 133 45.26 -20.00 11.29
CA GLU D 133 44.66 -21.24 11.76
C GLU D 133 43.77 -21.88 10.68
N SER D 134 43.67 -21.21 9.55
CA SER D 134 42.83 -21.67 8.45
C SER D 134 43.24 -23.07 8.02
N ARG D 135 44.51 -23.23 7.67
CA ARG D 135 44.98 -24.42 6.98
C ARG D 135 45.72 -25.42 7.88
N MET D 136 46.17 -26.51 7.27
CA MET D 136 46.78 -27.61 8.01
C MET D 136 48.12 -27.25 8.64
N LEU D 137 48.94 -26.50 7.91
CA LEU D 137 50.22 -26.05 8.44
C LEU D 137 50.35 -24.53 8.57
N PRO D 138 50.65 -24.06 9.78
CA PRO D 138 50.88 -22.64 10.05
C PRO D 138 52.09 -22.10 9.28
N GLN D 139 52.08 -20.82 8.96
CA GLN D 139 53.29 -20.15 8.48
C GLN D 139 54.22 -19.71 9.61
N THR D 140 55.50 -19.63 9.28
CA THR D 140 56.49 -19.25 10.27
C THR D 140 57.13 -17.95 9.85
N PHE D 141 57.79 -17.32 10.83
CA PHE D 141 58.36 -16.01 10.61
C PHE D 141 59.80 -15.97 11.06
N ARG D 142 60.62 -15.23 10.31
CA ARG D 142 62.04 -15.13 10.67
C ARG D 142 62.35 -13.74 11.19
N GLY D 143 62.93 -13.67 12.39
CA GLY D 143 63.24 -12.38 12.98
C GLY D 143 63.19 -12.38 14.49
N VAL D 144 62.92 -11.19 15.03
CA VAL D 144 62.84 -10.99 16.47
C VAL D 144 61.42 -10.74 16.93
N SER D 145 61.01 -11.43 17.97
CA SER D 145 59.77 -11.10 18.66
C SER D 145 60.12 -10.85 20.11
N LEU D 146 59.36 -9.97 20.76
CA LEU D 146 59.52 -9.78 22.21
C LEU D 146 58.20 -9.74 22.95
N THR D 147 58.21 -10.29 24.16
CA THR D 147 57.06 -10.19 25.06
C THR D 147 57.48 -9.65 26.41
N ASN D 148 56.72 -8.70 26.95
CA ASN D 148 57.00 -8.20 28.29
C ASN D 148 55.83 -8.30 29.24
N ASN D 149 56.09 -8.85 30.41
CA ASN D 149 55.19 -8.82 31.56
C ASN D 149 55.54 -7.95 32.78
N SER D 150 56.47 -7.02 32.59
CA SER D 150 56.92 -6.11 33.64
C SER D 150 55.79 -5.47 34.47
N PHE D 151 54.69 -5.11 33.83
CA PHE D 151 53.59 -4.40 34.49
C PHE D 151 52.40 -5.29 34.75
N GLU D 152 51.64 -4.99 35.80
CA GLU D 152 50.65 -5.92 36.37
C GLU D 152 49.68 -6.63 35.42
N ASP D 153 48.71 -5.92 34.86
CA ASP D 153 47.69 -6.62 34.08
C ASP D 153 47.84 -6.62 32.55
N LEU D 154 48.91 -6.03 32.03
CA LEU D 154 49.08 -6.02 30.59
C LEU D 154 50.32 -6.72 30.06
N THR D 155 50.22 -7.16 28.81
CA THR D 155 51.34 -7.74 28.10
C THR D 155 51.72 -6.83 26.93
N LEU D 156 52.99 -6.46 26.85
CA LEU D 156 53.49 -5.66 25.74
C LEU D 156 54.22 -6.55 24.74
N THR D 157 54.02 -6.33 23.45
CA THR D 157 54.73 -7.13 22.44
C THR D 157 55.20 -6.31 21.25
N ALA D 158 56.44 -6.52 20.87
CA ALA D 158 56.97 -5.87 19.68
C ALA D 158 57.71 -6.89 18.84
N GLY D 159 57.88 -6.60 17.55
CA GLY D 159 58.70 -7.45 16.74
C GLY D 159 59.00 -6.92 15.35
N GLN D 160 60.00 -7.53 14.72
CA GLN D 160 60.31 -7.34 13.32
C GLN D 160 60.55 -8.71 12.67
N VAL D 161 59.70 -9.08 11.73
CA VAL D 161 59.89 -10.33 11.02
C VAL D 161 59.79 -10.18 9.51
N SER D 162 60.29 -11.21 8.83
CA SER D 162 60.07 -11.39 7.42
C SER D 162 59.36 -12.72 7.19
N PHE D 163 58.81 -12.88 6.00
CA PHE D 163 58.11 -14.11 5.67
C PHE D 163 57.76 -14.02 4.22
N THR D 164 57.42 -15.16 3.62
CA THR D 164 57.12 -15.23 2.19
C THR D 164 55.60 -15.18 1.84
N LYS D 165 55.27 -15.19 0.55
CA LYS D 165 53.87 -15.20 0.07
C LYS D 165 53.16 -16.58 0.23
N TYR D 166 53.93 -17.67 0.25
CA TYR D 166 53.54 -18.94 0.90
C TYR D 166 52.34 -19.75 0.41
N TYR D 167 51.56 -20.24 1.37
CA TYR D 167 50.46 -21.16 1.12
C TYR D 167 49.16 -20.75 1.81
N SER D 188 59.61 -11.83 -0.57
CA SER D 188 59.72 -11.69 0.89
C SER D 188 59.02 -10.45 1.42
N HIS D 189 58.37 -10.57 2.59
CA HIS D 189 57.76 -9.43 3.26
C HIS D 189 58.45 -9.06 4.58
N HIS D 190 58.51 -7.76 4.87
CA HIS D 190 59.04 -7.27 6.13
C HIS D 190 57.87 -6.68 6.93
N LEU D 191 57.78 -7.02 8.21
CA LEU D 191 56.69 -6.49 9.04
C LEU D 191 57.12 -6.20 10.46
N SER D 192 56.78 -5.01 10.93
CA SER D 192 57.11 -4.57 12.29
C SER D 192 55.85 -4.28 13.05
N TRP D 193 55.89 -4.47 14.36
CA TRP D 193 54.69 -4.30 15.15
C TRP D 193 55.00 -3.94 16.58
N LEU D 194 54.00 -3.32 17.21
CA LEU D 194 54.06 -2.93 18.59
C LEU D 194 52.63 -3.12 19.06
N GLY D 195 52.46 -3.68 20.26
CA GLY D 195 51.12 -4.03 20.69
C GLY D 195 51.05 -4.24 22.18
N GLY D 196 49.84 -4.40 22.71
CA GLY D 196 49.67 -4.64 24.13
C GLY D 196 48.30 -5.19 24.41
N THR D 197 48.15 -5.89 25.53
CA THR D 197 46.86 -6.41 25.97
C THR D 197 46.65 -6.24 27.48
N TRP D 198 45.59 -5.50 27.85
CA TRP D 198 45.28 -5.16 29.24
C TRP D 198 44.24 -6.10 29.83
N GLY D 199 44.52 -6.62 31.03
CA GLY D 199 43.59 -7.47 31.76
C GLY D 199 43.04 -6.92 33.07
N GLY D 200 43.19 -5.60 33.29
CA GLY D 200 42.97 -4.97 34.59
C GLY D 200 41.71 -5.25 35.40
N ILE D 201 40.54 -5.15 34.76
CA ILE D 201 39.28 -5.45 35.42
C ILE D 201 39.04 -6.97 35.43
N GLU D 202 37.83 -7.41 35.77
CA GLU D 202 37.63 -8.84 36.02
C GLU D 202 37.43 -9.68 34.74
N GLY D 203 36.25 -9.62 34.15
CA GLY D 203 35.96 -10.44 32.97
C GLY D 203 36.31 -9.70 31.70
N PHE D 204 37.14 -8.68 31.85
CA PHE D 204 37.38 -7.70 30.81
C PHE D 204 38.81 -7.76 30.25
N THR D 205 38.91 -7.52 28.96
CA THR D 205 40.20 -7.50 28.28
C THR D 205 40.12 -6.49 27.14
N SER D 206 41.21 -5.75 26.94
CA SER D 206 41.28 -4.83 25.81
C SER D 206 42.63 -4.93 25.14
N SER D 207 42.68 -4.59 23.86
CA SER D 207 43.93 -4.72 23.14
C SER D 207 44.17 -3.61 22.09
N LEU D 208 45.42 -3.18 22.00
CA LEU D 208 45.79 -2.06 21.15
C LEU D 208 47.09 -2.39 20.37
N TYR D 209 47.01 -2.39 19.04
CA TYR D 209 48.11 -2.85 18.19
C TYR D 209 48.38 -2.01 16.94
N ALA D 210 49.65 -1.95 16.57
CA ALA D 210 50.11 -1.20 15.41
C ALA D 210 51.21 -1.96 14.65
N ALA D 211 51.05 -2.10 13.34
CA ALA D 211 52.09 -2.73 12.53
C ALA D 211 52.50 -1.95 11.29
N GLU D 212 53.67 -2.27 10.75
CA GLU D 212 53.96 -1.86 9.39
C GLU D 212 54.38 -3.03 8.50
N LEU D 213 53.61 -3.28 7.45
CA LEU D 213 54.03 -4.20 6.43
C LEU D 213 54.73 -3.37 5.34
N GLN D 214 56.05 -3.46 5.29
CA GLN D 214 56.89 -2.52 4.57
C GLN D 214 56.46 -2.30 3.14
N ASN D 215 56.34 -1.03 2.76
CA ASN D 215 55.92 -0.59 1.41
C ASN D 215 54.54 -1.11 0.98
N VAL D 216 53.71 -1.44 1.96
CA VAL D 216 52.37 -1.92 1.67
C VAL D 216 51.34 -1.14 2.47
N TRP D 217 51.36 -1.30 3.78
CA TRP D 217 50.43 -0.57 4.60
C TRP D 217 50.96 -0.27 6.00
N LYS D 218 50.16 0.48 6.75
CA LYS D 218 50.29 0.48 8.19
C LYS D 218 48.93 0.12 8.70
N GLN D 219 48.89 -0.75 9.70
CA GLN D 219 47.62 -1.22 10.24
C GLN D 219 47.57 -0.92 11.73
N TYR D 220 46.39 -0.52 12.19
CA TYR D 220 46.19 -0.22 13.59
C TYR D 220 44.98 -1.01 14.04
N TYR D 221 45.03 -1.49 15.27
CA TYR D 221 43.98 -2.39 15.74
C TYR D 221 43.62 -2.15 17.19
N ALA D 222 42.35 -2.29 17.47
CA ALA D 222 41.85 -2.23 18.83
C ALA D 222 40.76 -3.28 19.03
N ASP D 223 40.58 -3.68 20.27
CA ASP D 223 39.42 -4.49 20.60
C ASP D 223 39.10 -4.38 22.08
N VAL D 224 37.90 -4.82 22.42
CA VAL D 224 37.47 -4.90 23.81
C VAL D 224 36.61 -6.15 23.95
N ASP D 225 36.65 -6.75 25.14
CA ASP D 225 35.74 -7.84 25.45
C ASP D 225 35.33 -7.84 26.92
N TYR D 226 34.03 -7.98 27.16
CA TYR D 226 33.48 -7.95 28.51
C TYR D 226 32.58 -9.16 28.69
N THR D 227 32.62 -9.74 29.88
CA THR D 227 31.69 -10.82 30.22
C THR D 227 31.10 -10.53 31.59
N TYR D 228 29.79 -10.31 31.62
CA TYR D 228 29.10 -10.10 32.89
C TYR D 228 28.31 -11.35 33.20
N GLU D 229 28.39 -11.80 34.44
CA GLU D 229 27.58 -12.91 34.91
C GLU D 229 26.38 -12.37 35.69
N ILE D 230 25.22 -12.98 35.51
CA ILE D 230 24.04 -12.57 36.26
C ILE D 230 23.64 -13.65 37.26
N ASP D 231 23.05 -14.72 36.75
CA ASP D 231 22.73 -15.90 37.55
C ASP D 231 23.95 -16.82 37.58
N ASP D 232 23.75 -18.03 38.07
CA ASP D 232 24.71 -19.11 37.87
C ASP D 232 24.37 -19.69 36.50
N ASN D 233 23.41 -19.06 35.85
CA ASN D 233 22.91 -19.49 34.55
C ASN D 233 23.23 -18.51 33.42
N TRP D 234 22.73 -17.28 33.55
CA TRP D 234 22.81 -16.29 32.48
C TRP D 234 24.07 -15.41 32.47
N SER D 235 24.55 -15.15 31.25
CA SER D 235 25.72 -14.33 31.04
C SER D 235 25.59 -13.46 29.79
N LEU D 236 26.14 -12.25 29.83
CA LEU D 236 26.17 -11.38 28.66
C LEU D 236 27.62 -11.15 28.20
N ASN D 237 27.83 -11.11 26.89
CA ASN D 237 29.17 -10.90 26.35
C ASN D 237 29.23 -9.99 25.13
N PRO D 238 29.25 -8.66 25.36
CA PRO D 238 29.51 -7.67 24.32
C PRO D 238 31.01 -7.56 24.04
N GLY D 239 31.37 -7.21 22.82
CA GLY D 239 32.76 -7.04 22.46
C GLY D 239 32.86 -6.46 21.07
N ALA D 240 34.01 -5.86 20.76
CA ALA D 240 34.23 -5.28 19.44
C ALA D 240 35.67 -5.39 18.97
N HIS D 241 35.83 -5.41 17.65
CA HIS D 241 37.13 -5.40 16.99
C HIS D 241 37.22 -4.25 15.99
N TYR D 242 38.37 -3.60 15.96
CA TYR D 242 38.55 -2.47 15.06
C TYR D 242 39.92 -2.44 14.40
N TYR D 243 39.91 -2.31 13.08
CA TYR D 243 41.14 -2.23 12.29
C TYR D 243 41.11 -1.00 11.39
N LYS D 244 42.23 -0.31 11.32
CA LYS D 244 42.40 0.81 10.39
C LYS D 244 43.62 0.49 9.54
N THR D 245 43.44 0.58 8.22
CA THR D 245 44.54 0.30 7.31
C THR D 245 44.80 1.45 6.32
N VAL D 246 46.09 1.74 6.15
CA VAL D 246 46.52 2.88 5.36
C VAL D 246 47.71 2.42 4.56
N ASP D 247 47.76 2.74 3.26
CA ASP D 247 48.90 2.31 2.45
C ASP D 247 50.20 2.95 2.96
N SER D 248 51.33 2.33 2.66
CA SER D 248 52.60 2.80 3.22
C SER D 248 53.75 2.77 2.20
N GLY D 249 54.76 3.61 2.42
CA GLY D 249 55.97 3.55 1.62
C GLY D 249 55.75 3.66 0.12
N ASP D 250 56.18 2.67 -0.62
CA ASP D 250 55.99 2.64 -2.05
C ASP D 250 54.61 2.11 -2.41
N SER D 251 53.81 1.82 -1.39
CA SER D 251 52.38 1.56 -1.57
C SER D 251 52.14 0.55 -2.70
N LEU D 252 52.79 -0.61 -2.63
CA LEU D 252 52.78 -1.56 -3.74
C LEU D 252 51.41 -2.12 -4.10
N LEU D 253 50.47 -2.00 -3.17
CA LEU D 253 49.10 -2.42 -3.45
C LEU D 253 48.19 -1.28 -3.95
N GLY D 254 48.73 -0.07 -4.01
CA GLY D 254 47.93 1.09 -4.32
C GLY D 254 47.42 1.81 -3.09
N ARG D 255 46.56 2.79 -3.32
CA ARG D 255 45.96 3.56 -2.23
C ARG D 255 45.08 2.67 -1.37
N ILE D 256 45.25 2.82 -0.07
CA ILE D 256 44.43 2.13 0.91
C ILE D 256 44.03 3.09 2.00
N ASP D 257 42.73 3.21 2.20
CA ASP D 257 42.20 3.85 3.39
C ASP D 257 41.04 2.97 3.85
N ASN D 258 41.25 2.27 4.96
CA ASN D 258 40.32 1.21 5.34
C ASN D 258 40.01 1.25 6.83
N ASN D 259 38.74 1.12 7.15
CA ASN D 259 38.29 1.09 8.52
C ASN D 259 37.31 -0.05 8.61
N THR D 260 37.67 -1.04 9.42
CA THR D 260 36.87 -2.22 9.49
C THR D 260 36.61 -2.54 10.95
N TYR D 261 35.36 -2.84 11.27
CA TYR D 261 35.04 -3.20 12.64
C TYR D 261 34.05 -4.35 12.69
N SER D 262 34.12 -5.12 13.76
CA SER D 262 33.10 -6.12 14.02
C SER D 262 32.59 -5.96 15.44
N LEU D 263 31.29 -6.17 15.61
CA LEU D 263 30.69 -6.17 16.93
C LEU D 263 30.09 -7.53 17.23
N HIS D 264 30.20 -7.96 18.48
CA HIS D 264 29.56 -9.20 18.86
C HIS D 264 28.85 -9.04 20.21
N PHE D 265 27.66 -9.63 20.29
CA PHE D 265 26.93 -9.70 21.53
C PHE D 265 26.37 -11.10 21.70
N ALA D 266 26.83 -11.78 22.75
CA ALA D 266 26.49 -13.18 23.00
C ALA D 266 25.83 -13.40 24.36
N VAL D 267 24.63 -13.97 24.34
CA VAL D 267 23.96 -14.40 25.57
C VAL D 267 24.15 -15.90 25.80
N GLY D 268 24.88 -16.26 26.86
CA GLY D 268 24.86 -17.63 27.34
C GLY D 268 23.78 -17.89 28.38
N TYR D 269 23.13 -19.05 28.29
CA TYR D 269 22.29 -19.55 29.37
C TYR D 269 22.70 -20.99 29.63
N ARG D 270 23.33 -21.22 30.78
CA ARG D 270 23.95 -22.52 31.03
C ARG D 270 24.86 -22.91 29.87
N GLN D 271 24.50 -24.01 29.22
CA GLN D 271 25.29 -24.57 28.12
C GLN D 271 25.06 -23.90 26.76
N HIS D 272 23.85 -23.35 26.56
CA HIS D 272 23.50 -22.70 25.30
C HIS D 272 24.24 -21.36 25.15
N THR D 273 24.65 -21.06 23.93
CA THR D 273 25.19 -19.74 23.61
C THR D 273 24.60 -19.22 22.31
N VAL D 274 23.83 -18.14 22.39
CA VAL D 274 23.40 -17.46 21.17
C VAL D 274 24.19 -16.17 21.00
N THR D 275 24.65 -15.93 19.78
CA THR D 275 25.51 -14.77 19.54
C THR D 275 25.09 -14.07 18.26
N ALA D 276 24.98 -12.74 18.34
CA ALA D 276 24.74 -11.92 17.14
C ALA D 276 25.94 -11.06 16.80
N VAL D 277 26.10 -10.77 15.50
CA VAL D 277 27.27 -10.06 15.01
C VAL D 277 26.97 -9.10 13.86
N LEU D 278 27.53 -7.90 13.94
CA LEU D 278 27.52 -6.96 12.83
C LEU D 278 28.96 -6.80 12.34
N GLN D 279 29.13 -6.72 11.03
CA GLN D 279 30.47 -6.49 10.48
C GLN D 279 30.42 -5.48 9.34
N LYS D 280 31.29 -4.48 9.42
CA LYS D 280 31.25 -3.38 8.49
C LYS D 280 32.65 -3.05 8.02
N VAL D 281 32.85 -3.13 6.70
CA VAL D 281 34.10 -2.69 6.07
C VAL D 281 33.88 -1.31 5.51
N ASN D 282 34.75 -0.37 5.89
CA ASN D 282 34.64 0.99 5.36
C ASN D 282 35.81 1.34 4.44
N GLY D 283 35.57 1.23 3.14
CA GLY D 283 36.58 1.54 2.15
C GLY D 283 36.32 0.76 0.87
N ASN D 284 37.04 1.16 -0.18
CA ASN D 284 36.82 0.67 -1.53
C ASN D 284 37.73 -0.52 -1.84
N THR D 285 38.42 -0.96 -0.80
CA THR D 285 39.20 -2.19 -0.83
C THR D 285 38.68 -3.11 0.26
N PRO D 286 38.89 -4.43 0.09
CA PRO D 286 38.50 -5.36 1.13
C PRO D 286 39.40 -5.19 2.34
N PHE D 287 38.93 -5.60 3.53
CA PHE D 287 39.86 -5.69 4.63
C PHE D 287 40.89 -6.77 4.28
N ASP D 288 42.16 -6.46 4.48
CA ASP D 288 43.20 -7.41 4.13
C ASP D 288 44.07 -7.69 5.35
N TYR D 289 44.50 -8.95 5.47
CA TYR D 289 45.44 -9.35 6.52
C TYR D 289 46.27 -10.58 6.16
N ILE D 290 47.43 -10.69 6.77
CA ILE D 290 48.37 -11.75 6.45
C ILE D 290 47.83 -13.11 6.89
N ASN D 291 47.90 -14.09 5.99
CA ASN D 291 47.34 -15.44 6.23
C ASN D 291 45.85 -15.49 6.54
N GLN D 292 45.05 -15.25 5.52
CA GLN D 292 43.62 -15.09 5.73
C GLN D 292 42.90 -16.38 6.05
N GLY D 293 41.76 -16.23 6.73
CA GLY D 293 40.85 -17.30 7.11
C GLY D 293 40.82 -17.72 8.56
N ASP D 294 39.61 -18.02 9.01
CA ASP D 294 39.34 -18.37 10.41
C ASP D 294 39.98 -17.44 11.44
N SER D 295 40.11 -16.16 11.12
CA SER D 295 40.65 -15.23 12.10
C SER D 295 39.86 -15.17 13.40
N ILE D 296 40.58 -15.00 14.50
CA ILE D 296 39.97 -14.86 15.82
C ILE D 296 39.84 -13.39 16.16
N PHE D 297 40.32 -12.53 15.25
CA PHE D 297 40.23 -11.09 15.42
C PHE D 297 39.06 -10.42 14.66
N LEU D 298 38.25 -11.24 14.00
CA LEU D 298 37.04 -10.77 13.31
C LEU D 298 35.86 -11.69 13.62
N ASP D 299 34.75 -11.10 14.04
CA ASP D 299 33.58 -11.87 14.43
C ASP D 299 32.86 -12.51 13.23
N ASN D 300 33.07 -11.98 12.05
CA ASN D 300 32.46 -12.56 10.85
C ASN D 300 33.38 -13.43 10.00
N SER D 301 34.57 -13.72 10.49
CA SER D 301 35.44 -14.60 9.70
C SER D 301 34.91 -16.04 9.77
N GLN D 302 34.49 -16.56 8.63
CA GLN D 302 33.69 -17.80 8.59
C GLN D 302 34.44 -18.89 7.86
N GLN D 303 33.84 -20.07 7.78
CA GLN D 303 34.57 -21.20 7.22
C GLN D 303 35.04 -20.84 5.81
N TYR D 304 34.13 -20.26 5.02
CA TYR D 304 34.46 -20.00 3.63
C TYR D 304 34.86 -18.56 3.39
N SER D 305 33.94 -17.65 3.69
CA SER D 305 34.15 -16.25 3.43
C SER D 305 34.49 -15.50 4.72
N ASP D 306 35.28 -14.44 4.57
CA ASP D 306 35.52 -13.53 5.68
C ASP D 306 34.56 -12.36 5.68
N PHE D 307 33.64 -12.31 4.72
CA PHE D 307 32.66 -11.21 4.59
C PHE D 307 33.35 -9.85 4.72
N ASN D 308 34.57 -9.81 4.16
CA ASN D 308 35.52 -8.72 4.32
C ASN D 308 35.58 -7.72 3.16
N GLY D 309 34.69 -7.86 2.18
CA GLY D 309 34.74 -7.05 0.98
C GLY D 309 34.66 -5.53 1.13
N PRO D 310 35.08 -4.79 0.08
CA PRO D 310 35.04 -3.32 0.10
C PRO D 310 33.62 -2.85 0.38
N ASN D 311 33.46 -1.98 1.37
CA ASN D 311 32.14 -1.52 1.80
C ASN D 311 31.16 -2.63 2.17
N GLU D 312 31.66 -3.76 2.62
CA GLU D 312 30.75 -4.85 2.95
C GLU D 312 30.08 -4.68 4.32
N LYS D 313 28.76 -4.67 4.31
CA LYS D 313 27.99 -4.73 5.54
C LYS D 313 27.49 -6.15 5.64
N SER D 314 27.65 -6.75 6.81
CA SER D 314 27.28 -8.15 7.02
C SER D 314 26.85 -8.38 8.45
N TRP D 315 26.09 -9.44 8.65
CA TRP D 315 25.70 -9.82 9.99
C TRP D 315 25.84 -11.34 10.14
N LYS D 316 25.77 -11.82 11.38
CA LYS D 316 25.82 -13.25 11.64
C LYS D 316 24.96 -13.62 12.85
N LEU D 317 24.21 -14.72 12.73
CA LEU D 317 23.53 -15.31 13.86
C LEU D 317 24.14 -16.68 14.17
N GLN D 318 24.59 -16.88 15.41
CA GLN D 318 25.30 -18.10 15.78
C GLN D 318 24.76 -18.79 17.01
N TYR D 319 24.74 -20.12 16.96
CA TYR D 319 24.29 -20.92 18.08
C TYR D 319 25.32 -21.97 18.47
N ASP D 320 25.77 -21.91 19.72
CA ASP D 320 26.70 -22.89 20.25
C ASP D 320 26.01 -23.76 21.30
N TYR D 321 26.37 -25.03 21.32
CA TYR D 321 25.97 -25.89 22.41
C TYR D 321 27.15 -26.66 22.96
N ASP D 322 27.08 -26.91 24.26
CA ASP D 322 28.07 -27.70 24.97
C ASP D 322 27.34 -28.90 25.59
N PHE D 323 27.90 -30.09 25.41
CA PHE D 323 27.20 -31.31 25.80
C PHE D 323 27.59 -31.86 27.18
N VAL D 324 28.44 -31.14 27.90
CA VAL D 324 28.92 -31.60 29.19
C VAL D 324 27.81 -32.13 30.09
N ALA D 325 26.75 -31.33 30.23
CA ALA D 325 25.66 -31.65 31.15
C ALA D 325 24.64 -32.61 30.55
N LEU D 326 24.86 -33.02 29.31
CA LEU D 326 24.04 -34.07 28.68
C LEU D 326 24.73 -35.44 28.81
N GLY D 327 25.88 -35.45 29.46
CA GLY D 327 26.58 -36.69 29.76
C GLY D 327 27.77 -36.94 28.85
N VAL D 328 27.95 -36.07 27.87
CA VAL D 328 28.99 -36.25 26.87
C VAL D 328 29.90 -35.03 26.74
N PRO D 329 30.73 -34.77 27.77
CA PRO D 329 31.69 -33.67 27.76
C PRO D 329 32.77 -33.93 26.71
N GLY D 330 33.27 -32.86 26.10
CA GLY D 330 34.23 -33.00 25.01
C GLY D 330 33.55 -32.94 23.66
N LEU D 331 32.22 -33.04 23.67
CA LEU D 331 31.44 -32.93 22.46
C LEU D 331 30.79 -31.55 22.40
N SER D 332 30.89 -30.92 21.24
CA SER D 332 30.27 -29.61 21.04
C SER D 332 29.88 -29.42 19.57
N ALA D 333 28.88 -28.58 19.34
CA ALA D 333 28.48 -28.24 17.99
C ALA D 333 28.10 -26.77 17.91
N SER D 334 28.25 -26.18 16.72
CA SER D 334 27.87 -24.78 16.51
C SER D 334 27.22 -24.59 15.15
N ALA D 335 26.23 -23.70 15.09
CA ALA D 335 25.56 -23.37 13.84
C ALA D 335 25.56 -21.88 13.61
N SER D 336 25.86 -21.47 12.39
CA SER D 336 25.89 -20.05 12.07
C SER D 336 25.26 -19.76 10.72
N TYR D 337 24.57 -18.62 10.67
CA TYR D 337 24.12 -18.03 9.42
C TYR D 337 24.70 -16.63 9.24
N SER D 338 25.37 -16.41 8.11
CA SER D 338 26.00 -15.14 7.81
C SER D 338 25.41 -14.55 6.54
N ARG D 339 25.32 -13.22 6.49
CA ARG D 339 24.90 -12.54 5.26
C ARG D 339 25.62 -11.21 5.09
N GLY D 340 25.98 -10.90 3.85
CA GLY D 340 26.61 -9.63 3.54
C GLY D 340 26.20 -9.06 2.19
N LYS D 341 26.36 -7.75 2.05
CA LYS D 341 26.01 -7.06 0.81
C LYS D 341 27.07 -5.99 0.51
N LEU D 342 27.39 -5.81 -0.76
CA LEU D 342 28.37 -4.80 -1.13
C LEU D 342 28.21 -4.30 -2.58
N ASP D 343 28.83 -3.16 -2.84
CA ASP D 343 28.74 -2.52 -4.14
C ASP D 343 30.08 -2.62 -4.86
N LEU D 344 30.14 -3.45 -5.89
CA LEU D 344 31.40 -3.75 -6.57
C LEU D 344 31.77 -2.70 -7.60
N THR D 345 30.84 -1.77 -7.84
CA THR D 345 31.06 -0.68 -8.77
C THR D 345 31.89 0.43 -8.13
N ARG D 346 32.00 0.40 -6.79
CA ARG D 346 32.70 1.45 -6.05
C ARG D 346 34.20 1.21 -5.95
N VAL D 347 34.67 0.13 -6.55
CA VAL D 347 36.10 -0.18 -6.47
C VAL D 347 36.88 0.31 -7.67
N ASP D 348 38.10 0.77 -7.40
CA ASP D 348 38.95 1.30 -8.44
C ASP D 348 39.57 0.14 -9.20
N PRO D 349 39.15 -0.07 -10.45
CA PRO D 349 39.65 -1.16 -11.28
C PRO D 349 41.13 -0.92 -11.55
N ASP D 350 41.60 0.29 -11.27
CA ASP D 350 43.00 0.60 -11.46
C ASP D 350 43.86 0.40 -10.21
N SER D 351 43.22 -0.02 -9.11
CA SER D 351 43.98 -0.50 -7.95
C SER D 351 44.84 -1.73 -8.30
N PRO D 352 46.16 -1.59 -8.15
CA PRO D 352 47.06 -2.72 -8.46
C PRO D 352 46.83 -3.88 -7.48
N GLY D 353 46.57 -3.57 -6.22
CA GLY D 353 46.23 -4.59 -5.26
C GLY D 353 44.81 -5.15 -5.32
N TYR D 354 43.82 -4.26 -5.38
CA TYR D 354 42.41 -4.66 -5.33
C TYR D 354 41.55 -4.60 -6.59
N GLY D 355 42.14 -4.22 -7.72
CA GLY D 355 41.37 -3.98 -8.93
C GLY D 355 40.51 -5.16 -9.35
N GLY D 356 40.83 -6.34 -8.82
CA GLY D 356 40.09 -7.54 -9.12
C GLY D 356 38.65 -7.49 -8.63
N TRP D 357 38.42 -6.72 -7.58
CA TRP D 357 37.04 -6.58 -7.18
C TRP D 357 36.61 -5.29 -7.84
N TYR D 358 36.00 -5.40 -9.00
CA TYR D 358 35.18 -4.34 -9.52
C TYR D 358 34.31 -5.08 -10.48
N SER D 359 33.02 -4.77 -10.46
CA SER D 359 32.14 -5.28 -11.48
C SER D 359 31.13 -4.19 -11.80
N ALA D 360 31.04 -3.85 -13.08
CA ALA D 360 30.04 -2.90 -13.51
C ALA D 360 28.68 -3.43 -13.06
N ASP D 361 28.56 -4.75 -13.00
CA ASP D 361 27.29 -5.38 -12.67
C ASP D 361 27.16 -5.69 -11.19
N GLY D 362 28.18 -5.33 -10.41
CA GLY D 362 28.25 -5.72 -9.01
C GLY D 362 27.66 -4.76 -7.99
N LYS D 363 26.75 -3.90 -8.43
CA LYS D 363 26.19 -2.87 -7.56
C LYS D 363 25.37 -3.45 -6.40
N ASN D 364 24.54 -4.45 -6.68
CA ASN D 364 23.68 -5.01 -5.65
C ASN D 364 24.19 -6.28 -4.95
N ALA D 365 25.44 -6.64 -5.21
CA ALA D 365 25.98 -7.93 -4.80
C ALA D 365 25.73 -8.27 -3.33
N LYS D 366 25.20 -9.48 -3.11
CA LYS D 366 24.92 -9.98 -1.77
C LYS D 366 25.42 -11.42 -1.67
N HIS D 367 25.74 -11.88 -0.47
CA HIS D 367 26.09 -13.29 -0.26
C HIS D 367 25.75 -13.77 1.14
N TRP D 368 25.70 -15.09 1.32
CA TRP D 368 25.43 -15.67 2.62
C TRP D 368 26.14 -17.01 2.81
N GLU D 369 26.48 -17.31 4.06
CA GLU D 369 27.14 -18.57 4.41
C GLU D 369 26.45 -19.25 5.58
N ARG D 370 26.15 -20.54 5.41
CA ARG D 370 25.63 -21.38 6.49
C ARG D 370 26.76 -22.28 7.03
N ASP D 371 27.16 -22.08 8.28
CA ASP D 371 28.20 -22.91 8.86
C ASP D 371 27.68 -23.85 9.95
N LEU D 372 27.92 -25.14 9.78
CA LEU D 372 27.71 -26.04 10.90
C LEU D 372 29.00 -26.79 11.25
N ASP D 373 29.27 -26.89 12.55
CA ASP D 373 30.55 -27.37 13.02
C ASP D 373 30.36 -28.21 14.29
N LEU D 374 30.81 -29.47 14.26
CA LEU D 374 30.87 -30.28 15.49
C LEU D 374 32.21 -30.96 15.70
N GLN D 375 32.67 -30.95 16.96
CA GLN D 375 33.93 -31.60 17.31
C GLN D 375 33.79 -32.39 18.61
N TYR D 376 34.41 -33.56 18.63
CA TYR D 376 34.52 -34.33 19.86
C TYR D 376 35.98 -34.52 20.20
N VAL D 377 36.29 -34.29 21.46
CA VAL D 377 37.61 -34.61 21.99
C VAL D 377 37.49 -35.80 22.95
N VAL D 378 38.13 -36.92 22.61
CA VAL D 378 38.07 -38.11 23.46
C VAL D 378 38.71 -37.73 24.78
N GLN D 379 37.93 -37.91 25.84
CA GLN D 379 38.32 -37.29 27.10
C GLN D 379 38.94 -38.20 28.18
N GLY D 380 39.13 -39.47 27.83
CA GLY D 380 39.75 -40.44 28.72
C GLY D 380 40.07 -41.75 27.99
N GLY D 381 40.79 -42.65 28.65
CA GLY D 381 41.17 -43.91 28.05
C GLY D 381 42.46 -43.84 27.23
N PRO D 382 42.76 -44.90 26.46
CA PRO D 382 43.96 -44.90 25.62
C PRO D 382 43.86 -43.90 24.46
N ALA D 383 42.64 -43.46 24.17
CA ALA D 383 42.40 -42.51 23.09
C ALA D 383 42.32 -41.07 23.58
N LYS D 384 42.57 -40.85 24.86
CA LYS D 384 42.44 -39.54 25.47
C LYS D 384 43.19 -38.53 24.63
N ASP D 385 42.57 -37.37 24.42
CA ASP D 385 43.16 -36.26 23.68
C ASP D 385 43.11 -36.38 22.15
N LEU D 386 42.58 -37.49 21.66
CA LEU D 386 42.27 -37.62 20.24
C LEU D 386 41.06 -36.75 19.88
N SER D 387 41.23 -35.82 18.92
CA SER D 387 40.11 -34.96 18.54
C SER D 387 39.62 -35.16 17.11
N LEU D 388 38.31 -35.05 16.95
CA LEU D 388 37.64 -35.23 15.67
C LEU D 388 36.79 -34.01 15.35
N ARG D 389 37.06 -33.36 14.22
CA ARG D 389 36.33 -32.14 13.85
C ARG D 389 35.74 -32.20 12.45
N LEU D 390 34.42 -32.08 12.36
CA LEU D 390 33.72 -32.05 11.08
C LEU D 390 33.24 -30.63 10.76
N ARG D 391 33.59 -30.14 9.58
CA ARG D 391 33.23 -28.77 9.18
C ARG D 391 32.48 -28.71 7.86
N TRP D 392 31.24 -28.23 7.90
CA TRP D 392 30.42 -28.14 6.71
C TRP D 392 30.01 -26.69 6.45
N ALA D 393 30.46 -26.11 5.33
CA ALA D 393 30.05 -24.75 4.94
C ALA D 393 29.28 -24.71 3.62
N THR D 394 28.26 -23.85 3.58
CA THR D 394 27.54 -23.58 2.35
C THR D 394 27.56 -22.09 2.08
N HIS D 395 28.02 -21.69 0.91
CA HIS D 395 28.11 -20.27 0.57
C HIS D 395 27.58 -19.92 -0.84
N ARG D 396 26.75 -18.88 -0.92
CA ARG D 396 26.27 -18.39 -2.22
C ARG D 396 26.13 -16.88 -2.31
N GLY D 397 26.59 -16.30 -3.41
CA GLY D 397 26.40 -14.87 -3.69
C GLY D 397 25.31 -14.65 -4.73
N THR D 398 24.83 -13.41 -4.86
CA THR D 398 23.68 -13.19 -5.74
C THR D 398 23.86 -12.26 -6.93
N GLY D 399 23.59 -10.97 -6.74
CA GLY D 399 23.75 -10.04 -7.84
C GLY D 399 25.22 -9.75 -8.05
N GLY D 400 25.76 -10.21 -9.17
CA GLY D 400 27.16 -9.96 -9.47
C GLY D 400 28.20 -10.57 -8.53
N TYR D 401 27.78 -11.24 -7.45
CA TYR D 401 28.77 -11.71 -6.48
C TYR D 401 29.68 -12.77 -7.07
N SER D 402 29.07 -13.67 -7.82
CA SER D 402 29.75 -14.80 -8.43
C SER D 402 31.00 -14.39 -9.21
N ALA D 403 31.01 -13.16 -9.71
CA ALA D 403 32.15 -12.70 -10.49
C ALA D 403 33.31 -12.30 -9.58
N VAL D 404 33.10 -12.48 -8.27
CA VAL D 404 34.15 -12.23 -7.30
C VAL D 404 34.46 -13.51 -6.50
N ASP D 405 33.47 -14.05 -5.79
CA ASP D 405 33.63 -15.31 -5.07
C ASP D 405 32.57 -16.33 -5.48
N ASN D 406 32.94 -17.60 -5.50
CA ASN D 406 32.09 -18.63 -6.07
C ASN D 406 30.96 -19.11 -5.17
N ASP D 407 30.09 -19.94 -5.73
CA ASP D 407 28.99 -20.54 -4.99
C ASP D 407 29.39 -21.97 -4.68
N ILE D 408 29.67 -22.26 -3.42
CA ILE D 408 30.21 -23.58 -3.07
C ILE D 408 29.72 -24.13 -1.73
N ASP D 409 29.79 -25.46 -1.60
CA ASP D 409 29.71 -26.11 -0.29
C ASP D 409 30.98 -26.94 -0.06
N GLU D 410 31.66 -26.67 1.04
CA GLU D 410 32.92 -27.36 1.34
C GLU D 410 32.82 -28.16 2.63
N TYR D 411 33.41 -29.35 2.63
CA TYR D 411 33.41 -30.17 3.83
C TYR D 411 34.86 -30.40 4.34
N ARG D 412 35.07 -30.25 5.64
CA ARG D 412 36.39 -30.48 6.21
C ARG D 412 36.34 -31.46 7.37
N VAL D 413 37.24 -32.44 7.35
CA VAL D 413 37.37 -33.36 8.46
C VAL D 413 38.78 -33.24 9.03
N ILE D 414 38.84 -33.00 10.33
CA ILE D 414 40.14 -32.88 10.98
C ILE D 414 40.28 -33.79 12.21
N VAL D 415 41.18 -34.76 12.10
CA VAL D 415 41.52 -35.63 13.21
C VAL D 415 42.85 -35.22 13.81
N ASP D 416 42.81 -34.80 15.07
CA ASP D 416 43.99 -34.30 15.74
C ASP D 416 44.43 -35.22 16.88
N TYR D 417 45.73 -35.52 16.92
CA TYR D 417 46.31 -36.31 18.00
C TYR D 417 47.63 -35.79 18.57
N PRO D 418 47.57 -35.04 19.68
CA PRO D 418 48.78 -34.51 20.31
C PRO D 418 49.56 -35.58 21.10
N ILE D 419 50.88 -35.51 21.05
CA ILE D 419 51.69 -36.39 21.88
C ILE D 419 52.65 -35.57 22.73
N ASP D 420 52.56 -35.74 24.05
CA ASP D 420 53.52 -35.07 24.90
C ASP D 420 54.65 -36.05 25.05
N VAL D 421 55.72 -35.80 24.32
CA VAL D 421 56.94 -36.54 24.50
C VAL D 421 57.78 -35.61 25.35
N PHE D 422 58.50 -36.16 26.32
CA PHE D 422 59.08 -35.34 27.38
C PHE D 422 58.66 -33.86 27.36
#